data_3DPE
# 
_entry.id   3DPE 
# 
_audit_conform.dict_name       mmcif_pdbx.dic 
_audit_conform.dict_version    5.380 
_audit_conform.dict_location   http://mmcif.pdb.org/dictionaries/ascii/mmcif_pdbx.dic 
# 
loop_
_database_2.database_id 
_database_2.database_code 
_database_2.pdbx_database_accession 
_database_2.pdbx_DOI 
PDB   3DPE         pdb_00003dpe 10.2210/pdb3dpe/pdb 
RCSB  RCSB048323   ?            ?                   
WWPDB D_1000048323 ?            ?                   
# 
loop_
_pdbx_database_related.db_name 
_pdbx_database_related.db_id 
_pdbx_database_related.details 
_pdbx_database_related.content_type 
PDB 1XUC 'Crystal complexes of MMP-13 with non-zinc chelating inhibitors'       unspecified 
PDB 1XUD .                                                                      unspecified 
PDB 1XUR .                                                                      unspecified 
PDB 3DNG 'Crystal complex of MMP-8 with a related non-zinc chelating inhibitor' unspecified 
PDB 3DPF 'Crystal complex of MMP-8 with the same inhibitor (orthorombic form)'  unspecified 
PDB 2OW9 'Crystal complexes of MMP-13 with non-zinc chelating inhibitors'       unspecified 
PDB 2OZR .                                                                      unspecified 
PDB 1UTT 'Crystal complexes of MMP-12 with non-zinc chelating inhibitors'       unspecified 
PDB 1UTZ .                                                                      unspecified 
# 
_pdbx_database_status.status_code                     REL 
_pdbx_database_status.entry_id                        3DPE 
_pdbx_database_status.recvd_initial_deposition_date   2008-07-08 
_pdbx_database_status.deposit_site                    RCSB 
_pdbx_database_status.process_site                    PDBJ 
_pdbx_database_status.status_code_sf                  REL 
_pdbx_database_status.status_code_mr                  ? 
_pdbx_database_status.SG_entry                        . 
_pdbx_database_status.pdb_format_compatible           Y 
_pdbx_database_status.status_code_cs                  ? 
_pdbx_database_status.methods_development_category    ? 
_pdbx_database_status.status_code_nmr_data            ? 
# 
loop_
_audit_author.name 
_audit_author.pdbx_ordinal 
'Pochetti, G.'  1 
'Montanari, R.' 2 
'Mazza, F.'     3 
# 
loop_
_citation.id 
_citation.title 
_citation.journal_abbrev 
_citation.journal_volume 
_citation.page_first 
_citation.page_last 
_citation.year 
_citation.journal_id_ASTM 
_citation.country 
_citation.journal_id_ISSN 
_citation.journal_id_CSD 
_citation.book_publisher 
_citation.pdbx_database_id_PubMed 
_citation.pdbx_database_id_DOI 
primary 
;Extra Binding Region Induced by Non-Zinc Chelating Inhibitors into the S(1)' Subsite of Matrix Metalloproteinase 8 (MMP-8)
;
J.Med.Chem.  52  1040  1049  2009 JMCMAR US 0022-2623 0151 ? 19173605 10.1021/jm801166j              
1       'Structural basis for the highly selective inhibition of MMP-13' Chem.Biol.   12  181   189   2005 CBOLE2 UK 1074-5521 
2050 ? 15734640 10.1016/j.chembiol.2004.11.014 
2       
;Discovery and characterization of a novel inhibitor of matrix metalloprotease-13 that reduces cartilage damage in vivo without joint fibroplasia side effects
;
J.Biol.Chem. 282 27781 27791 2007 JBCHA3 US 0021-9258 0071 ? 17623656 10.1074/jbc.M703286200         
3       'Crystal structures of novel non-peptidic, non-zinc chelating inhibitors bound to MMP-12' J.Mol.Biol.  341 1063  1076  
2004 JMOBAK UK 0022-2836 0070 ? 15289103 10.1016/j.jmb.2004.06.039      
# 
loop_
_citation_author.citation_id 
_citation_author.name 
_citation_author.ordinal 
_citation_author.identifier_ORCID 
primary 'Pochetti, G.'     1  ? 
primary 'Montanari, R.'    2  ? 
primary 'Gege, C.'         3  ? 
primary 'Chevrier, C.'     4  ? 
primary 'Taveras, A.G.'    5  ? 
primary 'Mazza, F.'        6  ? 
1       'Engel, C.K.'      7  ? 
1       'Pirard, B.'       8  ? 
1       'Schimanski, S.'   9  ? 
1       'Kirsch, R.'       10 ? 
1       'Habermann, J.'    11 ? 
1       'Klingler, O.'     12 ? 
1       'Schlotte, V.'     13 ? 
1       'Weithmann, K.U.'  14 ? 
1       'Wendt, K.U.'      15 ? 
2       'Johnson, A.R.'    16 ? 
2       'Pavlovsky, A.G.'  17 ? 
2       'Ortwine, D.F.'    18 ? 
2       'Prior, F.'        19 ? 
2       'Man, C.F.'        20 ? 
2       'Bornemeier, D.A.' 21 ? 
2       'Banotai, C.A.'    22 ? 
2       'Mueller, W.T.'    23 ? 
2       'McConnell, P.'    24 ? 
2       'Yan, C.'          25 ? 
2       'Baragi, V.'       26 ? 
2       'Lesch, C.'        27 ? 
2       'Roark, W.H.'      28 ? 
2       'Wilson, M.'       29 ? 
2       'Datta, K.'        30 ? 
2       'Guzman, R.'       31 ? 
2       'Han, H.K.'        32 ? 
2       'Dyer, R.D.'       33 ? 
3       'Morales, R.'      34 ? 
3       'Perrier, S.'      35 ? 
3       'Florent, J.M.'    36 ? 
3       'Beltra, J.'       37 ? 
3       'Dufour, S.'       38 ? 
3       'De Mendez, I.'    39 ? 
3       'Manceau, P.'      40 ? 
3       'Tertre, A.'       41 ? 
3       'Moreau, F.'       42 ? 
3       'Compere, D.'      43 ? 
3       'Dublanchet, A.C.' 44 ? 
3       
;O'Gara, M.
;
45 ? 
# 
_cell.entry_id           3DPE 
_cell.length_a           32.29 
_cell.length_b           68.95 
_cell.length_c           32.75 
_cell.angle_alpha        90.00 
_cell.angle_beta         105.41 
_cell.angle_gamma        90.00 
_cell.pdbx_unique_axis   ? 
_cell.Z_PDB              2 
_cell.length_a_esd       ? 
_cell.length_b_esd       ? 
_cell.length_c_esd       ? 
_cell.angle_alpha_esd    ? 
_cell.angle_beta_esd     ? 
_cell.angle_gamma_esd    ? 
# 
_symmetry.entry_id                         3DPE 
_symmetry.space_group_name_H-M             'P 1 21 1' 
_symmetry.pdbx_full_space_group_name_H-M   ? 
_symmetry.Int_Tables_number                4 
_symmetry.cell_setting                     ? 
_symmetry.space_group_name_Hall            ? 
# 
loop_
_entity.id 
_entity.type 
_entity.src_method 
_entity.pdbx_description 
_entity.formula_weight 
_entity.pdbx_number_of_molecules 
_entity.pdbx_ec 
_entity.pdbx_mutation 
_entity.pdbx_fragment 
_entity.details 
1 polymer     man 'Neutrophil collagenase' 18111.744 1   3.4.24.34 ? 'MMP-8 catalytic domain, UNP residues 100-262' ? 
2 non-polymer syn 'CALCIUM ION' 40.078    2   ?         ? ?                                              ? 
3 non-polymer syn 'ZINC ION' 65.409    2   ?         ? ?                                              ? 
4 non-polymer syn 
;N-{[2-(2-amino-3,4-dioxocyclobut-1-en-1-yl)-1,2,3,4-tetrahydroisoquinolin-7-yl]methyl}-4-oxo-3,5,6,8-tetrahydro-4H-thiopyrano[4',3':4,5]thieno[2,3-d]pyrimidine-2-carboxamide 7,7-dioxide
;
539.583   1   ?         ? ?                                              ? 
5 water       nat water 18.015    216 ?         ? ?                                              ? 
# 
_entity_name_com.entity_id   1 
_entity_name_com.name        'Matrix metalloproteinase-8, MMP-8, PMNL collagenase, PMNL-CL' 
# 
_entity_poly.entity_id                      1 
_entity_poly.type                           'polypeptide(L)' 
_entity_poly.nstd_linkage                   no 
_entity_poly.nstd_monomer                   no 
_entity_poly.pdbx_seq_one_letter_code       
;MLTPGNPKWERTNLTYRIRNYTPQLSEAEVERAIKDAFELWSVASPLIFTRISQGEADINIAFYQRDHGDNSPFDGPNGI
LAHAFQPGQGIGGDAHFDAEETWTNTSANYNLFLVAAHEFGHSLGLAHSSDPGALMYPNYAFRETSNYSLPQDDIDGIQA
IYG
;
_entity_poly.pdbx_seq_one_letter_code_can   
;MLTPGNPKWERTNLTYRIRNYTPQLSEAEVERAIKDAFELWSVASPLIFTRISQGEADINIAFYQRDHGDNSPFDGPNGI
LAHAFQPGQGIGGDAHFDAEETWTNTSANYNLFLVAAHEFGHSLGLAHSSDPGALMYPNYAFRETSNYSLPQDDIDGIQA
IYG
;
_entity_poly.pdbx_strand_id                 A 
_entity_poly.pdbx_target_identifier         ? 
# 
loop_
_entity_poly_seq.entity_id 
_entity_poly_seq.num 
_entity_poly_seq.mon_id 
_entity_poly_seq.hetero 
1 1   MET n 
1 2   LEU n 
1 3   THR n 
1 4   PRO n 
1 5   GLY n 
1 6   ASN n 
1 7   PRO n 
1 8   LYS n 
1 9   TRP n 
1 10  GLU n 
1 11  ARG n 
1 12  THR n 
1 13  ASN n 
1 14  LEU n 
1 15  THR n 
1 16  TYR n 
1 17  ARG n 
1 18  ILE n 
1 19  ARG n 
1 20  ASN n 
1 21  TYR n 
1 22  THR n 
1 23  PRO n 
1 24  GLN n 
1 25  LEU n 
1 26  SER n 
1 27  GLU n 
1 28  ALA n 
1 29  GLU n 
1 30  VAL n 
1 31  GLU n 
1 32  ARG n 
1 33  ALA n 
1 34  ILE n 
1 35  LYS n 
1 36  ASP n 
1 37  ALA n 
1 38  PHE n 
1 39  GLU n 
1 40  LEU n 
1 41  TRP n 
1 42  SER n 
1 43  VAL n 
1 44  ALA n 
1 45  SER n 
1 46  PRO n 
1 47  LEU n 
1 48  ILE n 
1 49  PHE n 
1 50  THR n 
1 51  ARG n 
1 52  ILE n 
1 53  SER n 
1 54  GLN n 
1 55  GLY n 
1 56  GLU n 
1 57  ALA n 
1 58  ASP n 
1 59  ILE n 
1 60  ASN n 
1 61  ILE n 
1 62  ALA n 
1 63  PHE n 
1 64  TYR n 
1 65  GLN n 
1 66  ARG n 
1 67  ASP n 
1 68  HIS n 
1 69  GLY n 
1 70  ASP n 
1 71  ASN n 
1 72  SER n 
1 73  PRO n 
1 74  PHE n 
1 75  ASP n 
1 76  GLY n 
1 77  PRO n 
1 78  ASN n 
1 79  GLY n 
1 80  ILE n 
1 81  LEU n 
1 82  ALA n 
1 83  HIS n 
1 84  ALA n 
1 85  PHE n 
1 86  GLN n 
1 87  PRO n 
1 88  GLY n 
1 89  GLN n 
1 90  GLY n 
1 91  ILE n 
1 92  GLY n 
1 93  GLY n 
1 94  ASP n 
1 95  ALA n 
1 96  HIS n 
1 97  PHE n 
1 98  ASP n 
1 99  ALA n 
1 100 GLU n 
1 101 GLU n 
1 102 THR n 
1 103 TRP n 
1 104 THR n 
1 105 ASN n 
1 106 THR n 
1 107 SER n 
1 108 ALA n 
1 109 ASN n 
1 110 TYR n 
1 111 ASN n 
1 112 LEU n 
1 113 PHE n 
1 114 LEU n 
1 115 VAL n 
1 116 ALA n 
1 117 ALA n 
1 118 HIS n 
1 119 GLU n 
1 120 PHE n 
1 121 GLY n 
1 122 HIS n 
1 123 SER n 
1 124 LEU n 
1 125 GLY n 
1 126 LEU n 
1 127 ALA n 
1 128 HIS n 
1 129 SER n 
1 130 SER n 
1 131 ASP n 
1 132 PRO n 
1 133 GLY n 
1 134 ALA n 
1 135 LEU n 
1 136 MET n 
1 137 TYR n 
1 138 PRO n 
1 139 ASN n 
1 140 TYR n 
1 141 ALA n 
1 142 PHE n 
1 143 ARG n 
1 144 GLU n 
1 145 THR n 
1 146 SER n 
1 147 ASN n 
1 148 TYR n 
1 149 SER n 
1 150 LEU n 
1 151 PRO n 
1 152 GLN n 
1 153 ASP n 
1 154 ASP n 
1 155 ILE n 
1 156 ASP n 
1 157 GLY n 
1 158 ILE n 
1 159 GLN n 
1 160 ALA n 
1 161 ILE n 
1 162 TYR n 
1 163 GLY n 
# 
_entity_src_gen.entity_id                          1 
_entity_src_gen.pdbx_src_id                        1 
_entity_src_gen.pdbx_alt_source_flag               sample 
_entity_src_gen.pdbx_seq_type                      ? 
_entity_src_gen.pdbx_beg_seq_num                   ? 
_entity_src_gen.pdbx_end_seq_num                   ? 
_entity_src_gen.gene_src_common_name               Human 
_entity_src_gen.gene_src_genus                     ? 
_entity_src_gen.pdbx_gene_src_gene                 'MMP8, CLG1' 
_entity_src_gen.gene_src_species                   ? 
_entity_src_gen.gene_src_strain                    ? 
_entity_src_gen.gene_src_tissue                    ? 
_entity_src_gen.gene_src_tissue_fraction           ? 
_entity_src_gen.gene_src_details                   ? 
_entity_src_gen.pdbx_gene_src_fragment             ? 
_entity_src_gen.pdbx_gene_src_scientific_name      'Homo sapiens' 
_entity_src_gen.pdbx_gene_src_ncbi_taxonomy_id     9606 
_entity_src_gen.pdbx_gene_src_variant              ? 
_entity_src_gen.pdbx_gene_src_cell_line            ? 
_entity_src_gen.pdbx_gene_src_atcc                 ? 
_entity_src_gen.pdbx_gene_src_organ                ? 
_entity_src_gen.pdbx_gene_src_organelle            ? 
_entity_src_gen.pdbx_gene_src_cell                 ? 
_entity_src_gen.pdbx_gene_src_cellular_location    ? 
_entity_src_gen.host_org_common_name               ? 
_entity_src_gen.pdbx_host_org_scientific_name      'Escherichia coli' 
_entity_src_gen.pdbx_host_org_ncbi_taxonomy_id     562 
_entity_src_gen.host_org_genus                     ? 
_entity_src_gen.pdbx_host_org_gene                 ? 
_entity_src_gen.pdbx_host_org_organ                ? 
_entity_src_gen.host_org_species                   ? 
_entity_src_gen.pdbx_host_org_tissue               ? 
_entity_src_gen.pdbx_host_org_tissue_fraction      ? 
_entity_src_gen.pdbx_host_org_strain               BL21 
_entity_src_gen.pdbx_host_org_variant              ? 
_entity_src_gen.pdbx_host_org_cell_line            ? 
_entity_src_gen.pdbx_host_org_atcc                 ? 
_entity_src_gen.pdbx_host_org_culture_collection   ? 
_entity_src_gen.pdbx_host_org_cell                 ? 
_entity_src_gen.pdbx_host_org_organelle            ? 
_entity_src_gen.pdbx_host_org_cellular_location    ? 
_entity_src_gen.pdbx_host_org_vector_type          Plasmid 
_entity_src_gen.pdbx_host_org_vector               ? 
_entity_src_gen.host_org_details                   ? 
_entity_src_gen.expression_system_id               ? 
_entity_src_gen.plasmid_name                       pSVB30 
_entity_src_gen.plasmid_details                    ? 
_entity_src_gen.pdbx_description                   ? 
# 
_struct_ref.id                         1 
_struct_ref.db_name                    UNP 
_struct_ref.db_code                    MMP8_HUMAN 
_struct_ref.pdbx_db_accession          P22894 
_struct_ref.entity_id                  1 
_struct_ref.pdbx_seq_one_letter_code   
;MLTPGNPKWERTNLTYRIRNYTPQLSEAEVERAIKDAFELWSVASPLIFTRISQGEADINIAFYQRDHGDNSPFDGPNGI
LAHAFQPGQGIGGDAHFDAEETWTNTSANYNLFLVAAHEFGHSLGLAHSSDPGALMYPNYAFRETSNYSLPQDDIDGIQA
IYG
;
_struct_ref.pdbx_align_begin           100 
_struct_ref.pdbx_db_isoform            ? 
# 
_struct_ref_seq.align_id                      1 
_struct_ref_seq.ref_id                        1 
_struct_ref_seq.pdbx_PDB_id_code              3DPE 
_struct_ref_seq.pdbx_strand_id                A 
_struct_ref_seq.seq_align_beg                 1 
_struct_ref_seq.pdbx_seq_align_beg_ins_code   ? 
_struct_ref_seq.seq_align_end                 163 
_struct_ref_seq.pdbx_seq_align_end_ins_code   ? 
_struct_ref_seq.pdbx_db_accession             P22894 
_struct_ref_seq.db_align_beg                  100 
_struct_ref_seq.pdbx_db_align_beg_ins_code    ? 
_struct_ref_seq.db_align_end                  262 
_struct_ref_seq.pdbx_db_align_end_ins_code    ? 
_struct_ref_seq.pdbx_auth_seq_align_beg       80 
_struct_ref_seq.pdbx_auth_seq_align_end       242 
# 
loop_
_chem_comp.id 
_chem_comp.type 
_chem_comp.mon_nstd_flag 
_chem_comp.name 
_chem_comp.pdbx_synonyms 
_chem_comp.formula 
_chem_comp.formula_weight 
ALA 'L-peptide linking' y ALANINE ? 'C3 H7 N O2'       89.093  
ARG 'L-peptide linking' y ARGININE ? 'C6 H15 N4 O2 1'   175.209 
ASN 'L-peptide linking' y ASPARAGINE ? 'C4 H8 N2 O3'      132.118 
ASP 'L-peptide linking' y 'ASPARTIC ACID' ? 'C4 H7 N O4'       133.103 
AXB non-polymer         . 
;N-{[2-(2-amino-3,4-dioxocyclobut-1-en-1-yl)-1,2,3,4-tetrahydroisoquinolin-7-yl]methyl}-4-oxo-3,5,6,8-tetrahydro-4H-thiopyrano[4',3':4,5]thieno[2,3-d]pyrimidine-2-carboxamide 7,7-dioxide
;
? 'C24 H21 N5 O6 S2' 539.583 
CA  non-polymer         . 'CALCIUM ION' ? 'Ca 2'             40.078  
GLN 'L-peptide linking' y GLUTAMINE ? 'C5 H10 N2 O3'     146.144 
GLU 'L-peptide linking' y 'GLUTAMIC ACID' ? 'C5 H9 N O4'       147.129 
GLY 'peptide linking'   y GLYCINE ? 'C2 H5 N O2'       75.067  
HIS 'L-peptide linking' y HISTIDINE ? 'C6 H10 N3 O2 1'   156.162 
HOH non-polymer         . WATER ? 'H2 O'             18.015  
ILE 'L-peptide linking' y ISOLEUCINE ? 'C6 H13 N O2'      131.173 
LEU 'L-peptide linking' y LEUCINE ? 'C6 H13 N O2'      131.173 
LYS 'L-peptide linking' y LYSINE ? 'C6 H15 N2 O2 1'   147.195 
MET 'L-peptide linking' y METHIONINE ? 'C5 H11 N O2 S'    149.211 
PHE 'L-peptide linking' y PHENYLALANINE ? 'C9 H11 N O2'      165.189 
PRO 'L-peptide linking' y PROLINE ? 'C5 H9 N O2'       115.130 
SER 'L-peptide linking' y SERINE ? 'C3 H7 N O3'       105.093 
THR 'L-peptide linking' y THREONINE ? 'C4 H9 N O3'       119.119 
TRP 'L-peptide linking' y TRYPTOPHAN ? 'C11 H12 N2 O2'    204.225 
TYR 'L-peptide linking' y TYROSINE ? 'C9 H11 N O3'      181.189 
VAL 'L-peptide linking' y VALINE ? 'C5 H11 N O2'      117.146 
ZN  non-polymer         . 'ZINC ION' ? 'Zn 2'             65.409  
# 
_exptl.entry_id          3DPE 
_exptl.method            'X-RAY DIFFRACTION' 
_exptl.crystals_number   1 
# 
_exptl_crystal.id                    1 
_exptl_crystal.density_meas          ? 
_exptl_crystal.density_Matthews      1.94 
_exptl_crystal.density_percent_sol   36.61 
_exptl_crystal.description           ? 
_exptl_crystal.F_000                 ? 
_exptl_crystal.preparation           ? 
# 
_exptl_crystal_grow.crystal_id      1 
_exptl_crystal_grow.method          'VAPOR DIFFUSION, HANGING DROP' 
_exptl_crystal_grow.temp            293 
_exptl_crystal_grow.temp_details    ? 
_exptl_crystal_grow.pH              6.0 
_exptl_crystal_grow.pdbx_details    
;Hanging droplets were made by mixing 1.5-3.0ml of protein/inhibitor solution with 5ml of PEG solution (10% PEG6000, 0.2M Mes-NaOH, 0.02% NaN3, pH6.0). Droplets were concentrated against a reservoir buffer containing 1.0-2.0M sodium phosphate, 0.02% NaN3, pH6.0, VAPOR DIFFUSION, HANGING DROP, temperature 293K
;
_exptl_crystal_grow.pdbx_pH_range   . 
# 
_diffrn.id                     1 
_diffrn.ambient_temp           100 
_diffrn.ambient_temp_details   ? 
_diffrn.crystal_id             1 
# 
_diffrn_detector.diffrn_id              1 
_diffrn_detector.detector               CCD 
_diffrn_detector.type                   'MARMOSAIC 225 mm CCD' 
_diffrn_detector.pdbx_collection_date   2007-06-21 
_diffrn_detector.details                ? 
# 
_diffrn_radiation.diffrn_id                        1 
_diffrn_radiation.wavelength_id                    1 
_diffrn_radiation.pdbx_monochromatic_or_laue_m_l   M 
_diffrn_radiation.monochromator                    'Si 111 channel' 
_diffrn_radiation.pdbx_diffrn_protocol             'SINGLE WAVELENGTH' 
_diffrn_radiation.pdbx_scattering_type             x-ray 
# 
_diffrn_radiation_wavelength.id           1 
_diffrn_radiation_wavelength.wavelength   0.873 
_diffrn_radiation_wavelength.wt           1.0 
# 
_diffrn_source.diffrn_id                   1 
_diffrn_source.source                      SYNCHROTRON 
_diffrn_source.type                        'ESRF BEAMLINE ID23-2' 
_diffrn_source.pdbx_synchrotron_site       ESRF 
_diffrn_source.pdbx_synchrotron_beamline   ID23-2 
_diffrn_source.pdbx_wavelength             ? 
_diffrn_source.pdbx_wavelength_list        0.873 
# 
_reflns.entry_id                     3DPE 
_reflns.observed_criterion_sigma_F   0.0 
_reflns.observed_criterion_sigma_I   0.0 
_reflns.d_resolution_high            1.6 
_reflns.d_resolution_low             25.0 
_reflns.number_all                   18154 
_reflns.number_obs                   18154 
_reflns.percent_possible_obs         99.2 
_reflns.pdbx_Rmerge_I_obs            0.103 
_reflns.pdbx_Rsym_value              ? 
_reflns.pdbx_netI_over_sigmaI        5.7 
_reflns.B_iso_Wilson_estimate        9.1 
_reflns.pdbx_redundancy              4.1 
_reflns.R_free_details               ? 
_reflns.limit_h_max                  ? 
_reflns.limit_h_min                  ? 
_reflns.limit_k_max                  ? 
_reflns.limit_k_min                  ? 
_reflns.limit_l_max                  ? 
_reflns.limit_l_min                  ? 
_reflns.observed_criterion_F_max     ? 
_reflns.observed_criterion_F_min     ? 
_reflns.pdbx_chi_squared             ? 
_reflns.pdbx_scaling_rejects         ? 
_reflns.pdbx_diffrn_id               1 
_reflns.pdbx_ordinal                 1 
# 
_refine.entry_id                                 3DPE 
_refine.ls_d_res_high                            1.6 
_refine.ls_d_res_low                             10.0 
_refine.pdbx_ls_sigma_F                          0.0 
_refine.pdbx_ls_sigma_I                          ? 
_refine.ls_number_reflns_all                     18060 
_refine.ls_number_reflns_obs                     18060 
_refine.ls_number_reflns_R_free                  1780 
_refine.ls_percent_reflns_obs                    ? 
_refine.ls_R_factor_all                          ? 
_refine.ls_R_factor_obs                          ? 
_refine.ls_R_factor_R_work                       0.210 
_refine.ls_R_factor_R_free                       0.242 
_refine.ls_redundancy_reflns_obs                 ? 
_refine.pdbx_data_cutoff_high_absF               ? 
_refine.pdbx_data_cutoff_low_absF                ? 
_refine.ls_number_parameters                     ? 
_refine.ls_number_restraints                     ? 
_refine.ls_percent_reflns_R_free                 ? 
_refine.ls_R_factor_R_free_error                 ? 
_refine.ls_R_factor_R_free_error_details         ? 
_refine.pdbx_method_to_determine_struct          'MOLECULAR REPLACEMENT' 
_refine.pdbx_starting_model                      'PDB ENTRY 1I76' 
_refine.pdbx_ls_cross_valid_method               ? 
_refine.pdbx_R_Free_selection_details            random 
_refine.pdbx_stereochem_target_val_spec_case     ? 
_refine.pdbx_stereochemistry_target_values       'Engh & Huber' 
_refine.solvent_model_details                    ? 
_refine.solvent_model_param_bsol                 ? 
_refine.solvent_model_param_ksol                 ? 
_refine.occupancy_max                            ? 
_refine.occupancy_min                            ? 
_refine.pdbx_isotropic_thermal_model             ? 
_refine.B_iso_mean                               ? 
_refine.aniso_B[1][1]                            ? 
_refine.aniso_B[1][2]                            ? 
_refine.aniso_B[1][3]                            ? 
_refine.aniso_B[2][2]                            ? 
_refine.aniso_B[2][3]                            ? 
_refine.aniso_B[3][3]                            ? 
_refine.details                                  ? 
_refine.B_iso_min                                ? 
_refine.B_iso_max                                ? 
_refine.correlation_coeff_Fo_to_Fc               ? 
_refine.correlation_coeff_Fo_to_Fc_free          ? 
_refine.pdbx_solvent_vdw_probe_radii             ? 
_refine.pdbx_solvent_ion_probe_radii             ? 
_refine.pdbx_solvent_shrinkage_radii             ? 
_refine.overall_SU_R_Cruickshank_DPI             ? 
_refine.overall_SU_R_free                        ? 
_refine.overall_SU_ML                            ? 
_refine.overall_SU_B                             ? 
_refine.pdbx_overall_ESU_R_Free                  ? 
_refine.pdbx_data_cutoff_high_rms_absF           ? 
_refine.pdbx_overall_ESU_R                       ? 
_refine.ls_wR_factor_R_free                      ? 
_refine.ls_wR_factor_R_work                      ? 
_refine.overall_FOM_free_R_set                   ? 
_refine.overall_FOM_work_R_set                   ? 
_refine.pdbx_overall_phase_error                 ? 
_refine.pdbx_refine_id                           'X-RAY DIFFRACTION' 
_refine.pdbx_diffrn_id                           1 
_refine.pdbx_TLS_residual_ADP_flag               ? 
_refine.pdbx_overall_SU_R_free_Cruickshank_DPI   ? 
_refine.pdbx_overall_SU_R_Blow_DPI               ? 
_refine.pdbx_overall_SU_R_free_Blow_DPI          ? 
# 
_refine_hist.pdbx_refine_id                   'X-RAY DIFFRACTION' 
_refine_hist.cycle_id                         LAST 
_refine_hist.pdbx_number_atoms_protein        1282 
_refine_hist.pdbx_number_atoms_nucleic_acid   0 
_refine_hist.pdbx_number_atoms_ligand         41 
_refine_hist.number_atoms_solvent             216 
_refine_hist.number_atoms_total               1539 
_refine_hist.d_res_high                       1.6 
_refine_hist.d_res_low                        10.0 
# 
loop_
_refine_ls_restr.type 
_refine_ls_restr.dev_ideal 
_refine_ls_restr.dev_ideal_target 
_refine_ls_restr.weight 
_refine_ls_restr.number 
_refine_ls_restr.pdbx_refine_id 
_refine_ls_restr.pdbx_restraint_function 
c_bond_d    0.005 ? ? ? 'X-RAY DIFFRACTION' ? 
c_angle_deg 1.44  ? ? ? 'X-RAY DIFFRACTION' ? 
# 
_struct.entry_id                  3DPE 
_struct.title                     'Crystal structure of the complex between MMP-8 and a non-zinc chelating inhibitor' 
_struct.pdbx_model_details        ? 
_struct.pdbx_CASP_flag            ? 
_struct.pdbx_model_type_details   ? 
# 
_struct_keywords.entry_id        3DPE 
_struct_keywords.pdbx_keywords   HYDROLASE 
_struct_keywords.text            
;hydrolase, selective inhibition, non-zinc chelating inhibitors, Calcium, Collagen degradation, Extracellular matrix, Glycoprotein, Metal-binding, Metalloprotease, Polymorphism, Protease, Secreted, Zinc, Zymogen
;
# 
loop_
_struct_asym.id 
_struct_asym.pdbx_blank_PDB_chainid_flag 
_struct_asym.pdbx_modified 
_struct_asym.entity_id 
_struct_asym.details 
A N N 1 ? 
B N N 2 ? 
C N N 2 ? 
D N N 3 ? 
E N N 3 ? 
F N N 4 ? 
G N N 5 ? 
# 
loop_
_struct_conf.conf_type_id 
_struct_conf.id 
_struct_conf.pdbx_PDB_helix_id 
_struct_conf.beg_label_comp_id 
_struct_conf.beg_label_asym_id 
_struct_conf.beg_label_seq_id 
_struct_conf.pdbx_beg_PDB_ins_code 
_struct_conf.end_label_comp_id 
_struct_conf.end_label_asym_id 
_struct_conf.end_label_seq_id 
_struct_conf.pdbx_end_PDB_ins_code 
_struct_conf.beg_auth_comp_id 
_struct_conf.beg_auth_asym_id 
_struct_conf.beg_auth_seq_id 
_struct_conf.end_auth_comp_id 
_struct_conf.end_auth_asym_id 
_struct_conf.end_auth_seq_id 
_struct_conf.pdbx_PDB_helix_class 
_struct_conf.details 
_struct_conf.pdbx_PDB_helix_length 
HELX_P HELX_P1 1 SER A 26  ? VAL A 43  ? SER A 105 VAL A 122 1 ? 18 
HELX_P HELX_P2 2 ASN A 111 ? LEU A 124 ? ASN A 190 LEU A 203 1 ? 14 
HELX_P HELX_P3 3 PRO A 151 ? GLY A 163 ? PRO A 230 GLY A 242 1 ? 13 
# 
_struct_conf_type.id          HELX_P 
_struct_conf_type.criteria    ? 
_struct_conf_type.reference   ? 
# 
loop_
_struct_conn.id 
_struct_conn.conn_type_id 
_struct_conn.pdbx_leaving_atom_flag 
_struct_conn.pdbx_PDB_id 
_struct_conn.ptnr1_label_asym_id 
_struct_conn.ptnr1_label_comp_id 
_struct_conn.ptnr1_label_seq_id 
_struct_conn.ptnr1_label_atom_id 
_struct_conn.pdbx_ptnr1_label_alt_id 
_struct_conn.pdbx_ptnr1_PDB_ins_code 
_struct_conn.pdbx_ptnr1_standard_comp_id 
_struct_conn.ptnr1_symmetry 
_struct_conn.ptnr2_label_asym_id 
_struct_conn.ptnr2_label_comp_id 
_struct_conn.ptnr2_label_seq_id 
_struct_conn.ptnr2_label_atom_id 
_struct_conn.pdbx_ptnr2_label_alt_id 
_struct_conn.pdbx_ptnr2_PDB_ins_code 
_struct_conn.ptnr1_auth_asym_id 
_struct_conn.ptnr1_auth_comp_id 
_struct_conn.ptnr1_auth_seq_id 
_struct_conn.ptnr2_auth_asym_id 
_struct_conn.ptnr2_auth_comp_id 
_struct_conn.ptnr2_auth_seq_id 
_struct_conn.ptnr2_symmetry 
_struct_conn.pdbx_ptnr3_label_atom_id 
_struct_conn.pdbx_ptnr3_label_seq_id 
_struct_conn.pdbx_ptnr3_label_comp_id 
_struct_conn.pdbx_ptnr3_label_asym_id 
_struct_conn.pdbx_ptnr3_label_alt_id 
_struct_conn.pdbx_ptnr3_PDB_ins_code 
_struct_conn.details 
_struct_conn.pdbx_dist_value 
_struct_conn.pdbx_value_order 
_struct_conn.pdbx_role 
metalc1  metalc ? ? A ASP 58  O   ? ? ? 1_555 B CA  . CA ? ? A ASP 137 A CA  996  1_555 ? ? ? ? ? ? ? 2.434 ? ? 
metalc2  metalc ? ? A HIS 68  NE2 ? ? ? 1_555 D ZN  . ZN ? ? A HIS 147 A ZN  998  1_555 ? ? ? ? ? ? ? 2.078 ? ? 
metalc3  metalc ? ? A ASP 70  OD2 ? ? ? 1_555 D ZN  . ZN ? ? A ASP 149 A ZN  998  1_555 ? ? ? ? ? ? ? 2.008 ? ? 
metalc4  metalc ? ? A ASP 75  OD1 ? ? ? 1_555 C CA  . CA ? ? A ASP 154 A CA  997  1_555 ? ? ? ? ? ? ? 2.538 ? ? 
metalc5  metalc ? ? A GLY 76  O   ? ? ? 1_555 C CA  . CA ? ? A GLY 155 A CA  997  1_555 ? ? ? ? ? ? ? 2.366 ? ? 
metalc6  metalc ? ? A ASN 78  O   ? ? ? 1_555 C CA  . CA ? ? A ASN 157 A CA  997  1_555 ? ? ? ? ? ? ? 2.412 ? ? 
metalc7  metalc ? ? A ILE 80  O   ? ? ? 1_555 C CA  . CA ? ? A ILE 159 A CA  997  1_555 ? ? ? ? ? ? ? 2.398 ? ? 
metalc8  metalc ? ? A HIS 83  NE2 ? ? ? 1_555 D ZN  . ZN ? ? A HIS 162 A ZN  998  1_555 ? ? ? ? ? ? ? 2.098 ? ? 
metalc9  metalc ? ? A GLY 90  O   ? ? ? 1_555 B CA  . CA ? ? A GLY 169 A CA  996  1_555 ? ? ? ? ? ? ? 2.517 ? ? 
metalc10 metalc ? ? A GLY 92  O   ? ? ? 1_555 B CA  . CA ? ? A GLY 171 A CA  996  1_555 ? ? ? ? ? ? ? 2.491 ? ? 
metalc11 metalc ? ? A ASP 94  OD1 ? ? ? 1_555 B CA  . CA ? ? A ASP 173 A CA  996  1_555 ? ? ? ? ? ? ? 2.578 ? ? 
metalc12 metalc ? ? A ASP 98  OD2 ? ? ? 1_555 C CA  . CA ? ? A ASP 177 A CA  997  1_555 ? ? ? ? ? ? ? 2.468 ? ? 
metalc13 metalc ? ? A GLU 101 OE2 ? ? ? 1_555 C CA  . CA ? ? A GLU 180 A CA  997  1_555 ? ? ? ? ? ? ? 2.845 ? ? 
metalc14 metalc ? ? A HIS 118 NE2 ? ? ? 1_555 E ZN  . ZN ? ? A HIS 197 A ZN  999  1_555 ? ? ? ? ? ? ? 2.125 ? ? 
metalc15 metalc ? ? A HIS 122 NE2 ? ? ? 1_555 E ZN  . ZN ? ? A HIS 201 A ZN  999  1_555 ? ? ? ? ? ? ? 2.165 ? ? 
metalc16 metalc ? ? A HIS 128 NE2 ? ? ? 1_555 E ZN  . ZN ? ? A HIS 207 A ZN  999  1_555 ? ? ? ? ? ? ? 2.163 ? ? 
metalc17 metalc ? ? B CA  .   CA  ? ? ? 1_555 G HOH . O  ? ? A CA  996 A HOH 1158 1_555 ? ? ? ? ? ? ? 2.740 ? ? 
# 
_struct_conn_type.id          metalc 
_struct_conn_type.criteria    ? 
_struct_conn_type.reference   ? 
# 
_struct_sheet.id               A 
_struct_sheet.type             ? 
_struct_sheet.number_strands   5 
_struct_sheet.details          ? 
# 
loop_
_struct_sheet_order.sheet_id 
_struct_sheet_order.range_id_1 
_struct_sheet_order.range_id_2 
_struct_sheet_order.offset 
_struct_sheet_order.sense 
A 1 2 ? parallel      
A 2 3 ? parallel      
A 3 4 ? parallel      
A 4 5 ? anti-parallel 
# 
loop_
_struct_sheet_range.sheet_id 
_struct_sheet_range.id 
_struct_sheet_range.beg_label_comp_id 
_struct_sheet_range.beg_label_asym_id 
_struct_sheet_range.beg_label_seq_id 
_struct_sheet_range.pdbx_beg_PDB_ins_code 
_struct_sheet_range.end_label_comp_id 
_struct_sheet_range.end_label_asym_id 
_struct_sheet_range.end_label_seq_id 
_struct_sheet_range.pdbx_end_PDB_ins_code 
_struct_sheet_range.beg_auth_comp_id 
_struct_sheet_range.beg_auth_asym_id 
_struct_sheet_range.beg_auth_seq_id 
_struct_sheet_range.end_auth_comp_id 
_struct_sheet_range.end_auth_asym_id 
_struct_sheet_range.end_auth_seq_id 
A 1 ILE A 48 ? ARG A 51 ? ILE A 127 ARG A 130 
A 2 ASN A 13 ? ILE A 18 ? ASN A 92  ILE A 97  
A 3 ILE A 59 ? TYR A 64 ? ILE A 138 TYR A 143 
A 4 ALA A 95 ? ASP A 98 ? ALA A 174 ASP A 177 
A 5 ALA A 82 ? ALA A 84 ? ALA A 161 ALA A 163 
# 
loop_
_pdbx_struct_sheet_hbond.sheet_id 
_pdbx_struct_sheet_hbond.range_id_1 
_pdbx_struct_sheet_hbond.range_id_2 
_pdbx_struct_sheet_hbond.range_1_label_atom_id 
_pdbx_struct_sheet_hbond.range_1_label_comp_id 
_pdbx_struct_sheet_hbond.range_1_label_asym_id 
_pdbx_struct_sheet_hbond.range_1_label_seq_id 
_pdbx_struct_sheet_hbond.range_1_PDB_ins_code 
_pdbx_struct_sheet_hbond.range_1_auth_atom_id 
_pdbx_struct_sheet_hbond.range_1_auth_comp_id 
_pdbx_struct_sheet_hbond.range_1_auth_asym_id 
_pdbx_struct_sheet_hbond.range_1_auth_seq_id 
_pdbx_struct_sheet_hbond.range_2_label_atom_id 
_pdbx_struct_sheet_hbond.range_2_label_comp_id 
_pdbx_struct_sheet_hbond.range_2_label_asym_id 
_pdbx_struct_sheet_hbond.range_2_label_seq_id 
_pdbx_struct_sheet_hbond.range_2_PDB_ins_code 
_pdbx_struct_sheet_hbond.range_2_auth_atom_id 
_pdbx_struct_sheet_hbond.range_2_auth_comp_id 
_pdbx_struct_sheet_hbond.range_2_auth_asym_id 
_pdbx_struct_sheet_hbond.range_2_auth_seq_id 
A 1 2 O THR A 50 ? O THR A 129 N LEU A 14 ? N LEU A 93  
A 2 3 N ARG A 17 ? N ARG A 96  O ILE A 61 ? O ILE A 140 
A 3 4 N ASN A 60 ? N ASN A 139 O ALA A 95 ? O ALA A 174 
A 4 5 O HIS A 96 ? O HIS A 175 N HIS A 83 ? N HIS A 162 
# 
loop_
_struct_site.id 
_struct_site.pdbx_evidence_code 
_struct_site.pdbx_auth_asym_id 
_struct_site.pdbx_auth_comp_id 
_struct_site.pdbx_auth_seq_id 
_struct_site.pdbx_auth_ins_code 
_struct_site.pdbx_num_residues 
_struct_site.details 
AC1 Software A CA  996 ? 5  'BINDING SITE FOR RESIDUE CA A 996' 
AC2 Software A CA  997 ? 6  'BINDING SITE FOR RESIDUE CA A 997' 
AC3 Software A ZN  998 ? 4  'BINDING SITE FOR RESIDUE ZN A 998' 
AC4 Software A ZN  999 ? 3  'BINDING SITE FOR RESIDUE ZN A 999' 
AC5 Software A AXB 1   ? 26 'BINDING SITE FOR RESIDUE AXB A 1'  
# 
loop_
_struct_site_gen.id 
_struct_site_gen.site_id 
_struct_site_gen.pdbx_num_res 
_struct_site_gen.label_comp_id 
_struct_site_gen.label_asym_id 
_struct_site_gen.label_seq_id 
_struct_site_gen.pdbx_auth_ins_code 
_struct_site_gen.auth_comp_id 
_struct_site_gen.auth_asym_id 
_struct_site_gen.auth_seq_id 
_struct_site_gen.label_atom_id 
_struct_site_gen.label_alt_id 
_struct_site_gen.symmetry 
_struct_site_gen.details 
1  AC1 5  ASP A 58  ? ASP A 137  . ? 1_555 ? 
2  AC1 5  GLY A 90  ? GLY A 169  . ? 1_555 ? 
3  AC1 5  GLY A 92  ? GLY A 171  . ? 1_555 ? 
4  AC1 5  ASP A 94  ? ASP A 173  . ? 1_555 ? 
5  AC1 5  HOH G .   ? HOH A 1158 . ? 1_555 ? 
6  AC2 6  ASP A 75  ? ASP A 154  . ? 1_555 ? 
7  AC2 6  GLY A 76  ? GLY A 155  . ? 1_555 ? 
8  AC2 6  ASN A 78  ? ASN A 157  . ? 1_555 ? 
9  AC2 6  ILE A 80  ? ILE A 159  . ? 1_555 ? 
10 AC2 6  ASP A 98  ? ASP A 177  . ? 1_555 ? 
11 AC2 6  GLU A 101 ? GLU A 180  . ? 1_555 ? 
12 AC3 4  HIS A 68  ? HIS A 147  . ? 1_555 ? 
13 AC3 4  ASP A 70  ? ASP A 149  . ? 1_555 ? 
14 AC3 4  HIS A 83  ? HIS A 162  . ? 1_555 ? 
15 AC3 4  HIS A 96  ? HIS A 175  . ? 1_555 ? 
16 AC4 3  HIS A 118 ? HIS A 197  . ? 1_555 ? 
17 AC4 3  HIS A 122 ? HIS A 201  . ? 1_555 ? 
18 AC4 3  HIS A 128 ? HIS A 207  . ? 1_555 ? 
19 AC5 26 ILE A 80  ? ILE A 159  . ? 1_555 ? 
20 AC5 26 LEU A 81  ? LEU A 160  . ? 1_555 ? 
21 AC5 26 ALA A 82  ? ALA A 161  . ? 1_555 ? 
22 AC5 26 LEU A 114 ? LEU A 193  . ? 1_555 ? 
23 AC5 26 HIS A 118 ? HIS A 197  . ? 1_555 ? 
24 AC5 26 GLU A 119 ? GLU A 198  . ? 1_555 ? 
25 AC5 26 ALA A 134 ? ALA A 213  . ? 1_555 ? 
26 AC5 26 LEU A 135 ? LEU A 214  . ? 1_555 ? 
27 AC5 26 TYR A 137 ? TYR A 216  . ? 1_555 ? 
28 AC5 26 PRO A 138 ? PRO A 217  . ? 1_555 ? 
29 AC5 26 ASN A 139 ? ASN A 218  . ? 1_555 ? 
30 AC5 26 TYR A 140 ? TYR A 219  . ? 1_555 ? 
31 AC5 26 ALA A 141 ? ALA A 220  . ? 1_555 ? 
32 AC5 26 ARG A 143 ? ARG A 222  . ? 1_555 ? 
33 AC5 26 THR A 145 ? THR A 224  . ? 1_555 ? 
34 AC5 26 ASN A 147 ? ASN A 226  . ? 1_555 ? 
35 AC5 26 TYR A 148 ? TYR A 227  . ? 1_555 ? 
36 AC5 26 SER A 149 ? SER A 228  . ? 1_555 ? 
37 AC5 26 PRO A 151 ? PRO A 230  . ? 1_555 ? 
38 AC5 26 HOH G .   ? HOH A 1030 . ? 1_555 ? 
39 AC5 26 HOH G .   ? HOH A 1040 . ? 1_555 ? 
40 AC5 26 HOH G .   ? HOH A 1052 . ? 1_555 ? 
41 AC5 26 HOH G .   ? HOH A 1065 . ? 1_555 ? 
42 AC5 26 HOH G .   ? HOH A 1138 . ? 1_555 ? 
43 AC5 26 HOH G .   ? HOH A 1179 . ? 1_555 ? 
44 AC5 26 HOH G .   ? HOH A 1194 . ? 1_555 ? 
# 
_atom_sites.entry_id                    3DPE 
_atom_sites.fract_transf_matrix[1][1]   -0.02733708 
_atom_sites.fract_transf_matrix[1][2]   -0.01340734 
_atom_sites.fract_transf_matrix[1][3]   -0.01024058 
_atom_sites.fract_transf_matrix[2][1]   -0.00686790 
_atom_sites.fract_transf_matrix[2][2]   0.01265033 
_atom_sites.fract_transf_matrix[2][3]   0.00177150 
_atom_sites.fract_transf_matrix[3][1]   -0.00022831 
_atom_sites.fract_transf_matrix[3][2]   0.00427078 
_atom_sites.fract_transf_matrix[3][3]   -0.03138291 
_atom_sites.fract_transf_vector[1]      0.406035 
_atom_sites.fract_transf_vector[2]      -0.002571 
_atom_sites.fract_transf_vector[3]      0.435681 
# 
loop_
_atom_type.symbol 
C  
CA 
N  
O  
S  
ZN 
# 
loop_
_atom_site.group_PDB 
_atom_site.id 
_atom_site.type_symbol 
_atom_site.label_atom_id 
_atom_site.label_alt_id 
_atom_site.label_comp_id 
_atom_site.label_asym_id 
_atom_site.label_entity_id 
_atom_site.label_seq_id 
_atom_site.pdbx_PDB_ins_code 
_atom_site.Cartn_x 
_atom_site.Cartn_y 
_atom_site.Cartn_z 
_atom_site.occupancy 
_atom_site.B_iso_or_equiv 
_atom_site.pdbx_formal_charge 
_atom_site.auth_seq_id 
_atom_site.auth_comp_id 
_atom_site.auth_asym_id 
_atom_site.auth_atom_id 
_atom_site.pdbx_PDB_model_num 
ATOM   1    N  N   . MET A 1 1   ? -13.235 -19.878 -4.677  1.00 27.08 ? 80   MET A N   1 
ATOM   2    C  CA  . MET A 1 1   ? -12.392 -18.888 -5.402  1.00 26.30 ? 80   MET A CA  1 
ATOM   3    C  C   . MET A 1 1   ? -11.214 -18.376 -4.570  1.00 26.80 ? 80   MET A C   1 
ATOM   4    O  O   . MET A 1 1   ? -10.572 -17.388 -4.930  1.00 29.44 ? 80   MET A O   1 
ATOM   5    C  CB  . MET A 1 1   ? -13.251 -17.709 -5.877  1.00 24.15 ? 80   MET A CB  1 
ATOM   6    C  CG  . MET A 1 1   ? -14.118 -17.059 -4.806  1.00 22.03 ? 80   MET A CG  1 
ATOM   7    S  SD  . MET A 1 1   ? -15.591 -18.017 -4.375  1.00 18.75 ? 80   MET A SD  1 
ATOM   8    C  CE  . MET A 1 1   ? -16.583 -17.808 -5.859  1.00 19.08 ? 80   MET A CE  1 
ATOM   9    N  N   . LEU A 1 2   ? -10.938 -19.057 -3.461  1.00 27.27 ? 81   LEU A N   1 
ATOM   10   C  CA  . LEU A 1 2   ? -9.833  -18.710 -2.565  1.00 25.94 ? 81   LEU A CA  1 
ATOM   11   C  C   . LEU A 1 2   ? -10.005 -17.447 -1.722  1.00 25.78 ? 81   LEU A C   1 
ATOM   12   O  O   . LEU A 1 2   ? -9.724  -17.460 -0.521  1.00 27.40 ? 81   LEU A O   1 
ATOM   13   C  CB  . LEU A 1 2   ? -8.523  -18.627 -3.357  1.00 24.99 ? 81   LEU A CB  1 
ATOM   14   C  CG  . LEU A 1 2   ? -7.922  -19.980 -3.750  1.00 26.05 ? 81   LEU A CG  1 
ATOM   15   C  CD1 . LEU A 1 2   ? -6.942  -19.808 -4.900  1.00 26.56 ? 81   LEU A CD1 1 
ATOM   16   C  CD2 . LEU A 1 2   ? -7.242  -20.599 -2.537  1.00 26.30 ? 81   LEU A CD2 1 
ATOM   17   N  N   . THR A 1 3   ? -10.459 -16.360 -2.337  1.00 24.14 ? 82   THR A N   1 
ATOM   18   C  CA  . THR A 1 3   ? -10.644 -15.103 -1.613  1.00 21.75 ? 82   THR A CA  1 
ATOM   19   C  C   . THR A 1 3   ? -11.992 -14.476 -1.962  1.00 19.01 ? 82   THR A C   1 
ATOM   20   O  O   . THR A 1 3   ? -12.059 -13.366 -2.491  1.00 18.03 ? 82   THR A O   1 
ATOM   21   C  CB  . THR A 1 3   ? -9.506  -14.106 -1.947  1.00 22.54 ? 82   THR A CB  1 
ATOM   22   O  OG1 . THR A 1 3   ? -9.772  -12.844 -1.325  1.00 24.74 ? 82   THR A OG1 1 
ATOM   23   C  CG2 . THR A 1 3   ? -9.379  -13.917 -3.454  1.00 22.48 ? 82   THR A CG2 1 
ATOM   24   N  N   . PRO A 1 4   ? -13.092 -15.178 -1.645  1.00 16.53 ? 83   PRO A N   1 
ATOM   25   C  CA  . PRO A 1 4   ? -14.439 -14.682 -1.938  1.00 15.02 ? 83   PRO A CA  1 
ATOM   26   C  C   . PRO A 1 4   ? -14.734 -13.299 -1.364  1.00 13.36 ? 83   PRO A C   1 
ATOM   27   O  O   . PRO A 1 4   ? -14.424 -13.013 -0.209  1.00 13.35 ? 83   PRO A O   1 
ATOM   28   C  CB  . PRO A 1 4   ? -15.340 -15.767 -1.345  1.00 14.78 ? 83   PRO A CB  1 
ATOM   29   C  CG  . PRO A 1 4   ? -14.527 -16.268 -0.184  1.00 16.30 ? 83   PRO A CG  1 
ATOM   30   C  CD  . PRO A 1 4   ? -13.154 -16.384 -0.799  1.00 16.04 ? 83   PRO A CD  1 
ATOM   31   N  N   . GLY A 1 5   ? -15.328 -12.443 -2.186  1.00 12.98 ? 84   GLY A N   1 
ATOM   32   C  CA  . GLY A 1 5   ? -15.665 -11.107 -1.729  1.00 12.28 ? 84   GLY A CA  1 
ATOM   33   C  C   . GLY A 1 5   ? -14.583 -10.066 -1.942  1.00 12.05 ? 84   GLY A C   1 
ATOM   34   O  O   . GLY A 1 5   ? -14.822 -8.875  -1.746  1.00 12.34 ? 84   GLY A O   1 
ATOM   35   N  N   . ASN A 1 6   ? -13.388 -10.500 -2.329  1.00 11.33 ? 85   ASN A N   1 
ATOM   36   C  CA  . ASN A 1 6   ? -12.303 -9.558  -2.569  1.00 10.41 ? 85   ASN A CA  1 
ATOM   37   C  C   . ASN A 1 6   ? -12.132 -9.343  -4.067  1.00 9.69  ? 85   ASN A C   1 
ATOM   38   O  O   . ASN A 1 6   ? -11.713 -10.240 -4.795  1.00 9.66  ? 85   ASN A O   1 
ATOM   39   C  CB  . ASN A 1 6   ? -11.004 -10.068 -1.942  1.00 13.15 ? 85   ASN A CB  1 
ATOM   40   C  CG  . ASN A 1 6   ? -11.010 -9.952  -0.427  1.00 16.06 ? 85   ASN A CG  1 
ATOM   41   O  OD1 . ASN A 1 6   ? -10.239 -10.616 0.260   1.00 22.20 ? 85   ASN A OD1 1 
ATOM   42   N  ND2 . ASN A 1 6   ? -11.877 -9.092  0.099   1.00 17.48 ? 85   ASN A ND2 1 
ATOM   43   N  N   . PRO A 1 7   ? -12.466 -8.137  -4.548  1.00 11.09 ? 86   PRO A N   1 
ATOM   44   C  CA  . PRO A 1 7   ? -12.344 -7.832  -5.974  1.00 10.14 ? 86   PRO A CA  1 
ATOM   45   C  C   . PRO A 1 7   ? -10.909 -7.831  -6.491  1.00 10.70 ? 86   PRO A C   1 
ATOM   46   O  O   . PRO A 1 7   ? -9.950  -7.802  -5.716  1.00 8.91  ? 86   PRO A O   1 
ATOM   47   C  CB  . PRO A 1 7   ? -13.010 -6.461  -6.090  1.00 11.38 ? 86   PRO A CB  1 
ATOM   48   C  CG  . PRO A 1 7   ? -12.713 -5.835  -4.773  1.00 13.76 ? 86   PRO A CG  1 
ATOM   49   C  CD  . PRO A 1 7   ? -12.947 -6.966  -3.794  1.00 11.46 ? 86   PRO A CD  1 
ATOM   50   N  N   . LYS A 1 8   ? -10.771 -7.878  -7.810  1.00 10.03 ? 87   LYS A N   1 
ATOM   51   C  CA  . LYS A 1 8   ? -9.461  -7.862  -8.441  1.00 9.52  ? 87   LYS A CA  1 
ATOM   52   C  C   . LYS A 1 8   ? -9.521  -6.910  -9.620  1.00 8.18  ? 87   LYS A C   1 
ATOM   53   O  O   . LYS A 1 8   ? -10.601 -6.627  -10.154 1.00 9.15  ? 87   LYS A O   1 
ATOM   54   C  CB  . LYS A 1 8   ? -9.079  -9.256  -8.948  1.00 12.54 ? 87   LYS A CB  1 
ATOM   55   C  CG  . LYS A 1 8   ? -9.992  -9.782  -10.052 1.00 14.54 ? 87   LYS A CG  1 
ATOM   56   C  CD  . LYS A 1 8   ? -9.464  -11.079 -10.672 1.00 15.63 ? 87   LYS A CD  1 
ATOM   57   C  CE  . LYS A 1 8   ? -8.211  -10.833 -11.507 1.00 17.25 ? 87   LYS A CE  1 
ATOM   58   N  NZ  . LYS A 1 8   ? -7.732  -12.065 -12.212 1.00 19.16 ? 87   LYS A NZ  1 
ATOM   59   N  N   . TRP A 1 9   ? -8.365  -6.410  -10.024 1.00 7.01  ? 88   TRP A N   1 
ATOM   60   C  CA  . TRP A 1 9   ? -8.300  -5.515  -11.166 1.00 8.76  ? 88   TRP A CA  1 
ATOM   61   C  C   . TRP A 1 9   ? -8.436  -6.348  -12.426 1.00 10.69 ? 88   TRP A C   1 
ATOM   62   O  O   . TRP A 1 9   ? -7.987  -7.493  -12.464 1.00 10.44 ? 88   TRP A O   1 
ATOM   63   C  CB  . TRP A 1 9   ? -6.966  -4.777  -11.206 1.00 6.74  ? 88   TRP A CB  1 
ATOM   64   C  CG  . TRP A 1 9   ? -6.786  -3.789  -10.114 1.00 5.00  ? 88   TRP A CG  1 
ATOM   65   C  CD1 . TRP A 1 9   ? -6.015  -3.931  -9.001  1.00 4.98  ? 88   TRP A CD1 1 
ATOM   66   C  CD2 . TRP A 1 9   ? -7.361  -2.479  -10.043 1.00 2.71  ? 88   TRP A CD2 1 
ATOM   67   N  NE1 . TRP A 1 9   ? -6.062  -2.788  -8.241  1.00 4.70  ? 88   TRP A NE1 1 
ATOM   68   C  CE2 . TRP A 1 9   ? -6.884  -1.879  -8.855  1.00 4.02  ? 88   TRP A CE2 1 
ATOM   69   C  CE3 . TRP A 1 9   ? -8.231  -1.753  -10.866 1.00 5.03  ? 88   TRP A CE3 1 
ATOM   70   C  CZ2 . TRP A 1 9   ? -7.248  -0.585  -8.472  1.00 3.95  ? 88   TRP A CZ2 1 
ATOM   71   C  CZ3 . TRP A 1 9   ? -8.594  -0.464  -10.484 1.00 5.36  ? 88   TRP A CZ3 1 
ATOM   72   C  CH2 . TRP A 1 9   ? -8.100  0.104   -9.295  1.00 5.40  ? 88   TRP A CH2 1 
ATOM   73   N  N   . GLU A 1 10  ? -9.055  -5.769  -13.452 1.00 13.91 ? 89   GLU A N   1 
ATOM   74   C  CA  . GLU A 1 10  ? -9.232  -6.457  -14.723 1.00 17.51 ? 89   GLU A CA  1 
ATOM   75   C  C   . GLU A 1 10  ? -8.008  -6.252  -15.605 1.00 18.35 ? 89   GLU A C   1 
ATOM   76   O  O   . GLU A 1 10  ? -7.727  -7.066  -16.484 1.00 19.32 ? 89   GLU A O   1 
ATOM   77   C  CB  . GLU A 1 10  ? -10.485 -5.944  -15.437 1.00 19.58 ? 89   GLU A CB  1 
ATOM   78   C  CG  . GLU A 1 10  ? -11.751 -6.139  -14.629 1.00 24.56 ? 89   GLU A CG  1 
ATOM   79   C  CD  . GLU A 1 10  ? -11.867 -7.548  -14.080 1.00 27.20 ? 89   GLU A CD  1 
ATOM   80   O  OE1 . GLU A 1 10  ? -11.855 -8.505  -14.885 1.00 28.60 ? 89   GLU A OE1 1 
ATOM   81   O  OE2 . GLU A 1 10  ? -11.967 -7.698  -12.841 1.00 28.00 ? 89   GLU A OE2 1 
ATOM   82   N  N   . ARG A 1 11  ? -7.289  -5.156  -15.377 1.00 18.76 ? 90   ARG A N   1 
ATOM   83   C  CA  . ARG A 1 11  ? -6.079  -4.878  -16.142 1.00 18.52 ? 90   ARG A CA  1 
ATOM   84   C  C   . ARG A 1 11  ? -4.855  -4.985  -15.243 1.00 17.09 ? 90   ARG A C   1 
ATOM   85   O  O   . ARG A 1 11  ? -4.953  -4.846  -14.023 1.00 16.56 ? 90   ARG A O   1 
ATOM   86   C  CB  . ARG A 1 11  ? -6.127  -3.491  -16.798 1.00 20.69 ? 90   ARG A CB  1 
ATOM   87   C  CG  . ARG A 1 11  ? -7.254  -2.575  -16.357 1.00 22.36 ? 90   ARG A CG  1 
ATOM   88   C  CD  . ARG A 1 11  ? -6.956  -1.853  -15.053 1.00 24.30 ? 90   ARG A CD  1 
ATOM   89   N  NE  . ARG A 1 11  ? -7.764  -0.638  -14.940 1.00 24.73 ? 90   ARG A NE  1 
ATOM   90   C  CZ  . ARG A 1 11  ? -9.094  -0.620  -14.902 1.00 26.53 ? 90   ARG A CZ  1 
ATOM   91   N  NH1 . ARG A 1 11  ? -9.739  0.535   -14.807 1.00 27.80 ? 90   ARG A NH1 1 
ATOM   92   N  NH2 . ARG A 1 11  ? -9.781  -1.755  -14.948 1.00 28.72 ? 90   ARG A NH2 1 
ATOM   93   N  N   . THR A 1 12  ? -3.706  -5.233  -15.861 1.00 15.56 ? 91   THR A N   1 
ATOM   94   C  CA  . THR A 1 12  ? -2.452  -5.387  -15.136 1.00 14.46 ? 91   THR A CA  1 
ATOM   95   C  C   . THR A 1 12  ? -1.588  -4.126  -15.118 1.00 11.71 ? 91   THR A C   1 
ATOM   96   O  O   . THR A 1 12  ? -0.723  -3.987  -14.255 1.00 9.69  ? 91   THR A O   1 
ATOM   97   C  CB  . THR A 1 12  ? -1.624  -6.544  -15.733 1.00 16.39 ? 91   THR A CB  1 
ATOM   98   O  OG1 . THR A 1 12  ? -1.439  -6.324  -17.136 1.00 20.45 ? 91   THR A OG1 1 
ATOM   99   C  CG2 . THR A 1 12  ? -2.335  -7.869  -15.527 1.00 17.64 ? 91   THR A CG2 1 
ATOM   100  N  N   . ASN A 1 13  ? -1.807  -3.218  -16.067 1.00 9.32  ? 92   ASN A N   1 
ATOM   101  C  CA  . ASN A 1 13  ? -1.040  -1.973  -16.119 1.00 10.64 ? 92   ASN A CA  1 
ATOM   102  C  C   . ASN A 1 13  ? -1.866  -0.910  -15.411 1.00 9.53  ? 92   ASN A C   1 
ATOM   103  O  O   . ASN A 1 13  ? -2.832  -0.390  -15.969 1.00 9.84  ? 92   ASN A O   1 
ATOM   104  C  CB  . ASN A 1 13  ? -0.776  -1.544  -17.567 1.00 12.82 ? 92   ASN A CB  1 
ATOM   105  C  CG  . ASN A 1 13  ? 0.068   -0.271  -17.666 1.00 17.57 ? 92   ASN A CG  1 
ATOM   106  O  OD1 . ASN A 1 13  ? 0.258   0.273   -18.757 1.00 22.69 ? 92   ASN A OD1 1 
ATOM   107  N  ND2 . ASN A 1 13  ? 0.583   0.205   -16.530 1.00 17.90 ? 92   ASN A ND2 1 
ATOM   108  N  N   . LEU A 1 14  ? -1.479  -0.599  -14.179 1.00 7.72  ? 93   LEU A N   1 
ATOM   109  C  CA  . LEU A 1 14  ? -2.190  0.374   -13.364 1.00 7.04  ? 93   LEU A CA  1 
ATOM   110  C  C   . LEU A 1 14  ? -1.402  1.652   -13.173 1.00 6.35  ? 93   LEU A C   1 
ATOM   111  O  O   . LEU A 1 14  ? -0.176  1.631   -13.094 1.00 7.72  ? 93   LEU A O   1 
ATOM   112  C  CB  . LEU A 1 14  ? -2.492  -0.230  -11.990 1.00 7.01  ? 93   LEU A CB  1 
ATOM   113  C  CG  . LEU A 1 14  ? -3.330  -1.508  -11.998 1.00 8.20  ? 93   LEU A CG  1 
ATOM   114  C  CD1 . LEU A 1 14  ? -3.220  -2.227  -10.662 1.00 7.35  ? 93   LEU A CD1 1 
ATOM   115  C  CD2 . LEU A 1 14  ? -4.775  -1.138  -12.304 1.00 9.31  ? 93   LEU A CD2 1 
ATOM   116  N  N   . THR A 1 15  ? -2.108  2.772   -13.096 1.00 5.29  ? 94   THR A N   1 
ATOM   117  C  CA  . THR A 1 15  ? -1.445  4.050   -12.883 1.00 5.93  ? 94   THR A CA  1 
ATOM   118  C  C   . THR A 1 15  ? -1.698  4.469   -11.444 1.00 4.84  ? 94   THR A C   1 
ATOM   119  O  O   . THR A 1 15  ? -2.646  4.001   -10.815 1.00 4.91  ? 94   THR A O   1 
ATOM   120  C  CB  . THR A 1 15  ? -2.003  5.141   -13.798 1.00 6.52  ? 94   THR A CB  1 
ATOM   121  O  OG1 . THR A 1 15  ? -3.402  5.304   -13.540 1.00 5.29  ? 94   THR A OG1 1 
ATOM   122  C  CG2 . THR A 1 15  ? -1.784  4.778   -15.251 1.00 6.83  ? 94   THR A CG2 1 
ATOM   123  N  N   . TYR A 1 16  ? -0.842  5.337   -10.918 1.00 5.24  ? 95   TYR A N   1 
ATOM   124  C  CA  . TYR A 1 16  ? -1.009  5.814   -9.557  1.00 3.90  ? 95   TYR A CA  1 
ATOM   125  C  C   . TYR A 1 16  ? -0.581  7.266   -9.472  1.00 3.62  ? 95   TYR A C   1 
ATOM   126  O  O   . TYR A 1 16  ? 0.175   7.750   -10.312 1.00 4.05  ? 95   TYR A O   1 
ATOM   127  C  CB  . TYR A 1 16  ? -0.197  4.944   -8.579  1.00 6.01  ? 95   TYR A CB  1 
ATOM   128  C  CG  . TYR A 1 16  ? 1.316   5.097   -8.642  1.00 3.42  ? 95   TYR A CG  1 
ATOM   129  C  CD1 . TYR A 1 16  ? 1.971   6.072   -7.887  1.00 3.20  ? 95   TYR A CD1 1 
ATOM   130  C  CD2 . TYR A 1 16  ? 2.096   4.227   -9.413  1.00 4.77  ? 95   TYR A CD2 1 
ATOM   131  C  CE1 . TYR A 1 16  ? 3.359   6.170   -7.883  1.00 3.90  ? 95   TYR A CE1 1 
ATOM   132  C  CE2 . TYR A 1 16  ? 3.492   4.321   -9.414  1.00 5.57  ? 95   TYR A CE2 1 
ATOM   133  C  CZ  . TYR A 1 16  ? 4.115   5.291   -8.645  1.00 5.50  ? 95   TYR A CZ  1 
ATOM   134  O  OH  . TYR A 1 16  ? 5.492   5.352   -8.610  1.00 5.40  ? 95   TYR A OH  1 
ATOM   135  N  N   . ARG A 1 17  ? -1.097  7.969   -8.471  1.00 3.64  ? 96   ARG A N   1 
ATOM   136  C  CA  . ARG A 1 17  ? -0.739  9.358   -8.283  1.00 5.66  ? 96   ARG A CA  1 
ATOM   137  C  C   . ARG A 1 17  ? -0.589  9.677   -6.816  1.00 5.39  ? 96   ARG A C   1 
ATOM   138  O  O   . ARG A 1 17  ? -1.431  9.309   -6.000  1.00 5.17  ? 96   ARG A O   1 
ATOM   139  C  CB  . ARG A 1 17  ? -1.788  10.300  -8.876  1.00 7.71  ? 96   ARG A CB  1 
ATOM   140  C  CG  . ARG A 1 17  ? -1.257  11.729  -8.950  1.00 13.31 ? 96   ARG A CG  1 
ATOM   141  C  CD  . ARG A 1 17  ? -2.114  12.769  -8.258  1.00 18.68 ? 96   ARG A CD  1 
ATOM   142  N  NE  . ARG A 1 17  ? -3.338  13.082  -8.988  1.00 18.78 ? 96   ARG A NE  1 
ATOM   143  C  CZ  . ARG A 1 17  ? -3.989  14.239  -8.893  1.00 19.06 ? 96   ARG A CZ  1 
ATOM   144  N  NH1 . ARG A 1 17  ? -5.099  14.436  -9.587  1.00 16.47 ? 96   ARG A NH1 1 
ATOM   145  N  NH2 . ARG A 1 17  ? -3.521  15.212  -8.120  1.00 20.78 ? 96   ARG A NH2 1 
ATOM   146  N  N   . ILE A 1 18  ? 0.503   10.354  -6.489  1.00 3.48  ? 97   ILE A N   1 
ATOM   147  C  CA  . ILE A 1 18  ? 0.763   10.771  -5.124  1.00 3.37  ? 97   ILE A CA  1 
ATOM   148  C  C   . ILE A 1 18  ? 0.186   12.185  -5.085  1.00 3.70  ? 97   ILE A C   1 
ATOM   149  O  O   . ILE A 1 18  ? 0.762   13.126  -5.646  1.00 4.63  ? 97   ILE A O   1 
ATOM   150  C  CB  . ILE A 1 18  ? 2.270   10.767  -4.839  1.00 3.71  ? 97   ILE A CB  1 
ATOM   151  C  CG1 . ILE A 1 18  ? 2.822   9.349   -5.035  1.00 4.82  ? 97   ILE A CG1 1 
ATOM   152  C  CG2 . ILE A 1 18  ? 2.533   11.237  -3.417  1.00 6.05  ? 97   ILE A CG2 1 
ATOM   153  C  CD1 . ILE A 1 18  ? 4.341   9.264   -4.976  1.00 2.70  ? 97   ILE A CD1 1 
ATOM   154  N  N   . ARG A 1 19  ? -0.971  12.313  -4.442  1.00 3.63  ? 98   ARG A N   1 
ATOM   155  C  CA  . ARG A 1 19  ? -1.696  13.579  -4.366  1.00 4.44  ? 98   ARG A CA  1 
ATOM   156  C  C   . ARG A 1 19  ? -1.079  14.667  -3.503  1.00 5.15  ? 98   ARG A C   1 
ATOM   157  O  O   . ARG A 1 19  ? -1.191  15.849  -3.821  1.00 6.01  ? 98   ARG A O   1 
ATOM   158  C  CB  . ARG A 1 19  ? -3.134  13.321  -3.909  1.00 4.65  ? 98   ARG A CB  1 
ATOM   159  C  CG  . ARG A 1 19  ? -3.875  12.294  -4.759  1.00 6.65  ? 98   ARG A CG  1 
ATOM   160  C  CD  . ARG A 1 19  ? -5.357  12.298  -4.432  1.00 8.25  ? 98   ARG A CD  1 
ATOM   161  N  NE  . ARG A 1 19  ? -5.975  13.551  -4.851  1.00 8.68  ? 98   ARG A NE  1 
ATOM   162  C  CZ  . ARG A 1 19  ? -6.521  13.755  -6.046  1.00 7.31  ? 98   ARG A CZ  1 
ATOM   163  N  NH1 . ARG A 1 19  ? -7.048  14.933  -6.343  1.00 9.43  ? 98   ARG A NH1 1 
ATOM   164  N  NH2 . ARG A 1 19  ? -6.565  12.772  -6.934  1.00 7.85  ? 98   ARG A NH2 1 
ATOM   165  N  N   . ASN A 1 20  ? -0.456  14.274  -2.399  1.00 4.72  ? 99   ASN A N   1 
ATOM   166  C  CA  . ASN A 1 20  ? 0.188   15.233  -1.510  1.00 5.47  ? 99   ASN A CA  1 
ATOM   167  C  C   . ASN A 1 20  ? 1.312   14.535  -0.768  1.00 6.65  ? 99   ASN A C   1 
ATOM   168  O  O   . ASN A 1 20  ? 1.552   13.351  -0.981  1.00 6.01  ? 99   ASN A O   1 
ATOM   169  C  CB  . ASN A 1 20  ? -0.813  15.843  -0.517  1.00 5.19  ? 99   ASN A CB  1 
ATOM   170  C  CG  . ASN A 1 20  ? -1.532  14.800  0.314   1.00 6.53  ? 99   ASN A CG  1 
ATOM   171  O  OD1 . ASN A 1 20  ? -1.051  13.686  0.482   1.00 5.65  ? 99   ASN A OD1 1 
ATOM   172  N  ND2 . ASN A 1 20  ? -2.689  15.168  0.853   1.00 6.52  ? 99   ASN A ND2 1 
ATOM   173  N  N   . TYR A 1 21  ? 2.001   15.266  0.101   1.00 7.31  ? 100  TYR A N   1 
ATOM   174  C  CA  . TYR A 1 21  ? 3.117   14.687  0.833   1.00 8.21  ? 100  TYR A CA  1 
ATOM   175  C  C   . TYR A 1 21  ? 3.040   14.858  2.342   1.00 8.77  ? 100  TYR A C   1 
ATOM   176  O  O   . TYR A 1 21  ? 2.050   15.357  2.877   1.00 9.70  ? 100  TYR A O   1 
ATOM   177  C  CB  . TYR A 1 21  ? 4.431   15.288  0.329   1.00 10.28 ? 100  TYR A CB  1 
ATOM   178  C  CG  . TYR A 1 21  ? 4.690   15.040  -1.140  1.00 10.90 ? 100  TYR A CG  1 
ATOM   179  C  CD1 . TYR A 1 21  ? 4.076   15.817  -2.121  1.00 12.27 ? 100  TYR A CD1 1 
ATOM   180  C  CD2 . TYR A 1 21  ? 5.527   14.003  -1.548  1.00 11.33 ? 100  TYR A CD2 1 
ATOM   181  C  CE1 . TYR A 1 21  ? 4.290   15.566  -3.476  1.00 12.28 ? 100  TYR A CE1 1 
ATOM   182  C  CE2 . TYR A 1 21  ? 5.747   13.742  -2.897  1.00 10.79 ? 100  TYR A CE2 1 
ATOM   183  C  CZ  . TYR A 1 21  ? 5.126   14.526  -3.854  1.00 12.90 ? 100  TYR A CZ  1 
ATOM   184  O  OH  . TYR A 1 21  ? 5.339   14.263  -5.185  1.00 14.77 ? 100  TYR A OH  1 
ATOM   185  N  N   . THR A 1 22  ? 4.099   14.430  3.020   1.00 8.45  ? 101  THR A N   1 
ATOM   186  C  CA  . THR A 1 22  ? 4.185   14.550  4.468   1.00 9.88  ? 101  THR A CA  1 
ATOM   187  C  C   . THR A 1 22  ? 5.490   15.243  4.834   1.00 11.45 ? 101  THR A C   1 
ATOM   188  O  O   . THR A 1 22  ? 6.536   14.956  4.254   1.00 11.31 ? 101  THR A O   1 
ATOM   189  C  CB  . THR A 1 22  ? 4.139   13.176  5.164   1.00 9.08  ? 101  THR A CB  1 
ATOM   190  O  OG1 . THR A 1 22  ? 4.352   13.350  6.571   1.00 8.41  ? 101  THR A OG1 1 
ATOM   191  C  CG2 . THR A 1 22  ? 5.206   12.252  4.598   1.00 8.18  ? 101  THR A CG2 1 
ATOM   192  N  N   . PRO A 1 23  ? 5.440   16.185  5.786   1.00 12.62 ? 102  PRO A N   1 
ATOM   193  C  CA  . PRO A 1 23  ? 6.612   16.940  6.242   1.00 14.32 ? 102  PRO A CA  1 
ATOM   194  C  C   . PRO A 1 23  ? 7.694   16.063  6.863   1.00 13.84 ? 102  PRO A C   1 
ATOM   195  O  O   . PRO A 1 23  ? 8.838   16.492  7.010   1.00 14.77 ? 102  PRO A O   1 
ATOM   196  C  CB  . PRO A 1 23  ? 6.020   17.905  7.269   1.00 14.60 ? 102  PRO A CB  1 
ATOM   197  C  CG  . PRO A 1 23  ? 4.625   18.113  6.778   1.00 15.34 ? 102  PRO A CG  1 
ATOM   198  C  CD  . PRO A 1 23  ? 4.209   16.715  6.397   1.00 14.21 ? 102  PRO A CD  1 
ATOM   199  N  N   . GLN A 1 24  ? 7.320   14.839  7.220   1.00 13.74 ? 103  GLN A N   1 
ATOM   200  C  CA  . GLN A 1 24  ? 8.230   13.896  7.863   1.00 13.68 ? 103  GLN A CA  1 
ATOM   201  C  C   . GLN A 1 24  ? 9.360   13.385  6.978   1.00 13.63 ? 103  GLN A C   1 
ATOM   202  O  O   . GLN A 1 24  ? 10.430  13.018  7.471   1.00 12.31 ? 103  GLN A O   1 
ATOM   203  C  CB  . GLN A 1 24  ? 7.439   12.702  8.395   1.00 17.55 ? 103  GLN A CB  1 
ATOM   204  C  CG  . GLN A 1 24  ? 6.253   13.077  9.262   1.00 19.17 ? 103  GLN A CG  1 
ATOM   205  C  CD  . GLN A 1 24  ? 6.615   14.082  10.335  1.00 21.34 ? 103  GLN A CD  1 
ATOM   206  O  OE1 . GLN A 1 24  ? 6.231   15.250  10.261  1.00 24.55 ? 103  GLN A OE1 1 
ATOM   207  N  NE2 . GLN A 1 24  ? 7.367   13.637  11.336  1.00 23.46 ? 103  GLN A NE2 1 
ATOM   208  N  N   . LEU A 1 25  ? 9.117   13.357  5.674   1.00 11.54 ? 104  LEU A N   1 
ATOM   209  C  CA  . LEU A 1 25  ? 10.102  12.872  4.714   1.00 11.26 ? 104  LEU A CA  1 
ATOM   210  C  C   . LEU A 1 25  ? 10.235  13.843  3.553   1.00 10.25 ? 104  LEU A C   1 
ATOM   211  O  O   . LEU A 1 25  ? 9.360   14.676  3.332   1.00 11.47 ? 104  LEU A O   1 
ATOM   212  C  CB  . LEU A 1 25  ? 9.667   11.514  4.163   1.00 11.60 ? 104  LEU A CB  1 
ATOM   213  C  CG  . LEU A 1 25  ? 9.580   10.343  5.137   1.00 13.18 ? 104  LEU A CG  1 
ATOM   214  C  CD1 . LEU A 1 25  ? 8.856   9.182   4.478   1.00 12.63 ? 104  LEU A CD1 1 
ATOM   215  C  CD2 . LEU A 1 25  ? 10.980  9.942   5.566   1.00 12.21 ? 104  LEU A CD2 1 
ATOM   216  N  N   . SER A 1 26  ? 11.331  13.738  2.811   1.00 9.87  ? 105  SER A N   1 
ATOM   217  C  CA  . SER A 1 26  ? 11.528  14.605  1.655   1.00 8.73  ? 105  SER A CA  1 
ATOM   218  C  C   . SER A 1 26  ? 10.578  14.068  0.594   1.00 9.01  ? 105  SER A C   1 
ATOM   219  O  O   . SER A 1 26  ? 10.137  12.920  0.683   1.00 7.98  ? 105  SER A O   1 
ATOM   220  C  CB  . SER A 1 26  ? 12.963  14.506  1.136   1.00 10.17 ? 105  SER A CB  1 
ATOM   221  O  OG  . SER A 1 26  ? 13.175  13.274  0.470   1.00 10.32 ? 105  SER A OG  1 
ATOM   222  N  N   . GLU A 1 27  ? 10.268  14.878  -0.411  1.00 6.49  ? 106  GLU A N   1 
ATOM   223  C  CA  . GLU A 1 27  ? 9.371   14.424  -1.468  1.00 6.42  ? 106  GLU A CA  1 
ATOM   224  C  C   . GLU A 1 27  ? 9.953   13.228  -2.215  1.00 6.26  ? 106  GLU A C   1 
ATOM   225  O  O   . GLU A 1 27  ? 9.226   12.305  -2.585  1.00 6.95  ? 106  GLU A O   1 
ATOM   226  C  CB  . GLU A 1 27  ? 9.075   15.553  -2.457  1.00 9.31  ? 106  GLU A CB  1 
ATOM   227  C  CG  . GLU A 1 27  ? 8.439   16.777  -1.823  1.00 13.08 ? 106  GLU A CG  1 
ATOM   228  C  CD  . GLU A 1 27  ? 7.829   17.716  -2.845  1.00 14.92 ? 106  GLU A CD  1 
ATOM   229  O  OE1 . GLU A 1 27  ? 8.371   17.814  -3.966  1.00 17.37 ? 106  GLU A OE1 1 
ATOM   230  O  OE2 . GLU A 1 27  ? 6.811   18.368  -2.517  1.00 18.87 ? 106  GLU A OE2 1 
ATOM   231  N  N   . ALA A 1 28  ? 11.264  13.239  -2.429  1.00 6.19  ? 107  ALA A N   1 
ATOM   232  C  CA  . ALA A 1 28  ? 11.915  12.144  -3.136  1.00 6.53  ? 107  ALA A CA  1 
ATOM   233  C  C   . ALA A 1 28  ? 11.817  10.844  -2.345  1.00 6.10  ? 107  ALA A C   1 
ATOM   234  O  O   . ALA A 1 28  ? 11.658  9.768   -2.924  1.00 4.70  ? 107  ALA A O   1 
ATOM   235  C  CB  . ALA A 1 28  ? 13.371  12.486  -3.408  1.00 4.51  ? 107  ALA A CB  1 
ATOM   236  N  N   . GLU A 1 29  ? 11.901  10.942  -1.021  1.00 7.45  ? 108  GLU A N   1 
ATOM   237  C  CA  . GLU A 1 29  ? 11.814  9.751   -0.178  1.00 7.77  ? 108  GLU A CA  1 
ATOM   238  C  C   . GLU A 1 29  ? 10.404  9.170   -0.214  1.00 8.64  ? 108  GLU A C   1 
ATOM   239  O  O   . GLU A 1 29  ? 10.220  7.953   -0.223  1.00 8.99  ? 108  GLU A O   1 
ATOM   240  C  CB  . GLU A 1 29  ? 12.223  10.088  1.253   1.00 9.78  ? 108  GLU A CB  1 
ATOM   241  C  CG  . GLU A 1 29  ? 13.688  10.468  1.375   1.00 12.01 ? 108  GLU A CG  1 
ATOM   242  C  CD  . GLU A 1 29  ? 14.063  10.911  2.768   1.00 14.72 ? 108  GLU A CD  1 
ATOM   243  O  OE1 . GLU A 1 29  ? 13.305  11.703  3.365   1.00 16.87 ? 108  GLU A OE1 1 
ATOM   244  O  OE2 . GLU A 1 29  ? 15.119  10.472  3.265   1.00 18.82 ? 108  GLU A OE2 1 
ATOM   245  N  N   . VAL A 1 30  ? 9.401   10.041  -0.237  1.00 7.60  ? 109  VAL A N   1 
ATOM   246  C  CA  . VAL A 1 30  ? 8.029   9.577   -0.308  1.00 7.48  ? 109  VAL A CA  1 
ATOM   247  C  C   . VAL A 1 30  ? 7.816   8.881   -1.650  1.00 5.97  ? 109  VAL A C   1 
ATOM   248  O  O   . VAL A 1 30  ? 7.276   7.781   -1.709  1.00 5.60  ? 109  VAL A O   1 
ATOM   249  C  CB  . VAL A 1 30  ? 7.042   10.745  -0.169  1.00 7.22  ? 109  VAL A CB  1 
ATOM   250  C  CG1 . VAL A 1 30  ? 5.634   10.281  -0.514  1.00 8.24  ? 109  VAL A CG1 1 
ATOM   251  C  CG2 . VAL A 1 30  ? 7.090   11.283  1.261   1.00 7.54  ? 109  VAL A CG2 1 
ATOM   252  N  N   . GLU A 1 31  ? 8.266   9.520   -2.725  1.00 4.97  ? 110  GLU A N   1 
ATOM   253  C  CA  . GLU A 1 31  ? 8.129   8.957   -4.059  1.00 4.79  ? 110  GLU A CA  1 
ATOM   254  C  C   . GLU A 1 31  ? 8.836   7.609   -4.205  1.00 4.88  ? 110  GLU A C   1 
ATOM   255  O  O   . GLU A 1 31  ? 8.282   6.673   -4.788  1.00 4.94  ? 110  GLU A O   1 
ATOM   256  C  CB  . GLU A 1 31  ? 8.664   9.951   -5.095  1.00 7.23  ? 110  GLU A CB  1 
ATOM   257  C  CG  . GLU A 1 31  ? 7.773   11.172  -5.256  1.00 11.35 ? 110  GLU A CG  1 
ATOM   258  C  CD  . GLU A 1 31  ? 8.437   12.301  -6.016  1.00 12.93 ? 110  GLU A CD  1 
ATOM   259  O  OE1 . GLU A 1 31  ? 9.330   12.020  -6.835  1.00 18.89 ? 110  GLU A OE1 1 
ATOM   260  O  OE2 . GLU A 1 31  ? 8.049   13.468  -5.803  1.00 14.23 ? 110  GLU A OE2 1 
ATOM   261  N  N   . ARG A 1 32  ? 10.046  7.504   -3.666  1.00 5.01  ? 111  ARG A N   1 
ATOM   262  C  CA  . ARG A 1 32  ? 10.806  6.261   -3.771  1.00 4.81  ? 111  ARG A CA  1 
ATOM   263  C  C   . ARG A 1 32  ? 10.212  5.150   -2.910  1.00 4.88  ? 111  ARG A C   1 
ATOM   264  O  O   . ARG A 1 32  ? 10.236  3.979   -3.293  1.00 5.03  ? 111  ARG A O   1 
ATOM   265  C  CB  . ARG A 1 32  ? 12.267  6.491   -3.376  1.00 6.46  ? 111  ARG A CB  1 
ATOM   266  C  CG  . ARG A 1 32  ? 13.146  5.265   -3.571  1.00 8.54  ? 111  ARG A CG  1 
ATOM   267  C  CD  . ARG A 1 32  ? 13.337  4.951   -5.042  1.00 10.31 ? 111  ARG A CD  1 
ATOM   268  N  NE  . ARG A 1 32  ? 13.976  3.654   -5.229  1.00 15.36 ? 111  ARG A NE  1 
ATOM   269  C  CZ  . ARG A 1 32  ? 14.545  3.261   -6.364  1.00 17.04 ? 111  ARG A CZ  1 
ATOM   270  N  NH1 . ARG A 1 32  ? 14.558  4.069   -7.415  1.00 16.30 ? 111  ARG A NH1 1 
ATOM   271  N  NH2 . ARG A 1 32  ? 15.091  2.054   -6.448  1.00 18.43 ? 111  ARG A NH2 1 
ATOM   272  N  N   . ALA A 1 33  ? 9.690   5.506   -1.742  1.00 5.76  ? 112  ALA A N   1 
ATOM   273  C  CA  . ALA A 1 33  ? 9.093   4.502   -0.870  1.00 6.68  ? 112  ALA A CA  1 
ATOM   274  C  C   . ALA A 1 33  ? 7.903   3.898   -1.597  1.00 5.98  ? 112  ALA A C   1 
ATOM   275  O  O   . ALA A 1 33  ? 7.706   2.683   -1.589  1.00 5.17  ? 112  ALA A O   1 
ATOM   276  C  CB  . ALA A 1 33  ? 8.639   5.132   0.443   1.00 6.64  ? 112  ALA A CB  1 
ATOM   277  N  N   . ILE A 1 34  ? 7.117   4.759   -2.234  1.00 5.54  ? 113  ILE A N   1 
ATOM   278  C  CA  . ILE A 1 34  ? 5.946   4.314   -2.970  1.00 5.83  ? 113  ILE A CA  1 
ATOM   279  C  C   . ILE A 1 34  ? 6.351   3.450   -4.154  1.00 6.02  ? 113  ILE A C   1 
ATOM   280  O  O   . ILE A 1 34  ? 5.777   2.391   -4.382  1.00 5.21  ? 113  ILE A O   1 
ATOM   281  C  CB  . ILE A 1 34  ? 5.115   5.514   -3.475  1.00 6.16  ? 113  ILE A CB  1 
ATOM   282  C  CG1 . ILE A 1 34  ? 4.555   6.288   -2.283  1.00 9.84  ? 113  ILE A CG1 1 
ATOM   283  C  CG2 . ILE A 1 34  ? 3.993   5.035   -4.395  1.00 7.82  ? 113  ILE A CG2 1 
ATOM   284  C  CD1 . ILE A 1 34  ? 3.769   5.449   -1.308  1.00 13.03 ? 113  ILE A CD1 1 
ATOM   285  N  N   . LYS A 1 35  ? 7.339   3.910   -4.913  1.00 5.90  ? 114  LYS A N   1 
ATOM   286  C  CA  . LYS A 1 35  ? 7.809   3.159   -6.069  1.00 7.16  ? 114  LYS A CA  1 
ATOM   287  C  C   . LYS A 1 35  ? 8.302   1.774   -5.662  1.00 6.61  ? 114  LYS A C   1 
ATOM   288  O  O   . LYS A 1 35  ? 7.938   0.776   -6.280  1.00 6.69  ? 114  LYS A O   1 
ATOM   289  C  CB  . LYS A 1 35  ? 8.934   3.925   -6.772  1.00 8.17  ? 114  LYS A CB  1 
ATOM   290  C  CG  . LYS A 1 35  ? 9.564   3.185   -7.945  1.00 11.27 ? 114  LYS A CG  1 
ATOM   291  C  CD  . LYS A 1 35  ? 10.609  4.053   -8.630  1.00 13.51 ? 114  LYS A CD  1 
ATOM   292  C  CE  . LYS A 1 35  ? 11.430  3.276   -9.646  1.00 15.44 ? 114  LYS A CE  1 
ATOM   293  N  NZ  . LYS A 1 35  ? 10.602  2.676   -10.727 1.00 16.82 ? 114  LYS A NZ  1 
ATOM   294  N  N   . ASP A 1 36  ? 9.126   1.710   -4.621  1.00 6.49  ? 115  ASP A N   1 
ATOM   295  C  CA  . ASP A 1 36  ? 9.652   0.426   -4.165  1.00 6.45  ? 115  ASP A CA  1 
ATOM   296  C  C   . ASP A 1 36  ? 8.558   -0.481  -3.610  1.00 4.74  ? 115  ASP A C   1 
ATOM   297  O  O   . ASP A 1 36  ? 8.599   -1.698  -3.799  1.00 7.00  ? 115  ASP A O   1 
ATOM   298  C  CB  . ASP A 1 36  ? 10.742  0.626   -3.105  1.00 7.06  ? 115  ASP A CB  1 
ATOM   299  C  CG  . ASP A 1 36  ? 12.025  1.191   -3.689  1.00 9.40  ? 115  ASP A CG  1 
ATOM   300  O  OD1 . ASP A 1 36  ? 12.208  1.089   -4.919  1.00 11.09 ? 115  ASP A OD1 1 
ATOM   301  O  OD2 . ASP A 1 36  ? 12.856  1.720   -2.924  1.00 9.71  ? 115  ASP A OD2 1 
ATOM   302  N  N   . ALA A 1 37  ? 7.582   0.105   -2.928  1.00 4.52  ? 116  ALA A N   1 
ATOM   303  C  CA  . ALA A 1 37  ? 6.494   -0.690  -2.374  1.00 3.71  ? 116  ALA A CA  1 
ATOM   304  C  C   . ALA A 1 37  ? 5.755   -1.367  -3.528  1.00 3.70  ? 116  ALA A C   1 
ATOM   305  O  O   . ALA A 1 37  ? 5.415   -2.548  -3.449  1.00 3.40  ? 116  ALA A O   1 
ATOM   306  C  CB  . ALA A 1 37  ? 5.548   0.196   -1.563  1.00 3.84  ? 116  ALA A CB  1 
ATOM   307  N  N   . PHE A 1 38  ? 5.519   -0.630  -4.608  1.00 3.37  ? 117  PHE A N   1 
ATOM   308  C  CA  . PHE A 1 38  ? 4.855   -1.216  -5.764  1.00 3.16  ? 117  PHE A CA  1 
ATOM   309  C  C   . PHE A 1 38  ? 5.749   -2.288  -6.395  1.00 4.15  ? 117  PHE A C   1 
ATOM   310  O  O   . PHE A 1 38  ? 5.266   -3.340  -6.807  1.00 4.02  ? 117  PHE A O   1 
ATOM   311  C  CB  . PHE A 1 38  ? 4.516   -0.146  -6.811  1.00 4.41  ? 117  PHE A CB  1 
ATOM   312  C  CG  . PHE A 1 38  ? 3.217   0.579   -6.551  1.00 5.93  ? 117  PHE A CG  1 
ATOM   313  C  CD1 . PHE A 1 38  ? 2.027   -0.130  -6.389  1.00 5.61  ? 117  PHE A CD1 1 
ATOM   314  C  CD2 . PHE A 1 38  ? 3.180   1.967   -6.510  1.00 4.76  ? 117  PHE A CD2 1 
ATOM   315  C  CE1 . PHE A 1 38  ? 0.819   0.535   -6.196  1.00 4.35  ? 117  PHE A CE1 1 
ATOM   316  C  CE2 . PHE A 1 38  ? 1.973   2.645   -6.316  1.00 4.98  ? 117  PHE A CE2 1 
ATOM   317  C  CZ  . PHE A 1 38  ? 0.793   1.927   -6.161  1.00 5.63  ? 117  PHE A CZ  1 
ATOM   318  N  N   . GLU A 1 39  ? 7.050   -2.019  -6.461  1.00 5.20  ? 118  GLU A N   1 
ATOM   319  C  CA  . GLU A 1 39  ? 7.985   -2.966  -7.061  1.00 5.83  ? 118  GLU A CA  1 
ATOM   320  C  C   . GLU A 1 39  ? 7.961   -4.331  -6.376  1.00 6.62  ? 118  GLU A C   1 
ATOM   321  O  O   . GLU A 1 39  ? 8.170   -5.355  -7.025  1.00 6.54  ? 118  GLU A O   1 
ATOM   322  C  CB  . GLU A 1 39  ? 9.408   -2.399  -7.035  1.00 8.55  ? 118  GLU A CB  1 
ATOM   323  C  CG  . GLU A 1 39  ? 10.443  -3.295  -7.714  1.00 12.97 ? 118  GLU A CG  1 
ATOM   324  C  CD  . GLU A 1 39  ? 10.173  -3.490  -9.203  1.00 15.88 ? 118  GLU A CD  1 
ATOM   325  O  OE1 . GLU A 1 39  ? 10.939  -4.231  -9.856  1.00 20.30 ? 118  GLU A OE1 1 
ATOM   326  O  OE2 . GLU A 1 39  ? 9.202   -2.903  -9.724  1.00 19.56 ? 118  GLU A OE2 1 
ATOM   327  N  N   . LEU A 1 40  ? 7.708   -4.349  -5.072  1.00 5.34  ? 119  LEU A N   1 
ATOM   328  C  CA  . LEU A 1 40  ? 7.661   -5.605  -4.335  1.00 6.96  ? 119  LEU A CA  1 
ATOM   329  C  C   . LEU A 1 40  ? 6.621   -6.524  -4.947  1.00 5.63  ? 119  LEU A C   1 
ATOM   330  O  O   . LEU A 1 40  ? 6.831   -7.726  -5.061  1.00 6.42  ? 119  LEU A O   1 
ATOM   331  C  CB  . LEU A 1 40  ? 7.300   -5.374  -2.870  1.00 8.25  ? 119  LEU A CB  1 
ATOM   332  C  CG  . LEU A 1 40  ? 8.360   -4.821  -1.922  1.00 10.54 ? 119  LEU A CG  1 
ATOM   333  C  CD1 . LEU A 1 40  ? 7.791   -4.820  -0.509  1.00 9.44  ? 119  LEU A CD1 1 
ATOM   334  C  CD2 . LEU A 1 40  ? 9.622   -5.671  -1.981  1.00 11.75 ? 119  LEU A CD2 1 
ATOM   335  N  N   . TRP A 1 41  ? 5.488   -5.943  -5.322  1.00 4.24  ? 120  TRP A N   1 
ATOM   336  C  CA  . TRP A 1 41  ? 4.396   -6.702  -5.919  1.00 3.83  ? 120  TRP A CA  1 
ATOM   337  C  C   . TRP A 1 41  ? 4.589   -6.960  -7.406  1.00 4.08  ? 120  TRP A C   1 
ATOM   338  O  O   . TRP A 1 41  ? 4.252   -8.032  -7.897  1.00 3.19  ? 120  TRP A O   1 
ATOM   339  C  CB  . TRP A 1 41  ? 3.068   -5.965  -5.713  1.00 3.55  ? 120  TRP A CB  1 
ATOM   340  C  CG  . TRP A 1 41  ? 2.689   -5.812  -4.287  1.00 3.14  ? 120  TRP A CG  1 
ATOM   341  C  CD1 . TRP A 1 41  ? 2.738   -4.670  -3.541  1.00 3.23  ? 120  TRP A CD1 1 
ATOM   342  C  CD2 . TRP A 1 41  ? 2.215   -6.843  -3.416  1.00 2.95  ? 120  TRP A CD2 1 
ATOM   343  N  NE1 . TRP A 1 41  ? 2.324   -4.928  -2.255  1.00 3.26  ? 120  TRP A NE1 1 
ATOM   344  C  CE2 . TRP A 1 41  ? 1.999   -6.258  -2.152  1.00 3.45  ? 120  TRP A CE2 1 
ATOM   345  C  CE3 . TRP A 1 41  ? 1.954   -8.212  -3.583  1.00 2.55  ? 120  TRP A CE3 1 
ATOM   346  C  CZ2 . TRP A 1 41  ? 1.535   -6.986  -1.059  1.00 4.39  ? 120  TRP A CZ2 1 
ATOM   347  C  CZ3 . TRP A 1 41  ? 1.491   -8.938  -2.493  1.00 5.64  ? 120  TRP A CZ3 1 
ATOM   348  C  CH2 . TRP A 1 41  ? 1.286   -8.323  -1.247  1.00 4.99  ? 120  TRP A CH2 1 
ATOM   349  N  N   . SER A 1 42  ? 5.137   -5.987  -8.123  1.00 3.73  ? 121  SER A N   1 
ATOM   350  C  CA  . SER A 1 42  ? 5.326   -6.147  -9.560  1.00 3.96  ? 121  SER A CA  1 
ATOM   351  C  C   . SER A 1 42  ? 6.274   -7.282  -9.933  1.00 5.47  ? 121  SER A C   1 
ATOM   352  O  O   . SER A 1 42  ? 6.033   -7.989  -10.907 1.00 4.69  ? 121  SER A O   1 
ATOM   353  C  CB  . SER A 1 42  ? 5.790   -4.829  -10.196 1.00 6.75  ? 121  SER A CB  1 
ATOM   354  O  OG  . SER A 1 42  ? 7.109   -4.489  -9.825  1.00 11.92 ? 121  SER A OG  1 
ATOM   355  N  N   . VAL A 1 43  ? 7.329   -7.490  -9.153  1.00 3.19  ? 122  VAL A N   1 
ATOM   356  C  CA  . VAL A 1 43  ? 8.272   -8.557  -9.479  1.00 5.00  ? 122  VAL A CA  1 
ATOM   357  C  C   . VAL A 1 43  ? 7.735   -9.967  -9.245  1.00 5.22  ? 122  VAL A C   1 
ATOM   358  O  O   . VAL A 1 43  ? 8.381   -10.948 -9.618  1.00 5.15  ? 122  VAL A O   1 
ATOM   359  C  CB  . VAL A 1 43  ? 9.610   -8.400  -8.699  1.00 4.79  ? 122  VAL A CB  1 
ATOM   360  C  CG1 . VAL A 1 43  ? 10.264  -7.075  -9.057  1.00 7.79  ? 122  VAL A CG1 1 
ATOM   361  C  CG2 . VAL A 1 43  ? 9.379   -8.504  -7.203  1.00 7.10  ? 122  VAL A CG2 1 
ATOM   362  N  N   . ALA A 1 44  ? 6.554   -10.072 -8.642  1.00 4.64  ? 123  ALA A N   1 
ATOM   363  C  CA  . ALA A 1 44  ? 5.969   -11.375 -8.357  1.00 5.58  ? 123  ALA A CA  1 
ATOM   364  C  C   . ALA A 1 44  ? 4.639   -11.583 -9.072  1.00 4.69  ? 123  ALA A C   1 
ATOM   365  O  O   . ALA A 1 44  ? 3.921   -12.547 -8.799  1.00 5.09  ? 123  ALA A O   1 
ATOM   366  C  CB  . ALA A 1 44  ? 5.781   -11.533 -6.845  1.00 6.54  ? 123  ALA A CB  1 
ATOM   367  N  N   . SER A 1 45  ? 4.323   -10.688 -9.999  1.00 4.66  ? 124  SER A N   1 
ATOM   368  C  CA  . SER A 1 45  ? 3.065   -10.763 -10.735 1.00 5.08  ? 124  SER A CA  1 
ATOM   369  C  C   . SER A 1 45  ? 3.233   -10.083 -12.086 1.00 6.45  ? 124  SER A C   1 
ATOM   370  O  O   . SER A 1 45  ? 4.336   -9.694  -12.446 1.00 6.60  ? 124  SER A O   1 
ATOM   371  C  CB  . SER A 1 45  ? 1.978   -10.037 -9.955  1.00 4.28  ? 124  SER A CB  1 
ATOM   372  O  OG  . SER A 1 45  ? 2.266   -8.653  -9.895  1.00 6.36  ? 124  SER A OG  1 
ATOM   373  N  N   . PRO A 1 46  ? 2.141   -9.955  -12.859 1.00 7.26  ? 125  PRO A N   1 
ATOM   374  C  CA  . PRO A 1 46  ? 2.227   -9.298  -14.172 1.00 6.60  ? 125  PRO A CA  1 
ATOM   375  C  C   . PRO A 1 46  ? 1.959   -7.799  -14.043 1.00 6.69  ? 125  PRO A C   1 
ATOM   376  O  O   . PRO A 1 46  ? 1.993   -7.059  -15.029 1.00 6.58  ? 125  PRO A O   1 
ATOM   377  C  CB  . PRO A 1 46  ? 1.117   -9.974  -14.986 1.00 8.41  ? 125  PRO A CB  1 
ATOM   378  C  CG  . PRO A 1 46  ? 0.799   -11.240 -14.221 1.00 7.55  ? 125  PRO A CG  1 
ATOM   379  C  CD  . PRO A 1 46  ? 0.938   -10.800 -12.790 1.00 6.16  ? 125  PRO A CD  1 
ATOM   380  N  N   . LEU A 1 47  ? 1.677   -7.365  -12.821 1.00 5.92  ? 126  LEU A N   1 
ATOM   381  C  CA  . LEU A 1 47  ? 1.358   -5.966  -12.556 1.00 6.44  ? 126  LEU A CA  1 
ATOM   382  C  C   . LEU A 1 47  ? 2.476   -4.996  -12.908 1.00 5.62  ? 126  LEU A C   1 
ATOM   383  O  O   . LEU A 1 47  ? 3.649   -5.227  -12.592 1.00 4.54  ? 126  LEU A O   1 
ATOM   384  C  CB  . LEU A 1 47  ? 0.975   -5.787  -11.079 1.00 7.45  ? 126  LEU A CB  1 
ATOM   385  C  CG  . LEU A 1 47  ? -0.252  -6.561  -10.584 1.00 12.17 ? 126  LEU A CG  1 
ATOM   386  C  CD1 . LEU A 1 47  ? -0.347  -6.460  -9.069  1.00 13.78 ? 126  LEU A CD1 1 
ATOM   387  C  CD2 . LEU A 1 47  ? -1.509  -6.011  -11.239 1.00 14.05 ? 126  LEU A CD2 1 
ATOM   388  N  N   . ILE A 1 48  ? 2.094   -3.912  -13.577 1.00 3.51  ? 127  ILE A N   1 
ATOM   389  C  CA  . ILE A 1 48  ? 3.018   -2.862  -13.971 1.00 3.92  ? 127  ILE A CA  1 
ATOM   390  C  C   . ILE A 1 48  ? 2.405   -1.552  -13.484 1.00 4.26  ? 127  ILE A C   1 
ATOM   391  O  O   . ILE A 1 48  ? 1.258   -1.229  -13.807 1.00 4.42  ? 127  ILE A O   1 
ATOM   392  C  CB  . ILE A 1 48  ? 3.211   -2.826  -15.502 1.00 3.83  ? 127  ILE A CB  1 
ATOM   393  C  CG1 . ILE A 1 48  ? 3.831   -4.147  -15.963 1.00 6.15  ? 127  ILE A CG1 1 
ATOM   394  C  CG2 . ILE A 1 48  ? 4.123   -1.670  -15.888 1.00 5.03  ? 127  ILE A CG2 1 
ATOM   395  C  CD1 . ILE A 1 48  ? 3.943   -4.289  -17.471 1.00 4.49  ? 127  ILE A CD1 1 
ATOM   396  N  N   . PHE A 1 49  ? 3.168   -0.811  -12.688 1.00 3.53  ? 128  PHE A N   1 
ATOM   397  C  CA  . PHE A 1 49  ? 2.690   0.449   -12.133 1.00 4.53  ? 128  PHE A CA  1 
ATOM   398  C  C   . PHE A 1 49  ? 3.351   1.658   -12.782 1.00 5.07  ? 128  PHE A C   1 
ATOM   399  O  O   . PHE A 1 49  ? 4.575   1.732   -12.878 1.00 6.14  ? 128  PHE A O   1 
ATOM   400  C  CB  . PHE A 1 49  ? 2.920   0.447   -10.624 1.00 5.88  ? 128  PHE A CB  1 
ATOM   401  C  CG  . PHE A 1 49  ? 2.222   -0.679  -9.919  1.00 3.73  ? 128  PHE A CG  1 
ATOM   402  C  CD1 . PHE A 1 49  ? 0.848   -0.622  -9.679  1.00 4.94  ? 128  PHE A CD1 1 
ATOM   403  C  CD2 . PHE A 1 49  ? 2.919   -1.824  -9.541  1.00 4.40  ? 128  PHE A CD2 1 
ATOM   404  C  CE1 . PHE A 1 49  ? 0.182   -1.694  -9.075  1.00 5.09  ? 128  PHE A CE1 1 
ATOM   405  C  CE2 . PHE A 1 49  ? 2.263   -2.897  -8.939  1.00 5.17  ? 128  PHE A CE2 1 
ATOM   406  C  CZ  . PHE A 1 49  ? 0.891   -2.833  -8.707  1.00 4.51  ? 128  PHE A CZ  1 
ATOM   407  N  N   . THR A 1 50  ? 2.524   2.606   -13.214 1.00 5.54  ? 129  THR A N   1 
ATOM   408  C  CA  . THR A 1 50  ? 3.000   3.813   -13.880 1.00 6.94  ? 129  THR A CA  1 
ATOM   409  C  C   . THR A 1 50  ? 2.475   5.057   -13.168 1.00 5.65  ? 129  THR A C   1 
ATOM   410  O  O   . THR A 1 50  ? 1.272   5.185   -12.917 1.00 5.47  ? 129  THR A O   1 
ATOM   411  C  CB  . THR A 1 50  ? 2.542   3.829   -15.347 1.00 8.15  ? 129  THR A CB  1 
ATOM   412  O  OG1 . THR A 1 50  ? 2.949   2.609   -15.982 1.00 7.99  ? 129  THR A OG1 1 
ATOM   413  C  CG2 . THR A 1 50  ? 3.158   5.000   -16.084 1.00 9.80  ? 129  THR A CG2 1 
ATOM   414  N  N   . ARG A 1 51  ? 3.383   5.974   -12.859 1.00 5.59  ? 130  ARG A N   1 
ATOM   415  C  CA  . ARG A 1 51  ? 3.029   7.189   -12.136 1.00 6.91  ? 130  ARG A CA  1 
ATOM   416  C  C   . ARG A 1 51  ? 2.617   8.373   -13.000 1.00 7.20  ? 130  ARG A C   1 
ATOM   417  O  O   . ARG A 1 51  ? 3.207   8.623   -14.054 1.00 5.43  ? 130  ARG A O   1 
ATOM   418  C  CB  . ARG A 1 51  ? 4.209   7.599   -11.246 1.00 7.53  ? 130  ARG A CB  1 
ATOM   419  C  CG  . ARG A 1 51  ? 4.012   8.865   -10.422 1.00 10.31 ? 130  ARG A CG  1 
ATOM   420  C  CD  . ARG A 1 51  ? 5.162   9.000   -9.433  1.00 13.54 ? 130  ARG A CD  1 
ATOM   421  N  NE  . ARG A 1 51  ? 5.062   10.169  -8.562  1.00 15.84 ? 130  ARG A NE  1 
ATOM   422  C  CZ  . ARG A 1 51  ? 5.367   11.405  -8.935  1.00 19.74 ? 130  ARG A CZ  1 
ATOM   423  N  NH1 . ARG A 1 51  ? 5.248   12.413  -8.078  1.00 20.60 ? 130  ARG A NH1 1 
ATOM   424  N  NH2 . ARG A 1 51  ? 5.801   11.631  -10.164 1.00 21.37 ? 130  ARG A NH2 1 
ATOM   425  N  N   . ILE A 1 52  ? 1.586   9.085   -12.551 1.00 5.65  ? 131  ILE A N   1 
ATOM   426  C  CA  . ILE A 1 52  ? 1.134   10.283  -13.238 1.00 6.87  ? 131  ILE A CA  1 
ATOM   427  C  C   . ILE A 1 52  ? 1.168   11.417  -12.207 1.00 7.66  ? 131  ILE A C   1 
ATOM   428  O  O   . ILE A 1 52  ? 1.106   11.170  -10.994 1.00 5.43  ? 131  ILE A O   1 
ATOM   429  C  CB  . ILE A 1 52  ? -0.277  10.114  -13.866 1.00 7.80  ? 131  ILE A CB  1 
ATOM   430  C  CG1 . ILE A 1 52  ? -1.333  9.884   -12.790 1.00 7.25  ? 131  ILE A CG1 1 
ATOM   431  C  CG2 . ILE A 1 52  ? -0.261  8.938   -14.841 1.00 6.56  ? 131  ILE A CG2 1 
ATOM   432  C  CD1 . ILE A 1 52  ? -2.742  9.798   -13.351 1.00 11.93 ? 131  ILE A CD1 1 
ATOM   433  N  N   . SER A 1 53  ? 1.287   12.652  -12.684 1.00 7.68  ? 132  SER A N   1 
ATOM   434  C  CA  . SER A 1 53  ? 1.388   13.811  -11.796 1.00 9.15  ? 132  SER A CA  1 
ATOM   435  C  C   . SER A 1 53  ? 0.091   14.541  -11.494 1.00 9.66  ? 132  SER A C   1 
ATOM   436  O  O   . SER A 1 53  ? -0.007  15.234  -10.486 1.00 9.50  ? 132  SER A O   1 
ATOM   437  C  CB  . SER A 1 53  ? 2.388   14.811  -12.374 1.00 9.38  ? 132  SER A CB  1 
ATOM   438  O  OG  . SER A 1 53  ? 3.661   14.214  -12.512 1.00 9.09  ? 132  SER A OG  1 
ATOM   439  N  N   . GLN A 1 54  ? -0.891  14.404  -12.375 1.00 11.72 ? 133  GLN A N   1 
ATOM   440  C  CA  . GLN A 1 54  ? -2.189  15.050  -12.199 1.00 13.92 ? 133  GLN A CA  1 
ATOM   441  C  C   . GLN A 1 54  ? -3.258  14.161  -12.823 1.00 13.80 ? 133  GLN A C   1 
ATOM   442  O  O   . GLN A 1 54  ? -2.941  13.155  -13.456 1.00 14.22 ? 133  GLN A O   1 
ATOM   443  C  CB  . GLN A 1 54  ? -2.205  16.424  -12.880 1.00 15.76 ? 133  GLN A CB  1 
ATOM   444  C  CG  . GLN A 1 54  ? -1.120  17.383  -12.393 1.00 19.11 ? 133  GLN A CG  1 
ATOM   445  C  CD  . GLN A 1 54  ? -1.313  17.820  -10.948 1.00 21.12 ? 133  GLN A CD  1 
ATOM   446  O  OE1 . GLN A 1 54  ? -0.468  18.511  -10.381 1.00 24.22 ? 133  GLN A OE1 1 
ATOM   447  N  NE2 . GLN A 1 54  ? -2.430  17.424  -10.352 1.00 23.87 ? 133  GLN A NE2 1 
ATOM   448  N  N   . GLY A 1 55  ? -4.523  14.529  -12.643 1.00 13.66 ? 134  GLY A N   1 
ATOM   449  C  CA  . GLY A 1 55  ? -5.600  13.738  -13.211 1.00 13.40 ? 134  GLY A CA  1 
ATOM   450  C  C   . GLY A 1 55  ? -6.010  12.560  -12.348 1.00 13.94 ? 134  GLY A C   1 
ATOM   451  O  O   . GLY A 1 55  ? -5.598  12.453  -11.192 1.00 11.94 ? 134  GLY A O   1 
ATOM   452  N  N   . GLU A 1 56  ? -6.819  11.672  -12.920 1.00 13.81 ? 135  GLU A N   1 
ATOM   453  C  CA  . GLU A 1 56  ? -7.310  10.497  -12.208 1.00 14.12 ? 135  GLU A CA  1 
ATOM   454  C  C   . GLU A 1 56  ? -6.554  9.215   -12.537 1.00 12.29 ? 135  GLU A C   1 
ATOM   455  O  O   . GLU A 1 56  ? -6.716  8.643   -13.613 1.00 13.96 ? 135  GLU A O   1 
ATOM   456  C  CB  . GLU A 1 56  ? -8.795  10.276  -12.510 1.00 16.97 ? 135  GLU A CB  1 
ATOM   457  C  CG  . GLU A 1 56  ? -9.755  10.977  -11.571 1.00 20.60 ? 135  GLU A CG  1 
ATOM   458  C  CD  . GLU A 1 56  ? -9.577  10.551  -10.123 1.00 21.87 ? 135  GLU A CD  1 
ATOM   459  O  OE1 . GLU A 1 56  ? -9.384  9.346   -9.867  1.00 24.77 ? 135  GLU A OE1 1 
ATOM   460  O  OE2 . GLU A 1 56  ? -9.642  11.425  -9.238  1.00 23.66 ? 135  GLU A OE2 1 
ATOM   461  N  N   . ALA A 1 57  ? -5.740  8.766   -11.593 1.00 8.37  ? 136  ALA A N   1 
ATOM   462  C  CA  . ALA A 1 57  ? -4.976  7.540   -11.752 1.00 6.26  ? 136  ALA A CA  1 
ATOM   463  C  C   . ALA A 1 57  ? -5.825  6.429   -11.159 1.00 5.61  ? 136  ALA A C   1 
ATOM   464  O  O   . ALA A 1 57  ? -6.822  6.696   -10.485 1.00 8.28  ? 136  ALA A O   1 
ATOM   465  C  CB  . ALA A 1 57  ? -3.660  7.642   -10.988 1.00 5.43  ? 136  ALA A CB  1 
ATOM   466  N  N   . ASP A 1 58  ? -5.437  5.187   -11.410 1.00 5.09  ? 137  ASP A N   1 
ATOM   467  C  CA  . ASP A 1 58  ? -6.167  4.060   -10.852 1.00 4.90  ? 137  ASP A CA  1 
ATOM   468  C  C   . ASP A 1 58  ? -6.003  4.066   -9.346  1.00 5.01  ? 137  ASP A C   1 
ATOM   469  O  O   . ASP A 1 58  ? -6.954  3.852   -8.618  1.00 4.95  ? 137  ASP A O   1 
ATOM   470  C  CB  . ASP A 1 58  ? -5.639  2.743   -11.403 1.00 5.27  ? 137  ASP A CB  1 
ATOM   471  C  CG  . ASP A 1 58  ? -5.902  2.595   -12.877 1.00 6.07  ? 137  ASP A CG  1 
ATOM   472  O  OD1 . ASP A 1 58  ? -7.081  2.739   -13.277 1.00 5.78  ? 137  ASP A OD1 1 
ATOM   473  O  OD2 . ASP A 1 58  ? -4.935  2.340   -13.628 1.00 6.98  ? 137  ASP A OD2 1 
ATOM   474  N  N   . ILE A 1 59  ? -4.787  4.305   -8.877  1.00 4.60  ? 138  ILE A N   1 
ATOM   475  C  CA  . ILE A 1 59  ? -4.546  4.314   -7.446  1.00 5.06  ? 138  ILE A CA  1 
ATOM   476  C  C   . ILE A 1 59  ? -4.132  5.680   -6.924  1.00 4.61  ? 138  ILE A C   1 
ATOM   477  O  O   . ILE A 1 59  ? -3.025  6.148   -7.194  1.00 5.31  ? 138  ILE A O   1 
ATOM   478  C  CB  . ILE A 1 59  ? -3.460  3.285   -7.061  1.00 4.28  ? 138  ILE A CB  1 
ATOM   479  C  CG1 . ILE A 1 59  ? -3.970  1.871   -7.357  1.00 3.89  ? 138  ILE A CG1 1 
ATOM   480  C  CG2 . ILE A 1 59  ? -3.089  3.432   -5.582  1.00 3.16  ? 138  ILE A CG2 1 
ATOM   481  C  CD1 . ILE A 1 59  ? -2.891  0.795   -7.317  1.00 4.40  ? 138  ILE A CD1 1 
ATOM   482  N  N   . ASN A 1 60  ? -5.036  6.319   -6.191  1.00 4.87  ? 139  ASN A N   1 
ATOM   483  C  CA  . ASN A 1 60  ? -4.751  7.610   -5.583  1.00 4.81  ? 139  ASN A CA  1 
ATOM   484  C  C   . ASN A 1 60  ? -4.015  7.323   -4.294  1.00 4.84  ? 139  ASN A C   1 
ATOM   485  O  O   . ASN A 1 60  ? -4.386  6.413   -3.561  1.00 5.42  ? 139  ASN A O   1 
ATOM   486  C  CB  . ASN A 1 60  ? -6.034  8.361   -5.233  1.00 5.89  ? 139  ASN A CB  1 
ATOM   487  C  CG  . ASN A 1 60  ? -6.659  9.022   -6.426  1.00 4.75  ? 139  ASN A CG  1 
ATOM   488  O  OD1 . ASN A 1 60  ? -6.016  9.815   -7.115  1.00 8.82  ? 139  ASN A OD1 1 
ATOM   489  N  ND2 . ASN A 1 60  ? -7.923  8.708   -6.682  1.00 7.07  ? 139  ASN A ND2 1 
ATOM   490  N  N   . ILE A 1 61  ? -2.975  8.096   -4.023  1.00 3.32  ? 140  ILE A N   1 
ATOM   491  C  CA  . ILE A 1 61  ? -2.208  7.929   -2.801  1.00 3.83  ? 140  ILE A CA  1 
ATOM   492  C  C   . ILE A 1 61  ? -2.155  9.288   -2.132  1.00 4.01  ? 140  ILE A C   1 
ATOM   493  O  O   . ILE A 1 61  ? -1.806  10.279  -2.767  1.00 3.83  ? 140  ILE A O   1 
ATOM   494  C  CB  . ILE A 1 61  ? -0.781  7.446   -3.098  1.00 4.91  ? 140  ILE A CB  1 
ATOM   495  C  CG1 . ILE A 1 61  ? -0.831  6.016   -3.646  1.00 3.78  ? 140  ILE A CG1 1 
ATOM   496  C  CG2 . ILE A 1 61  ? 0.064   7.523   -1.832  1.00 5.46  ? 140  ILE A CG2 1 
ATOM   497  C  CD1 . ILE A 1 61  ? 0.426   5.576   -4.353  1.00 5.33  ? 140  ILE A CD1 1 
ATOM   498  N  N   . ALA A 1 62  ? -2.514  9.343   -0.854  1.00 4.47  ? 141  ALA A N   1 
ATOM   499  C  CA  . ALA A 1 62  ? -2.497  10.614  -0.161  1.00 4.10  ? 141  ALA A CA  1 
ATOM   500  C  C   . ALA A 1 62  ? -2.389  10.491  1.345   1.00 3.34  ? 141  ALA A C   1 
ATOM   501  O  O   . ALA A 1 62  ? -2.672  9.439   1.928   1.00 3.23  ? 141  ALA A O   1 
ATOM   502  C  CB  . ALA A 1 62  ? -3.745  11.412  -0.520  1.00 3.60  ? 141  ALA A CB  1 
ATOM   503  N  N   . PHE A 1 63  ? -1.956  11.585  1.963   1.00 4.45  ? 142  PHE A N   1 
ATOM   504  C  CA  . PHE A 1 63  ? -1.839  11.655  3.409   1.00 3.11  ? 142  PHE A CA  1 
ATOM   505  C  C   . PHE A 1 63  ? -2.984  12.532  3.896   1.00 2.93  ? 142  PHE A C   1 
ATOM   506  O  O   . PHE A 1 63  ? -3.108  13.683  3.473   1.00 3.85  ? 142  PHE A O   1 
ATOM   507  C  CB  . PHE A 1 63  ? -0.515  12.292  3.821   1.00 3.74  ? 142  PHE A CB  1 
ATOM   508  C  CG  . PHE A 1 63  ? 0.688   11.519  3.385   1.00 4.39  ? 142  PHE A CG  1 
ATOM   509  C  CD1 . PHE A 1 63  ? 1.183   11.647  2.094   1.00 2.57  ? 142  PHE A CD1 1 
ATOM   510  C  CD2 . PHE A 1 63  ? 1.316   10.643  4.260   1.00 2.92  ? 142  PHE A CD2 1 
ATOM   511  C  CE1 . PHE A 1 63  ? 2.291   10.911  1.682   1.00 3.99  ? 142  PHE A CE1 1 
ATOM   512  C  CE2 . PHE A 1 63  ? 2.422   9.902   3.858   1.00 5.00  ? 142  PHE A CE2 1 
ATOM   513  C  CZ  . PHE A 1 63  ? 2.908   10.036  2.564   1.00 4.62  ? 142  PHE A CZ  1 
ATOM   514  N  N   . TYR A 1 64  ? -3.810  11.988  4.785   1.00 1.61  ? 143  TYR A N   1 
ATOM   515  C  CA  . TYR A 1 64  ? -4.942  12.719  5.338   1.00 2.68  ? 143  TYR A CA  1 
ATOM   516  C  C   . TYR A 1 64  ? -4.998  12.527  6.837   1.00 4.14  ? 143  TYR A C   1 
ATOM   517  O  O   . TYR A 1 64  ? -4.473  11.553  7.373   1.00 5.39  ? 143  TYR A O   1 
ATOM   518  C  CB  . TYR A 1 64  ? -6.267  12.228  4.755   1.00 1.84  ? 143  TYR A CB  1 
ATOM   519  C  CG  . TYR A 1 64  ? -6.404  12.406  3.271   1.00 4.82  ? 143  TYR A CG  1 
ATOM   520  C  CD1 . TYR A 1 64  ? -6.157  13.638  2.674   1.00 4.64  ? 143  TYR A CD1 1 
ATOM   521  C  CD2 . TYR A 1 64  ? -6.812  11.347  2.463   1.00 3.97  ? 143  TYR A CD2 1 
ATOM   522  C  CE1 . TYR A 1 64  ? -6.315  13.816  1.305   1.00 6.54  ? 143  TYR A CE1 1 
ATOM   523  C  CE2 . TYR A 1 64  ? -6.973  11.514  1.095   1.00 5.17  ? 143  TYR A CE2 1 
ATOM   524  C  CZ  . TYR A 1 64  ? -6.723  12.749  0.525   1.00 4.07  ? 143  TYR A CZ  1 
ATOM   525  O  OH  . TYR A 1 64  ? -6.867  12.915  -0.834  1.00 9.06  ? 143  TYR A OH  1 
ATOM   526  N  N   . GLN A 1 65  ? -5.678  13.451  7.503   1.00 6.46  ? 144  GLN A N   1 
ATOM   527  C  CA  . GLN A 1 65  ? -5.825  13.434  8.953   1.00 6.55  ? 144  GLN A CA  1 
ATOM   528  C  C   . GLN A 1 65  ? -7.292  13.222  9.339   1.00 6.45  ? 144  GLN A C   1 
ATOM   529  O  O   . GLN A 1 65  ? -8.192  13.730  8.672   1.00 5.97  ? 144  GLN A O   1 
ATOM   530  C  CB  . GLN A 1 65  ? -5.309  14.772  9.503   1.00 9.45  ? 144  GLN A CB  1 
ATOM   531  C  CG  . GLN A 1 65  ? -5.478  15.009  10.984  1.00 15.26 ? 144  GLN A CG  1 
ATOM   532  C  CD  . GLN A 1 65  ? -4.670  16.209  11.461  1.00 17.31 ? 144  GLN A CD  1 
ATOM   533  O  OE1 . GLN A 1 65  ? -4.847  16.688  12.581  1.00 23.31 ? 144  GLN A OE1 1 
ATOM   534  N  NE2 . GLN A 1 65  ? -3.772  16.692  10.613  1.00 20.17 ? 144  GLN A NE2 1 
ATOM   535  N  N   . ARG A 1 66  ? -7.522  12.453  10.400  1.00 5.33  ? 145  ARG A N   1 
ATOM   536  C  CA  . ARG A 1 66  ? -8.871  12.181  10.911  1.00 5.44  ? 145  ARG A CA  1 
ATOM   537  C  C   . ARG A 1 66  ? -9.923  11.961  9.816   1.00 4.69  ? 145  ARG A C   1 
ATOM   538  O  O   . ARG A 1 66  ? -9.745  11.101  8.956   1.00 5.56  ? 145  ARG A O   1 
ATOM   539  C  CB  . ARG A 1 66  ? -9.296  13.326  11.833  1.00 7.21  ? 145  ARG A CB  1 
ATOM   540  C  CG  . ARG A 1 66  ? -8.168  13.827  12.734  1.00 10.73 ? 145  ARG A CG  1 
ATOM   541  C  CD  . ARG A 1 66  ? -7.577  12.712  13.581  1.00 17.26 ? 145  ARG A CD  1 
ATOM   542  N  NE  . ARG A 1 66  ? -8.263  12.558  14.857  1.00 22.09 ? 145  ARG A NE  1 
ATOM   543  C  CZ  . ARG A 1 66  ? -7.713  12.824  16.038  1.00 22.38 ? 145  ARG A CZ  1 
ATOM   544  N  NH1 . ARG A 1 66  ? -8.417  12.657  17.148  1.00 23.18 ? 145  ARG A NH1 1 
ATOM   545  N  NH2 . ARG A 1 66  ? -6.457  13.249  16.112  1.00 22.78 ? 145  ARG A NH2 1 
ATOM   546  N  N   . ASP A 1 67  ? -11.027 12.709  9.862   1.00 4.98  ? 146  ASP A N   1 
ATOM   547  C  CA  . ASP A 1 67  ? -12.066 12.579  8.837   1.00 5.19  ? 146  ASP A CA  1 
ATOM   548  C  C   . ASP A 1 67  ? -11.515 13.109  7.518   1.00 4.22  ? 146  ASP A C   1 
ATOM   549  O  O   . ASP A 1 67  ? -10.973 14.219  7.469   1.00 5.32  ? 146  ASP A O   1 
ATOM   550  C  CB  . ASP A 1 67  ? -13.305 13.414  9.174   1.00 6.13  ? 146  ASP A CB  1 
ATOM   551  C  CG  . ASP A 1 67  ? -13.951 13.016  10.477  1.00 12.07 ? 146  ASP A CG  1 
ATOM   552  O  OD1 . ASP A 1 67  ? -14.152 11.806  10.700  1.00 12.44 ? 146  ASP A OD1 1 
ATOM   553  O  OD2 . ASP A 1 67  ? -14.276 13.923  11.272  1.00 14.64 ? 146  ASP A OD2 1 
ATOM   554  N  N   . HIS A 1 68  ? -11.659 12.342  6.443   1.00 3.93  ? 147  HIS A N   1 
ATOM   555  C  CA  . HIS A 1 68  ? -11.162 12.811  5.157   1.00 3.79  ? 147  HIS A CA  1 
ATOM   556  C  C   . HIS A 1 68  ? -12.029 12.434  3.964   1.00 5.26  ? 147  HIS A C   1 
ATOM   557  O  O   . HIS A 1 68  ? -11.531 12.202  2.860   1.00 5.16  ? 147  HIS A O   1 
ATOM   558  C  CB  . HIS A 1 68  ? -9.721  12.352  4.929   1.00 4.27  ? 147  HIS A CB  1 
ATOM   559  C  CG  . HIS A 1 68  ? -9.519  10.885  5.125   1.00 5.31  ? 147  HIS A CG  1 
ATOM   560  N  ND1 . HIS A 1 68  ? -9.514  10.297  6.371   1.00 3.90  ? 147  HIS A ND1 1 
ATOM   561  C  CD2 . HIS A 1 68  ? -9.338  9.888   4.233   1.00 4.58  ? 147  HIS A CD2 1 
ATOM   562  C  CE1 . HIS A 1 68  ? -9.340  8.996   6.236   1.00 4.16  ? 147  HIS A CE1 1 
ATOM   563  N  NE2 . HIS A 1 68  ? -9.229  8.722   4.951   1.00 3.84  ? 147  HIS A NE2 1 
ATOM   564  N  N   . GLY A 1 69  ? -13.336 12.363  4.201   1.00 7.44  ? 148  GLY A N   1 
ATOM   565  C  CA  . GLY A 1 69  ? -14.266 12.099  3.119   1.00 8.24  ? 148  GLY A CA  1 
ATOM   566  C  C   . GLY A 1 69  ? -14.716 10.702  2.742   1.00 10.82 ? 148  GLY A C   1 
ATOM   567  O  O   . GLY A 1 69  ? -15.570 10.580  1.864   1.00 11.59 ? 148  GLY A O   1 
ATOM   568  N  N   . ASP A 1 70  ? -14.176 9.656   3.363   1.00 9.73  ? 149  ASP A N   1 
ATOM   569  C  CA  . ASP A 1 70  ? -14.605 8.303   3.009   1.00 11.31 ? 149  ASP A CA  1 
ATOM   570  C  C   . ASP A 1 70  ? -15.223 7.520   4.157   1.00 13.09 ? 149  ASP A C   1 
ATOM   571  O  O   . ASP A 1 70  ? -15.275 6.288   4.130   1.00 15.30 ? 149  ASP A O   1 
ATOM   572  C  CB  . ASP A 1 70  ? -13.452 7.503   2.397   1.00 9.86  ? 149  ASP A CB  1 
ATOM   573  C  CG  . ASP A 1 70  ? -12.245 7.417   3.302   1.00 8.51  ? 149  ASP A CG  1 
ATOM   574  O  OD1 . ASP A 1 70  ? -12.372 7.643   4.523   1.00 7.77  ? 149  ASP A OD1 1 
ATOM   575  O  OD2 . ASP A 1 70  ? -11.158 7.103   2.777   1.00 5.51  ? 149  ASP A OD2 1 
ATOM   576  N  N   . ASN A 1 71  ? -15.690 8.247   5.166   1.00 13.89 ? 150  ASN A N   1 
ATOM   577  C  CA  . ASN A 1 71  ? -16.345 7.654   6.323   1.00 15.70 ? 150  ASN A CA  1 
ATOM   578  C  C   . ASN A 1 71  ? -15.487 6.661   7.109   1.00 14.97 ? 150  ASN A C   1 
ATOM   579  O  O   . ASN A 1 71  ? -15.996 5.919   7.948   1.00 15.83 ? 150  ASN A O   1 
ATOM   580  C  CB  . ASN A 1 71  ? -17.651 6.986   5.882   1.00 18.15 ? 150  ASN A CB  1 
ATOM   581  C  CG  . ASN A 1 71  ? -18.637 6.836   7.022   1.00 20.59 ? 150  ASN A CG  1 
ATOM   582  O  OD1 . ASN A 1 71  ? -18.910 7.794   7.746   1.00 21.17 ? 150  ASN A OD1 1 
ATOM   583  N  ND2 . ASN A 1 71  ? -19.181 5.636   7.185   1.00 20.54 ? 150  ASN A ND2 1 
ATOM   584  N  N   . SER A 1 72  ? -14.187 6.653   6.829   1.00 13.86 ? 151  SER A N   1 
ATOM   585  C  CA  . SER A 1 72  ? -13.241 5.780   7.517   1.00 12.76 ? 151  SER A CA  1 
ATOM   586  C  C   . SER A 1 72  ? -12.150 6.717   8.042   1.00 10.66 ? 151  SER A C   1 
ATOM   587  O  O   . SER A 1 72  ? -11.039 6.744   7.526   1.00 10.51 ? 151  SER A O   1 
ATOM   588  C  CB  . SER A 1 72  ? -12.645 4.768   6.538   1.00 14.76 ? 151  SER A CB  1 
ATOM   589  O  OG  . SER A 1 72  ? -11.736 3.898   7.187   1.00 17.68 ? 151  SER A OG  1 
ATOM   590  N  N   . PRO A 1 73  ? -12.465 7.498   9.084   1.00 8.71  ? 152  PRO A N   1 
ATOM   591  C  CA  . PRO A 1 73  ? -11.523 8.452   9.676   1.00 7.71  ? 152  PRO A CA  1 
ATOM   592  C  C   . PRO A 1 73  ? -10.289 7.861   10.336  1.00 7.85  ? 152  PRO A C   1 
ATOM   593  O  O   . PRO A 1 73  ? -10.328 6.754   10.870  1.00 5.99  ? 152  PRO A O   1 
ATOM   594  C  CB  . PRO A 1 73  ? -12.393 9.204   10.677  1.00 9.43  ? 152  PRO A CB  1 
ATOM   595  C  CG  . PRO A 1 73  ? -13.320 8.134   11.153  1.00 8.74  ? 152  PRO A CG  1 
ATOM   596  C  CD  . PRO A 1 73  ? -13.714 7.443   9.866   1.00 10.69 ? 152  PRO A CD  1 
ATOM   597  N  N   . PHE A 1 74  ? -9.184  8.600   10.275  1.00 6.47  ? 153  PHE A N   1 
ATOM   598  C  CA  . PHE A 1 74  ? -7.965  8.159   10.930  1.00 6.79  ? 153  PHE A CA  1 
ATOM   599  C  C   . PHE A 1 74  ? -8.082  8.557   12.396  1.00 7.63  ? 153  PHE A C   1 
ATOM   600  O  O   . PHE A 1 74  ? -8.975  9.323   12.766  1.00 8.01  ? 153  PHE A O   1 
ATOM   601  C  CB  . PHE A 1 74  ? -6.728  8.764   10.269  1.00 7.45  ? 153  PHE A CB  1 
ATOM   602  C  CG  . PHE A 1 74  ? -6.341  8.078   8.984   1.00 5.78  ? 153  PHE A CG  1 
ATOM   603  C  CD1 . PHE A 1 74  ? -6.293  6.686   8.913   1.00 6.90  ? 153  PHE A CD1 1 
ATOM   604  C  CD2 . PHE A 1 74  ? -6.019  8.817   7.848   1.00 7.36  ? 153  PHE A CD2 1 
ATOM   605  C  CE1 . PHE A 1 74  ? -5.930  6.037   7.725   1.00 4.64  ? 153  PHE A CE1 1 
ATOM   606  C  CE2 . PHE A 1 74  ? -5.657  8.186   6.663   1.00 6.95  ? 153  PHE A CE2 1 
ATOM   607  C  CZ  . PHE A 1 74  ? -5.610  6.789   6.600   1.00 5.64  ? 153  PHE A CZ  1 
ATOM   608  N  N   . ASP A 1 75  ? -7.172  8.052   13.221  1.00 6.85  ? 154  ASP A N   1 
ATOM   609  C  CA  . ASP A 1 75  ? -7.227  8.254   14.668  1.00 5.85  ? 154  ASP A CA  1 
ATOM   610  C  C   . ASP A 1 75  ? -6.108  9.032   15.359  1.00 5.74  ? 154  ASP A C   1 
ATOM   611  O  O   . ASP A 1 75  ? -5.868  8.818   16.553  1.00 6.41  ? 154  ASP A O   1 
ATOM   612  C  CB  . ASP A 1 75  ? -7.318  6.880   15.323  1.00 5.27  ? 154  ASP A CB  1 
ATOM   613  C  CG  . ASP A 1 75  ? -6.156  5.992   14.935  1.00 6.45  ? 154  ASP A CG  1 
ATOM   614  O  OD1 . ASP A 1 75  ? -5.390  6.421   14.051  1.00 5.72  ? 154  ASP A OD1 1 
ATOM   615  O  OD2 . ASP A 1 75  ? -6.005  4.886   15.487  1.00 4.15  ? 154  ASP A OD2 1 
ATOM   616  N  N   . GLY A 1 76  ? -5.419  9.911   14.644  1.00 4.72  ? 155  GLY A N   1 
ATOM   617  C  CA  . GLY A 1 76  ? -4.352  10.667  15.285  1.00 7.72  ? 155  GLY A CA  1 
ATOM   618  C  C   . GLY A 1 76  ? -3.080  9.854   15.440  1.00 8.71  ? 155  GLY A C   1 
ATOM   619  O  O   . GLY A 1 76  ? -3.001  8.769   14.903  1.00 7.37  ? 155  GLY A O   1 
ATOM   620  N  N   . PRO A 1 77  ? -2.073  10.329  16.185  1.00 9.37  ? 156  PRO A N   1 
ATOM   621  C  CA  . PRO A 1 77  ? -0.822  9.576   16.352  1.00 9.15  ? 156  PRO A CA  1 
ATOM   622  C  C   . PRO A 1 77  ? -0.953  8.084   16.703  1.00 9.12  ? 156  PRO A C   1 
ATOM   623  O  O   . PRO A 1 77  ? -1.765  7.703   17.549  1.00 9.27  ? 156  PRO A O   1 
ATOM   624  C  CB  . PRO A 1 77  ? -0.101  10.356  17.452  1.00 10.48 ? 156  PRO A CB  1 
ATOM   625  C  CG  . PRO A 1 77  ? -0.567  11.754  17.219  1.00 11.89 ? 156  PRO A CG  1 
ATOM   626  C  CD  . PRO A 1 77  ? -2.044  11.574  16.973  1.00 10.84 ? 156  PRO A CD  1 
ATOM   627  N  N   . ASN A 1 78  ? -0.143  7.257   16.043  1.00 9.24  ? 157  ASN A N   1 
ATOM   628  C  CA  . ASN A 1 78  ? -0.116  5.810   16.278  1.00 7.32  ? 157  ASN A CA  1 
ATOM   629  C  C   . ASN A 1 78  ? -1.446  5.125   15.973  1.00 6.79  ? 157  ASN A C   1 
ATOM   630  O  O   . ASN A 1 78  ? -2.282  5.698   15.308  1.00 7.69  ? 157  ASN A O   1 
ATOM   631  C  CB  . ASN A 1 78  ? 0.322   5.548   17.716  1.00 8.80  ? 157  ASN A CB  1 
ATOM   632  C  CG  . ASN A 1 78  ? 1.626   6.234   18.045  1.00 9.07  ? 157  ASN A CG  1 
ATOM   633  O  OD1 . ASN A 1 78  ? 2.650   5.983   17.402  1.00 9.49  ? 157  ASN A OD1 1 
ATOM   634  N  ND2 . ASN A 1 78  ? 1.601   7.115   19.044  1.00 9.42  ? 157  ASN A ND2 1 
ATOM   635  N  N   . GLY A 1 79  ? -1.657  3.905   16.455  1.00 6.65  ? 158  GLY A N   1 
ATOM   636  C  CA  . GLY A 1 79  ? -2.909  3.226   16.149  1.00 5.30  ? 158  GLY A CA  1 
ATOM   637  C  C   . GLY A 1 79  ? -3.001  2.871   14.670  1.00 5.05  ? 158  GLY A C   1 
ATOM   638  O  O   . GLY A 1 79  ? -2.112  2.200   14.136  1.00 6.14  ? 158  GLY A O   1 
ATOM   639  N  N   . ILE A 1 80  ? -4.073  3.309   14.011  1.00 4.73  ? 159  ILE A N   1 
ATOM   640  C  CA  . ILE A 1 80  ? -4.277  3.052   12.579  1.00 4.84  ? 159  ILE A CA  1 
ATOM   641  C  C   . ILE A 1 80  ? -3.252  3.858   11.794  1.00 4.92  ? 159  ILE A C   1 
ATOM   642  O  O   . ILE A 1 80  ? -3.193  5.062   11.924  1.00 5.72  ? 159  ILE A O   1 
ATOM   643  C  CB  . ILE A 1 80  ? -5.687  3.509   12.115  1.00 5.91  ? 159  ILE A CB  1 
ATOM   644  C  CG1 . ILE A 1 80  ? -6.774  2.750   12.878  1.00 7.41  ? 159  ILE A CG1 1 
ATOM   645  C  CG2 . ILE A 1 80  ? -5.828  3.310   10.607  1.00 5.32  ? 159  ILE A CG2 1 
ATOM   646  C  CD1 . ILE A 1 80  ? -6.755  1.262   12.652  1.00 14.02 ? 159  ILE A CD1 1 
ATOM   647  N  N   . LEU A 1 81  ? -2.463  3.212   10.948  1.00 5.25  ? 160  LEU A N   1 
ATOM   648  C  CA  . LEU A 1 81  ? -1.454  3.946   10.202  1.00 4.29  ? 160  LEU A CA  1 
ATOM   649  C  C   . LEU A 1 81  ? -1.910  4.362   8.817   1.00 5.03  ? 160  LEU A C   1 
ATOM   650  O  O   . LEU A 1 81  ? -1.505  5.406   8.304   1.00 4.24  ? 160  LEU A O   1 
ATOM   651  C  CB  . LEU A 1 81  ? -0.184  3.102   10.075  1.00 4.95  ? 160  LEU A CB  1 
ATOM   652  C  CG  . LEU A 1 81  ? 0.397   2.540   11.373  1.00 5.06  ? 160  LEU A CG  1 
ATOM   653  C  CD1 . LEU A 1 81  ? 1.613   1.685   11.046  1.00 3.69  ? 160  LEU A CD1 1 
ATOM   654  C  CD2 . LEU A 1 81  ? 0.759   3.667   12.323  1.00 3.92  ? 160  LEU A CD2 1 
ATOM   655  N  N   . ALA A 1 82  ? -2.753  3.538   8.209   1.00 4.07  ? 161  ALA A N   1 
ATOM   656  C  CA  . ALA A 1 82  ? -3.223  3.817   6.864   1.00 4.28  ? 161  ALA A CA  1 
ATOM   657  C  C   . ALA A 1 82  ? -4.267  2.785   6.497   1.00 4.02  ? 161  ALA A C   1 
ATOM   658  O  O   . ALA A 1 82  ? -4.562  1.896   7.284   1.00 4.87  ? 161  ALA A O   1 
ATOM   659  C  CB  . ALA A 1 82  ? -2.050  3.732   5.889   1.00 4.52  ? 161  ALA A CB  1 
ATOM   660  N  N   . HIS A 1 83  ? -4.840  2.923   5.309   1.00 6.04  ? 162  HIS A N   1 
ATOM   661  C  CA  . HIS A 1 83  ? -5.805  1.954   4.821   1.00 5.58  ? 162  HIS A CA  1 
ATOM   662  C  C   . HIS A 1 83  ? -5.938  2.101   3.316   1.00 6.17  ? 162  HIS A C   1 
ATOM   663  O  O   . HIS A 1 83  ? -5.586  3.140   2.748   1.00 6.43  ? 162  HIS A O   1 
ATOM   664  C  CB  . HIS A 1 83  ? -7.165  2.085   5.532   1.00 6.15  ? 162  HIS A CB  1 
ATOM   665  C  CG  . HIS A 1 83  ? -7.855  3.397   5.327   1.00 5.97  ? 162  HIS A CG  1 
ATOM   666  N  ND1 . HIS A 1 83  ? -8.681  3.951   6.282   1.00 6.11  ? 162  HIS A ND1 1 
ATOM   667  C  CD2 . HIS A 1 83  ? -7.878  4.242   4.273   1.00 5.98  ? 162  HIS A CD2 1 
ATOM   668  C  CE1 . HIS A 1 83  ? -9.181  5.084   5.823   1.00 6.33  ? 162  HIS A CE1 1 
ATOM   669  N  NE2 . HIS A 1 83  ? -8.712  5.282   4.606   1.00 4.93  ? 162  HIS A NE2 1 
ATOM   670  N  N   . ALA A 1 84  ? -6.404  1.044   2.667   1.00 4.40  ? 163  ALA A N   1 
ATOM   671  C  CA  . ALA A 1 84  ? -6.556  1.066   1.221   1.00 4.97  ? 163  ALA A CA  1 
ATOM   672  C  C   . ALA A 1 84  ? -7.817  0.344   0.800   1.00 6.33  ? 163  ALA A C   1 
ATOM   673  O  O   . ALA A 1 84  ? -8.244  -0.618  1.444   1.00 5.53  ? 163  ALA A O   1 
ATOM   674  C  CB  . ALA A 1 84  ? -5.344  0.424   0.557   1.00 5.64  ? 163  ALA A CB  1 
ATOM   675  N  N   . PHE A 1 85  ? -8.406  0.815   -0.292  1.00 5.08  ? 164  PHE A N   1 
ATOM   676  C  CA  . PHE A 1 85  ? -9.625  0.233   -0.818  1.00 6.78  ? 164  PHE A CA  1 
ATOM   677  C  C   . PHE A 1 85  ? -9.324  -0.860  -1.831  1.00 5.94  ? 164  PHE A C   1 
ATOM   678  O  O   . PHE A 1 85  ? -8.380  -0.756  -2.617  1.00 4.43  ? 164  PHE A O   1 
ATOM   679  C  CB  . PHE A 1 85  ? -10.493 1.315   -1.465  1.00 6.10  ? 164  PHE A CB  1 
ATOM   680  C  CG  . PHE A 1 85  ? -11.018 2.332   -0.489  1.00 8.16  ? 164  PHE A CG  1 
ATOM   681  C  CD1 . PHE A 1 85  ? -10.175 3.293   0.059   1.00 9.35  ? 164  PHE A CD1 1 
ATOM   682  C  CD2 . PHE A 1 85  ? -12.356 2.322   -0.113  1.00 10.42 ? 164  PHE A CD2 1 
ATOM   683  C  CE1 . PHE A 1 85  ? -10.659 4.235   0.971   1.00 11.70 ? 164  PHE A CE1 1 
ATOM   684  C  CE2 . PHE A 1 85  ? -12.852 3.257   0.796   1.00 10.48 ? 164  PHE A CE2 1 
ATOM   685  C  CZ  . PHE A 1 85  ? -12.000 4.215   1.339   1.00 12.55 ? 164  PHE A CZ  1 
ATOM   686  N  N   . GLN A 1 86  ? -10.130 -1.914  -1.791  1.00 6.04  ? 165  GLN A N   1 
ATOM   687  C  CA  . GLN A 1 86  ? -9.979  -3.042  -2.703  1.00 7.87  ? 165  GLN A CA  1 
ATOM   688  C  C   . GLN A 1 86  ? -10.182 -2.558  -4.137  1.00 6.62  ? 165  GLN A C   1 
ATOM   689  O  O   . GLN A 1 86  ? -10.791 -1.513  -4.368  1.00 6.22  ? 165  GLN A O   1 
ATOM   690  C  CB  . GLN A 1 86  ? -10.999 -4.131  -2.352  1.00 9.01  ? 165  GLN A CB  1 
ATOM   691  C  CG  . GLN A 1 86  ? -10.839 -4.684  -0.940  1.00 13.31 ? 165  GLN A CG  1 
ATOM   692  C  CD  . GLN A 1 86  ? -9.683  -5.653  -0.814  1.00 15.53 ? 165  GLN A CD  1 
ATOM   693  O  OE1 . GLN A 1 86  ? -8.852  -5.536  0.089   1.00 18.01 ? 165  GLN A OE1 1 
ATOM   694  N  NE2 . GLN A 1 86  ? -9.629  -6.626  -1.713  1.00 12.75 ? 165  GLN A NE2 1 
ATOM   695  N  N   . PRO A 1 87  ? -9.678  -3.319  -5.122  1.00 6.05  ? 166  PRO A N   1 
ATOM   696  C  CA  . PRO A 1 87  ? -9.791  -2.972  -6.541  1.00 5.83  ? 166  PRO A CA  1 
ATOM   697  C  C   . PRO A 1 87  ? -11.184 -2.564  -6.995  1.00 5.99  ? 166  PRO A C   1 
ATOM   698  O  O   . PRO A 1 87  ? -12.185 -3.183  -6.628  1.00 6.37  ? 166  PRO A O   1 
ATOM   699  C  CB  . PRO A 1 87  ? -9.299  -4.232  -7.241  1.00 5.55  ? 166  PRO A CB  1 
ATOM   700  C  CG  . PRO A 1 87  ? -8.230  -4.700  -6.318  1.00 5.13  ? 166  PRO A CG  1 
ATOM   701  C  CD  . PRO A 1 87  ? -8.900  -4.560  -4.955  1.00 4.29  ? 166  PRO A CD  1 
ATOM   702  N  N   . GLY A 1 88  ? -11.233 -1.512  -7.802  1.00 6.09  ? 167  GLY A N   1 
ATOM   703  C  CA  . GLY A 1 88  ? -12.498 -1.022  -8.310  1.00 6.00  ? 167  GLY A CA  1 
ATOM   704  C  C   . GLY A 1 88  ? -12.351 0.380   -8.864  1.00 5.54  ? 167  GLY A C   1 
ATOM   705  O  O   . GLY A 1 88  ? -11.289 0.989   -8.757  1.00 4.32  ? 167  GLY A O   1 
ATOM   706  N  N   . GLN A 1 89  ? -13.418 0.886   -9.470  1.00 7.62  ? 168  GLN A N   1 
ATOM   707  C  CA  . GLN A 1 89  ? -13.430 2.235   -10.024 1.00 10.30 ? 168  GLN A CA  1 
ATOM   708  C  C   . GLN A 1 89  ? -13.608 3.249   -8.894  1.00 8.89  ? 168  GLN A C   1 
ATOM   709  O  O   . GLN A 1 89  ? -13.958 2.882   -7.770  1.00 8.21  ? 168  GLN A O   1 
ATOM   710  C  CB  . GLN A 1 89  ? -14.573 2.363   -11.036 1.00 13.54 ? 168  GLN A CB  1 
ATOM   711  C  CG  . GLN A 1 89  ? -15.899 1.785   -10.555 1.00 19.33 ? 168  GLN A CG  1 
ATOM   712  C  CD  . GLN A 1 89  ? -16.850 2.836   -10.012 1.00 22.66 ? 168  GLN A CD  1 
ATOM   713  O  OE1 . GLN A 1 89  ? -16.537 3.543   -9.053  1.00 25.59 ? 168  GLN A OE1 1 
ATOM   714  N  NE2 . GLN A 1 89  ? -18.026 2.942   -10.627 1.00 23.32 ? 168  GLN A NE2 1 
ATOM   715  N  N   . GLY A 1 90  ? -13.334 4.517   -9.185  1.00 9.52  ? 169  GLY A N   1 
ATOM   716  C  CA  . GLY A 1 90  ? -13.492 5.560   -8.186  1.00 8.39  ? 169  GLY A CA  1 
ATOM   717  C  C   . GLY A 1 90  ? -12.552 5.452   -7.000  1.00 7.80  ? 169  GLY A C   1 
ATOM   718  O  O   . GLY A 1 90  ? -11.345 5.502   -7.165  1.00 9.37  ? 169  GLY A O   1 
ATOM   719  N  N   . ILE A 1 91  ? -13.100 5.306   -5.798  1.00 6.78  ? 170  ILE A N   1 
ATOM   720  C  CA  . ILE A 1 91  ? -12.269 5.197   -4.601  1.00 6.31  ? 170  ILE A CA  1 
ATOM   721  C  C   . ILE A 1 91  ? -11.522 3.863   -4.564  1.00 5.96  ? 170  ILE A C   1 
ATOM   722  O  O   . ILE A 1 91  ? -10.508 3.729   -3.882  1.00 5.93  ? 170  ILE A O   1 
ATOM   723  C  CB  . ILE A 1 91  ? -13.126 5.325   -3.315  1.00 6.63  ? 170  ILE A CB  1 
ATOM   724  C  CG1 . ILE A 1 91  ? -12.224 5.434   -2.088  1.00 8.64  ? 170  ILE A CG1 1 
ATOM   725  C  CG2 . ILE A 1 91  ? -14.058 4.133   -3.190  1.00 7.31  ? 170  ILE A CG2 1 
ATOM   726  C  CD1 . ILE A 1 91  ? -11.365 6.685   -2.067  1.00 10.94 ? 170  ILE A CD1 1 
ATOM   727  N  N   . GLY A 1 92  ? -12.025 2.881   -5.306  1.00 5.22  ? 171  GLY A N   1 
ATOM   728  C  CA  . GLY A 1 92  ? -11.400 1.570   -5.328  1.00 5.56  ? 171  GLY A CA  1 
ATOM   729  C  C   . GLY A 1 92  ? -9.909  1.610   -5.597  1.00 5.04  ? 171  GLY A C   1 
ATOM   730  O  O   . GLY A 1 92  ? -9.453  2.329   -6.474  1.00 6.72  ? 171  GLY A O   1 
ATOM   731  N  N   . GLY A 1 93  ? -9.144  0.845   -4.834  1.00 4.44  ? 172  GLY A N   1 
ATOM   732  C  CA  . GLY A 1 93  ? -7.704  0.824   -5.025  1.00 3.47  ? 172  GLY A CA  1 
ATOM   733  C  C   . GLY A 1 93  ? -6.944  1.960   -4.364  1.00 3.83  ? 172  GLY A C   1 
ATOM   734  O  O   . GLY A 1 93  ? -5.733  1.868   -4.187  1.00 1.78  ? 172  GLY A O   1 
ATOM   735  N  N   . ASP A 1 94  ? -7.636  3.032   -3.987  1.00 3.89  ? 173  ASP A N   1 
ATOM   736  C  CA  . ASP A 1 94  ? -6.947  4.163   -3.370  1.00 4.47  ? 173  ASP A CA  1 
ATOM   737  C  C   . ASP A 1 94  ? -6.354  3.829   -2.009  1.00 4.14  ? 173  ASP A C   1 
ATOM   738  O  O   . ASP A 1 94  ? -6.928  3.066   -1.231  1.00 5.39  ? 173  ASP A O   1 
ATOM   739  C  CB  . ASP A 1 94  ? -7.892  5.363   -3.245  1.00 2.44  ? 173  ASP A CB  1 
ATOM   740  C  CG  . ASP A 1 94  ? -8.282  5.935   -4.591  1.00 3.85  ? 173  ASP A CG  1 
ATOM   741  O  OD1 . ASP A 1 94  ? -7.788  5.422   -5.608  1.00 5.02  ? 173  ASP A OD1 1 
ATOM   742  O  OD2 . ASP A 1 94  ? -9.077  6.896   -4.639  1.00 3.75  ? 173  ASP A OD2 1 
ATOM   743  N  N   . ALA A 1 95  ? -5.202  4.422   -1.720  1.00 2.75  ? 174  ALA A N   1 
ATOM   744  C  CA  . ALA A 1 95  ? -4.517  4.189   -0.455  1.00 3.42  ? 174  ALA A CA  1 
ATOM   745  C  C   . ALA A 1 95  ? -4.335  5.510   0.285   1.00 3.98  ? 174  ALA A C   1 
ATOM   746  O  O   . ALA A 1 95  ? -3.841  6.485   -0.280  1.00 3.44  ? 174  ALA A O   1 
ATOM   747  C  CB  . ALA A 1 95  ? -3.164  3.539   -0.710  1.00 3.00  ? 174  ALA A CB  1 
ATOM   748  N  N   . HIS A 1 96  ? -4.739  5.533   1.550   1.00 3.57  ? 175  HIS A N   1 
ATOM   749  C  CA  . HIS A 1 96  ? -4.618  6.735   2.358   1.00 4.91  ? 175  HIS A CA  1 
ATOM   750  C  C   . HIS A 1 96  ? -3.716  6.463   3.553   1.00 4.64  ? 175  HIS A C   1 
ATOM   751  O  O   . HIS A 1 96  ? -3.786  5.404   4.178   1.00 3.93  ? 175  HIS A O   1 
ATOM   752  C  CB  . HIS A 1 96  ? -6.001  7.202   2.837   1.00 6.51  ? 175  HIS A CB  1 
ATOM   753  C  CG  . HIS A 1 96  ? -6.967  7.483   1.727   1.00 7.26  ? 175  HIS A CG  1 
ATOM   754  N  ND1 . HIS A 1 96  ? -6.567  7.903   0.477   1.00 8.37  ? 175  HIS A ND1 1 
ATOM   755  C  CD2 . HIS A 1 96  ? -8.320  7.428   1.687   1.00 6.15  ? 175  HIS A CD2 1 
ATOM   756  C  CE1 . HIS A 1 96  ? -7.630  8.091   -0.284  1.00 7.02  ? 175  HIS A CE1 1 
ATOM   757  N  NE2 . HIS A 1 96  ? -8.706  7.811   0.427   1.00 9.41  ? 175  HIS A NE2 1 
ATOM   758  N  N   . PHE A 1 97  ? -2.873  7.434   3.875   1.00 4.13  ? 176  PHE A N   1 
ATOM   759  C  CA  . PHE A 1 97  ? -1.954  7.292   4.992   1.00 4.05  ? 176  PHE A CA  1 
ATOM   760  C  C   . PHE A 1 97  ? -2.240  8.364   6.025   1.00 5.13  ? 176  PHE A C   1 
ATOM   761  O  O   . PHE A 1 97  ? -2.511  9.511   5.673   1.00 4.67  ? 176  PHE A O   1 
ATOM   762  C  CB  . PHE A 1 97  ? -0.514  7.397   4.492   1.00 4.37  ? 176  PHE A CB  1 
ATOM   763  C  CG  . PHE A 1 97  ? -0.162  6.361   3.464   1.00 4.57  ? 176  PHE A CG  1 
ATOM   764  C  CD1 . PHE A 1 97  ? -0.657  6.452   2.165   1.00 4.11  ? 176  PHE A CD1 1 
ATOM   765  C  CD2 . PHE A 1 97  ? 0.612   5.258   3.811   1.00 5.16  ? 176  PHE A CD2 1 
ATOM   766  C  CE1 . PHE A 1 97  ? -0.389  5.453   1.226   1.00 3.01  ? 176  PHE A CE1 1 
ATOM   767  C  CE2 . PHE A 1 97  ? 0.887   4.255   2.881   1.00 5.39  ? 176  PHE A CE2 1 
ATOM   768  C  CZ  . PHE A 1 97  ? 0.386   4.351   1.589   1.00 6.09  ? 176  PHE A CZ  1 
ATOM   769  N  N   . ASP A 1 98  ? -2.183  7.988   7.299   1.00 3.09  ? 177  ASP A N   1 
ATOM   770  C  CA  . ASP A 1 98  ? -2.469  8.935   8.370   1.00 4.12  ? 177  ASP A CA  1 
ATOM   771  C  C   . ASP A 1 98  ? -1.411  10.033  8.433   1.00 4.52  ? 177  ASP A C   1 
ATOM   772  O  O   . ASP A 1 98  ? -0.266  9.783   8.784   1.00 4.49  ? 177  ASP A O   1 
ATOM   773  C  CB  . ASP A 1 98  ? -2.547  8.215   9.714   1.00 4.50  ? 177  ASP A CB  1 
ATOM   774  C  CG  . ASP A 1 98  ? -3.162  9.078   10.795  1.00 6.42  ? 177  ASP A CG  1 
ATOM   775  O  OD1 . ASP A 1 98  ? -2.975  10.306  10.770  1.00 4.59  ? 177  ASP A OD1 1 
ATOM   776  O  OD2 . ASP A 1 98  ? -3.838  8.533   11.675  1.00 7.65  ? 177  ASP A OD2 1 
ATOM   777  N  N   . ALA A 1 99  ? -1.816  11.252  8.099   1.00 4.23  ? 178  ALA A N   1 
ATOM   778  C  CA  . ALA A 1 99  ? -0.911  12.390  8.091   1.00 3.46  ? 178  ALA A CA  1 
ATOM   779  C  C   . ALA A 1 99  ? -0.358  12.792  9.453   1.00 3.20  ? 178  ALA A C   1 
ATOM   780  O  O   . ALA A 1 99  ? 0.575   13.590  9.525   1.00 4.29  ? 178  ALA A O   1 
ATOM   781  C  CB  . ALA A 1 99  ? -1.597  13.588  7.441   1.00 3.60  ? 178  ALA A CB  1 
ATOM   782  N  N   . GLU A 1 100 ? -0.928  12.264  10.531  1.00 4.68  ? 179  GLU A N   1 
ATOM   783  C  CA  . GLU A 1 100 ? -0.435  12.621  11.861  1.00 5.32  ? 179  GLU A CA  1 
ATOM   784  C  C   . GLU A 1 100 ? 0.668   11.703  12.360  1.00 6.37  ? 179  GLU A C   1 
ATOM   785  O  O   . GLU A 1 100 ? 1.142   11.852  13.485  1.00 7.44  ? 179  GLU A O   1 
ATOM   786  C  CB  . GLU A 1 100 ? -1.582  12.647  12.875  1.00 6.07  ? 179  GLU A CB  1 
ATOM   787  C  CG  . GLU A 1 100 ? -2.549  13.799  12.655  1.00 7.93  ? 179  GLU A CG  1 
ATOM   788  C  CD  . GLU A 1 100 ? -3.595  13.901  13.744  1.00 7.12  ? 179  GLU A CD  1 
ATOM   789  O  OE1 . GLU A 1 100 ? -3.256  14.329  14.867  1.00 11.14 ? 179  GLU A OE1 1 
ATOM   790  O  OE2 . GLU A 1 100 ? -4.754  13.544  13.479  1.00 9.51  ? 179  GLU A OE2 1 
ATOM   791  N  N   . GLU A 1 101 ? 1.086   10.761  11.523  1.00 7.51  ? 180  GLU A N   1 
ATOM   792  C  CA  . GLU A 1 101 ? 2.143   9.830   11.906  1.00 8.48  ? 180  GLU A CA  1 
ATOM   793  C  C   . GLU A 1 101 ? 3.516   10.369  11.552  1.00 9.39  ? 180  GLU A C   1 
ATOM   794  O  O   . GLU A 1 101 ? 3.658   11.214  10.666  1.00 8.27  ? 180  GLU A O   1 
ATOM   795  C  CB  . GLU A 1 101 ? 1.958   8.490   11.189  1.00 9.31  ? 180  GLU A CB  1 
ATOM   796  C  CG  . GLU A 1 101 ? 0.604   7.868   11.401  1.00 11.28 ? 180  GLU A CG  1 
ATOM   797  C  CD  . GLU A 1 101 ? 0.454   7.281   12.783  1.00 13.88 ? 180  GLU A CD  1 
ATOM   798  O  OE1 . GLU A 1 101 ? 1.064   7.814   13.732  1.00 11.12 ? 180  GLU A OE1 1 
ATOM   799  O  OE2 . GLU A 1 101 ? -0.276  6.283   12.922  1.00 21.31 ? 180  GLU A OE2 1 
ATOM   800  N  N   . THR A 1 102 ? 4.524   9.869   12.256  1.00 9.51  ? 181  THR A N   1 
ATOM   801  C  CA  . THR A 1 102 ? 5.903   10.240  11.989  1.00 11.75 ? 181  THR A CA  1 
ATOM   802  C  C   . THR A 1 102 ? 6.377   9.237   10.942  1.00 12.25 ? 181  THR A C   1 
ATOM   803  O  O   . THR A 1 102 ? 6.752   8.113   11.271  1.00 14.83 ? 181  THR A O   1 
ATOM   804  C  CB  . THR A 1 102 ? 6.780   10.109  13.248  1.00 13.63 ? 181  THR A CB  1 
ATOM   805  O  OG1 . THR A 1 102 ? 6.412   11.122  14.194  1.00 15.30 ? 181  THR A OG1 1 
ATOM   806  C  CG2 . THR A 1 102 ? 8.250   10.254  12.892  1.00 15.85 ? 181  THR A CG2 1 
ATOM   807  N  N   . TRP A 1 103 ? 6.336   9.636   9.679   1.00 11.33 ? 182  TRP A N   1 
ATOM   808  C  CA  . TRP A 1 103 ? 6.760   8.748   8.609   1.00 9.90  ? 182  TRP A CA  1 
ATOM   809  C  C   . TRP A 1 103 ? 8.277   8.764   8.470   1.00 8.89  ? 182  TRP A C   1 
ATOM   810  O  O   . TRP A 1 103 ? 8.905   9.817   8.533   1.00 8.64  ? 182  TRP A O   1 
ATOM   811  C  CB  . TRP A 1 103 ? 6.070   9.148   7.304   1.00 7.04  ? 182  TRP A CB  1 
ATOM   812  C  CG  . TRP A 1 103 ? 4.584   8.958   7.385   1.00 6.90  ? 182  TRP A CG  1 
ATOM   813  C  CD1 . TRP A 1 103 ? 3.632   9.933   7.507   1.00 5.88  ? 182  TRP A CD1 1 
ATOM   814  C  CD2 . TRP A 1 103 ? 3.883   7.709   7.418   1.00 4.87  ? 182  TRP A CD2 1 
ATOM   815  N  NE1 . TRP A 1 103 ? 2.383   9.367   7.612   1.00 7.38  ? 182  TRP A NE1 1 
ATOM   816  C  CE2 . TRP A 1 103 ? 2.508   8.004   7.560   1.00 5.81  ? 182  TRP A CE2 1 
ATOM   817  C  CE3 . TRP A 1 103 ? 4.284   6.366   7.340   1.00 4.16  ? 182  TRP A CE3 1 
ATOM   818  C  CZ2 . TRP A 1 103 ? 1.530   7.004   7.626   1.00 5.94  ? 182  TRP A CZ2 1 
ATOM   819  C  CZ3 . TRP A 1 103 ? 3.311   5.372   7.407   1.00 6.07  ? 182  TRP A CZ3 1 
ATOM   820  C  CH2 . TRP A 1 103 ? 1.948   5.699   7.548   1.00 5.56  ? 182  TRP A CH2 1 
ATOM   821  N  N   . THR A 1 104 ? 8.860   7.584   8.288   1.00 8.61  ? 183  THR A N   1 
ATOM   822  C  CA  . THR A 1 104 ? 10.313  7.459   8.182   1.00 8.62  ? 183  THR A CA  1 
ATOM   823  C  C   . THR A 1 104 ? 10.761  6.520   7.072   1.00 8.16  ? 183  THR A C   1 
ATOM   824  O  O   . THR A 1 104 ? 9.948   5.870   6.415   1.00 6.24  ? 183  THR A O   1 
ATOM   825  C  CB  . THR A 1 104 ? 10.910  6.873   9.467   1.00 8.41  ? 183  THR A CB  1 
ATOM   826  O  OG1 . THR A 1 104 ? 10.628  5.466   9.512   1.00 7.37  ? 183  THR A OG1 1 
ATOM   827  C  CG2 . THR A 1 104 ? 10.314  7.534   10.696  1.00 10.27 ? 183  THR A CG2 1 
ATOM   828  N  N   . ASN A 1 105 ? 12.076  6.451   6.891   1.00 8.41  ? 184  ASN A N   1 
ATOM   829  C  CA  . ASN A 1 105 ? 12.691  5.553   5.922   1.00 11.51 ? 184  ASN A CA  1 
ATOM   830  C  C   . ASN A 1 105 ? 13.706  4.734   6.715   1.00 11.50 ? 184  ASN A C   1 
ATOM   831  O  O   . ASN A 1 105 ? 14.757  4.343   6.203   1.00 11.00 ? 184  ASN A O   1 
ATOM   832  C  CB  . ASN A 1 105 ? 13.404  6.320   4.806   1.00 14.21 ? 184  ASN A CB  1 
ATOM   833  C  CG  . ASN A 1 105 ? 14.608  7.107   5.302   1.00 17.96 ? 184  ASN A CG  1 
ATOM   834  O  OD1 . ASN A 1 105 ? 15.458  7.519   4.511   1.00 22.54 ? 184  ASN A OD1 1 
ATOM   835  N  ND2 . ASN A 1 105 ? 14.679  7.328   6.608   1.00 19.87 ? 184  ASN A ND2 1 
ATOM   836  N  N   . THR A 1 106 ? 13.385  4.503   7.983   1.00 10.73 ? 185  THR A N   1 
ATOM   837  C  CA  . THR A 1 106 ? 14.248  3.730   8.871   1.00 10.41 ? 185  THR A CA  1 
ATOM   838  C  C   . THR A 1 106 ? 13.396  2.730   9.638   1.00 9.22  ? 185  THR A C   1 
ATOM   839  O  O   . THR A 1 106 ? 12.229  2.511   9.304   1.00 9.43  ? 185  THR A O   1 
ATOM   840  C  CB  . THR A 1 106 ? 14.957  4.637   9.892   1.00 10.76 ? 185  THR A CB  1 
ATOM   841  O  OG1 . THR A 1 106 ? 13.990  5.185   10.799  1.00 8.80  ? 185  THR A OG1 1 
ATOM   842  C  CG2 . THR A 1 106 ? 15.678  5.769   9.176   1.00 9.83  ? 185  THR A CG2 1 
ATOM   843  N  N   . SER A 1 107 ? 13.975  2.123   10.668  1.00 9.29  ? 186  SER A N   1 
ATOM   844  C  CA  . SER A 1 107 ? 13.230  1.168   11.477  1.00 8.82  ? 186  SER A CA  1 
ATOM   845  C  C   . SER A 1 107 ? 12.370  1.938   12.470  1.00 9.83  ? 186  SER A C   1 
ATOM   846  O  O   . SER A 1 107 ? 11.522  1.358   13.151  1.00 6.29  ? 186  SER A O   1 
ATOM   847  C  CB  . SER A 1 107 ? 14.184  0.229   12.222  1.00 11.18 ? 186  SER A CB  1 
ATOM   848  O  OG  . SER A 1 107 ? 15.073  0.957   13.052  1.00 13.29 ? 186  SER A OG  1 
ATOM   849  N  N   . ALA A 1 108 ? 12.598  3.250   12.537  1.00 11.54 ? 187  ALA A N   1 
ATOM   850  C  CA  . ALA A 1 108 ? 11.850  4.123   13.435  1.00 12.65 ? 187  ALA A CA  1 
ATOM   851  C  C   . ALA A 1 108 ? 10.384  3.992   13.087  1.00 12.61 ? 187  ALA A C   1 
ATOM   852  O  O   . ALA A 1 108 ? 10.016  3.960   11.914  1.00 12.21 ? 187  ALA A O   1 
ATOM   853  C  CB  . ALA A 1 108 ? 12.298  5.561   13.271  1.00 11.37 ? 187  ALA A CB  1 
ATOM   854  N  N   . ASN A 1 109 ? 9.547   3.940   14.112  1.00 14.57 ? 188  ASN A N   1 
ATOM   855  C  CA  . ASN A 1 109 ? 8.128   3.750   13.902  1.00 15.37 ? 188  ASN A CA  1 
ATOM   856  C  C   . ASN A 1 109 ? 7.472   4.343   12.688  1.00 16.99 ? 188  ASN A C   1 
ATOM   857  O  O   . ASN A 1 109 ? 7.497   5.549   12.442  1.00 17.82 ? 188  ASN A O   1 
ATOM   858  C  CB  . ASN A 1 109 ? 7.335   4.137   15.142  1.00 15.88 ? 188  ASN A CB  1 
ATOM   859  C  CG  . ASN A 1 109 ? 6.943   2.930   15.948  1.00 16.26 ? 188  ASN A CG  1 
ATOM   860  O  OD1 . ASN A 1 109 ? 7.066   1.803   15.469  1.00 16.85 ? 188  ASN A OD1 1 
ATOM   861  N  ND2 . ASN A 1 109 ? 6.460   3.147   17.164  1.00 16.94 ? 188  ASN A ND2 1 
ATOM   862  N  N   . TYR A 1 110 ? 6.885   3.430   11.923  1.00 15.95 ? 189  TYR A N   1 
ATOM   863  C  CA  . TYR A 1 110 ? 6.144   3.739   10.720  1.00 11.38 ? 189  TYR A CA  1 
ATOM   864  C  C   . TYR A 1 110 ? 6.991   4.130   9.529   1.00 8.49  ? 189  TYR A C   1 
ATOM   865  O  O   . TYR A 1 110 ? 7.079   5.285   9.106   1.00 4.67  ? 189  TYR A O   1 
ATOM   866  C  CB  . TYR A 1 110 ? 5.077   4.772   11.045  1.00 11.11 ? 189  TYR A CB  1 
ATOM   867  C  CG  . TYR A 1 110 ? 4.388   4.427   12.343  1.00 8.35  ? 189  TYR A CG  1 
ATOM   868  C  CD1 . TYR A 1 110 ? 3.916   5.427   13.182  1.00 7.03  ? 189  TYR A CD1 1 
ATOM   869  C  CD2 . TYR A 1 110 ? 4.282   3.097   12.773  1.00 7.47  ? 189  TYR A CD2 1 
ATOM   870  C  CE1 . TYR A 1 110 ? 3.367   5.125   14.417  1.00 7.26  ? 189  TYR A CE1 1 
ATOM   871  C  CE2 . TYR A 1 110 ? 3.731   2.781   14.012  1.00 6.44  ? 189  TYR A CE2 1 
ATOM   872  C  CZ  . TYR A 1 110 ? 3.280   3.806   14.830  1.00 6.24  ? 189  TYR A CZ  1 
ATOM   873  O  OH  . TYR A 1 110 ? 2.774   3.527   16.075  1.00 6.91  ? 189  TYR A OH  1 
ATOM   874  N  N   . ASN A 1 111 ? 7.622   3.094   9.007   1.00 5.96  ? 190  ASN A N   1 
ATOM   875  C  CA  . ASN A 1 111 ? 8.445   3.164   7.826   1.00 5.08  ? 190  ASN A CA  1 
ATOM   876  C  C   . ASN A 1 111 ? 7.424   3.251   6.686   1.00 5.17  ? 190  ASN A C   1 
ATOM   877  O  O   . ASN A 1 111 ? 6.614   2.342   6.501   1.00 4.99  ? 190  ASN A O   1 
ATOM   878  C  CB  . ASN A 1 111 ? 9.257   1.880   7.740   1.00 4.23  ? 190  ASN A CB  1 
ATOM   879  C  CG  . ASN A 1 111 ? 10.061  1.785   6.479   1.00 4.34  ? 190  ASN A CG  1 
ATOM   880  O  OD1 . ASN A 1 111 ? 9.532   1.465   5.421   1.00 4.90  ? 190  ASN A OD1 1 
ATOM   881  N  ND2 . ASN A 1 111 ? 11.352  2.072   6.580   1.00 3.30  ? 190  ASN A ND2 1 
ATOM   882  N  N   . LEU A 1 112 ? 7.443   4.349   5.941   1.00 5.29  ? 191  LEU A N   1 
ATOM   883  C  CA  . LEU A 1 112 ? 6.494   4.537   4.850   1.00 4.75  ? 191  LEU A CA  1 
ATOM   884  C  C   . LEU A 1 112 ? 6.497   3.396   3.835   1.00 5.00  ? 191  LEU A C   1 
ATOM   885  O  O   . LEU A 1 112 ? 5.441   2.906   3.444   1.00 4.35  ? 191  LEU A O   1 
ATOM   886  C  CB  . LEU A 1 112 ? 6.758   5.867   4.140   1.00 3.77  ? 191  LEU A CB  1 
ATOM   887  C  CG  . LEU A 1 112 ? 5.800   6.214   2.994   1.00 4.63  ? 191  LEU A CG  1 
ATOM   888  C  CD1 . LEU A 1 112 ? 4.353   6.179   3.484   1.00 4.84  ? 191  LEU A CD1 1 
ATOM   889  C  CD2 . LEU A 1 112 ? 6.142   7.599   2.453   1.00 5.76  ? 191  LEU A CD2 1 
ATOM   890  N  N   . PHE A 1 113 ? 7.685   2.977   3.415   1.00 4.52  ? 192  PHE A N   1 
ATOM   891  C  CA  . PHE A 1 113 ? 7.817   1.892   2.452   1.00 5.83  ? 192  PHE A CA  1 
ATOM   892  C  C   . PHE A 1 113 ? 7.059   0.643   2.890   1.00 5.25  ? 192  PHE A C   1 
ATOM   893  O  O   . PHE A 1 113 ? 6.268   0.092   2.131   1.00 5.29  ? 192  PHE A O   1 
ATOM   894  C  CB  . PHE A 1 113 ? 9.295   1.555   2.256   1.00 4.54  ? 192  PHE A CB  1 
ATOM   895  C  CG  . PHE A 1 113 ? 9.537   0.192   1.682   1.00 5.29  ? 192  PHE A CG  1 
ATOM   896  C  CD1 . PHE A 1 113 ? 9.221   -0.089  0.357   1.00 5.31  ? 192  PHE A CD1 1 
ATOM   897  C  CD2 . PHE A 1 113 ? 10.081  -0.818  2.473   1.00 6.02  ? 192  PHE A CD2 1 
ATOM   898  C  CE1 . PHE A 1 113 ? 9.444   -1.362  -0.179  1.00 5.25  ? 192  PHE A CE1 1 
ATOM   899  C  CE2 . PHE A 1 113 ? 10.308  -2.094  1.950   1.00 7.24  ? 192  PHE A CE2 1 
ATOM   900  C  CZ  . PHE A 1 113 ? 9.990   -2.364  0.623   1.00 6.21  ? 192  PHE A CZ  1 
ATOM   901  N  N   . LEU A 1 114 ? 7.297   0.204   4.119   1.00 6.42  ? 193  LEU A N   1 
ATOM   902  C  CA  . LEU A 1 114 ? 6.636   -0.991  4.627   1.00 5.61  ? 193  LEU A CA  1 
ATOM   903  C  C   . LEU A 1 114 ? 5.121   -0.821  4.704   1.00 5.51  ? 193  LEU A C   1 
ATOM   904  O  O   . LEU A 1 114 ? 4.368   -1.687  4.251   1.00 5.09  ? 193  LEU A O   1 
ATOM   905  C  CB  . LEU A 1 114 ? 7.194   -1.368  6.000   1.00 6.73  ? 193  LEU A CB  1 
ATOM   906  C  CG  . LEU A 1 114 ? 6.548   -2.604  6.632   1.00 7.64  ? 193  LEU A CG  1 
ATOM   907  C  CD1 . LEU A 1 114 ? 6.651   -3.791  5.685   1.00 7.31  ? 193  LEU A CD1 1 
ATOM   908  C  CD2 . LEU A 1 114 ? 7.232   -2.919  7.958   1.00 6.15  ? 193  LEU A CD2 1 
ATOM   909  N  N   . VAL A 1 115 ? 4.670   0.300   5.260   1.00 4.53  ? 194  VAL A N   1 
ATOM   910  C  CA  . VAL A 1 115 ? 3.242   0.548   5.364   1.00 4.65  ? 194  VAL A CA  1 
ATOM   911  C  C   . VAL A 1 115 ? 2.600   0.559   3.975   1.00 4.08  ? 194  VAL A C   1 
ATOM   912  O  O   . VAL A 1 115 ? 1.579   -0.087  3.756   1.00 3.29  ? 194  VAL A O   1 
ATOM   913  C  CB  . VAL A 1 115 ? 2.947   1.885   6.087   1.00 5.21  ? 194  VAL A CB  1 
ATOM   914  C  CG1 . VAL A 1 115 ? 1.456   2.189   6.036   1.00 7.67  ? 194  VAL A CG1 1 
ATOM   915  C  CG2 . VAL A 1 115 ? 3.391   1.793   7.548   1.00 5.18  ? 194  VAL A CG2 1 
ATOM   916  N  N   . ALA A 1 116 ? 3.207   1.281   3.035   1.00 3.73  ? 195  ALA A N   1 
ATOM   917  C  CA  . ALA A 1 116 ? 2.673   1.347   1.678   1.00 2.55  ? 195  ALA A CA  1 
ATOM   918  C  C   . ALA A 1 116 ? 2.661   -0.022  0.997   1.00 2.54  ? 195  ALA A C   1 
ATOM   919  O  O   . ALA A 1 116 ? 1.708   -0.363  0.309   1.00 1.80  ? 195  ALA A O   1 
ATOM   920  C  CB  . ALA A 1 116 ? 3.473   2.335   0.846   1.00 1.04  ? 195  ALA A CB  1 
ATOM   921  N  N   . ALA A 1 117 ? 3.715   -0.809  1.177   1.00 2.08  ? 196  ALA A N   1 
ATOM   922  C  CA  . ALA A 1 117 ? 3.745   -2.126  0.546   1.00 3.17  ? 196  ALA A CA  1 
ATOM   923  C  C   . ALA A 1 117 ? 2.558   -2.950  1.049   1.00 3.64  ? 196  ALA A C   1 
ATOM   924  O  O   . ALA A 1 117 ? 1.889   -3.638  0.277   1.00 2.47  ? 196  ALA A O   1 
ATOM   925  C  CB  . ALA A 1 117 ? 5.069   -2.836  0.861   1.00 5.93  ? 196  ALA A CB  1 
ATOM   926  N  N   . HIS A 1 118 ? 2.298   -2.878  2.349   1.00 3.57  ? 197  HIS A N   1 
ATOM   927  C  CA  . HIS A 1 118 ? 1.184   -3.605  2.941   1.00 4.63  ? 197  HIS A CA  1 
ATOM   928  C  C   . HIS A 1 118 ? -0.130  -3.098  2.353   1.00 3.78  ? 197  HIS A C   1 
ATOM   929  O  O   . HIS A 1 118 ? -0.947  -3.876  1.874   1.00 2.59  ? 197  HIS A O   1 
ATOM   930  C  CB  . HIS A 1 118 ? 1.180   -3.404  4.457   1.00 2.66  ? 197  HIS A CB  1 
ATOM   931  C  CG  . HIS A 1 118 ? 0.037   -4.068  5.160   1.00 3.41  ? 197  HIS A CG  1 
ATOM   932  N  ND1 . HIS A 1 118 ? 0.101   -5.363  5.629   1.00 1.75  ? 197  HIS A ND1 1 
ATOM   933  C  CD2 . HIS A 1 118 ? -1.191  -3.609  5.491   1.00 3.88  ? 197  HIS A CD2 1 
ATOM   934  C  CE1 . HIS A 1 118 ? -1.039  -5.672  6.219   1.00 5.72  ? 197  HIS A CE1 1 
ATOM   935  N  NE2 . HIS A 1 118 ? -1.841  -4.625  6.150   1.00 5.41  ? 197  HIS A NE2 1 
ATOM   936  N  N   . GLU A 1 119 ? -0.327  -1.783  2.389   1.00 2.94  ? 198  GLU A N   1 
ATOM   937  C  CA  . GLU A 1 119 ? -1.552  -1.190  1.871   1.00 1.99  ? 198  GLU A CA  1 
ATOM   938  C  C   . GLU A 1 119 ? -1.805  -1.530  0.405   1.00 3.02  ? 198  GLU A C   1 
ATOM   939  O  O   . GLU A 1 119 ? -2.940  -1.808  0.015   1.00 3.70  ? 198  GLU A O   1 
ATOM   940  C  CB  . GLU A 1 119 ? -1.522  0.330   2.054   1.00 2.62  ? 198  GLU A CB  1 
ATOM   941  C  CG  . GLU A 1 119 ? -1.549  0.793   3.511   1.00 5.31  ? 198  GLU A CG  1 
ATOM   942  C  CD  . GLU A 1 119 ? -2.621  0.106   4.348   1.00 5.64  ? 198  GLU A CD  1 
ATOM   943  O  OE1 . GLU A 1 119 ? -3.741  -0.119  3.839   1.00 5.55  ? 198  GLU A OE1 1 
ATOM   944  O  OE2 . GLU A 1 119 ? -2.346  -0.192  5.530   1.00 4.15  ? 198  GLU A OE2 1 
ATOM   945  N  N   . PHE A 1 120 ? -0.750  -1.517  -0.407  1.00 2.99  ? 199  PHE A N   1 
ATOM   946  C  CA  . PHE A 1 120 ? -0.911  -1.830  -1.822  1.00 3.22  ? 199  PHE A CA  1 
ATOM   947  C  C   . PHE A 1 120 ? -1.386  -3.263  -2.017  1.00 3.11  ? 199  PHE A C   1 
ATOM   948  O  O   . PHE A 1 120 ? -2.004  -3.584  -3.031  1.00 2.73  ? 199  PHE A O   1 
ATOM   949  C  CB  . PHE A 1 120 ? 0.389   -1.571  -2.592  1.00 3.88  ? 199  PHE A CB  1 
ATOM   950  C  CG  . PHE A 1 120 ? 0.785   -0.119  -2.635  1.00 4.50  ? 199  PHE A CG  1 
ATOM   951  C  CD1 . PHE A 1 120 ? -0.172  0.884   -2.485  1.00 5.00  ? 199  PHE A CD1 1 
ATOM   952  C  CD2 . PHE A 1 120 ? 2.110   0.248   -2.853  1.00 6.74  ? 199  PHE A CD2 1 
ATOM   953  C  CE1 . PHE A 1 120 ? 0.186   2.227   -2.551  1.00 5.50  ? 199  PHE A CE1 1 
ATOM   954  C  CE2 . PHE A 1 120 ? 2.478   1.591   -2.922  1.00 4.53  ? 199  PHE A CE2 1 
ATOM   955  C  CZ  . PHE A 1 120 ? 1.512   2.583   -2.769  1.00 5.93  ? 199  PHE A CZ  1 
ATOM   956  N  N   . GLY A 1 121 ? -1.103  -4.123  -1.040  1.00 4.51  ? 200  GLY A N   1 
ATOM   957  C  CA  . GLY A 1 121 ? -1.566  -5.495  -1.125  1.00 3.64  ? 200  GLY A CA  1 
ATOM   958  C  C   . GLY A 1 121 ? -3.078  -5.417  -1.149  1.00 4.15  ? 200  GLY A C   1 
ATOM   959  O  O   . GLY A 1 121 ? -3.740  -6.118  -1.909  1.00 2.62  ? 200  GLY A O   1 
ATOM   960  N  N   . HIS A 1 122 ? -3.624  -4.546  -0.306  1.00 1.81  ? 201  HIS A N   1 
ATOM   961  C  CA  . HIS A 1 122 ? -5.060  -4.338  -0.246  1.00 3.46  ? 201  HIS A CA  1 
ATOM   962  C  C   . HIS A 1 122 ? -5.553  -3.681  -1.532  1.00 3.22  ? 201  HIS A C   1 
ATOM   963  O  O   . HIS A 1 122 ? -6.594  -4.056  -2.055  1.00 3.16  ? 201  HIS A O   1 
ATOM   964  C  CB  . HIS A 1 122 ? -5.427  -3.464  0.951   1.00 3.41  ? 201  HIS A CB  1 
ATOM   965  C  CG  . HIS A 1 122 ? -5.228  -4.140  2.271   1.00 5.43  ? 201  HIS A CG  1 
ATOM   966  N  ND1 . HIS A 1 122 ? -5.741  -5.388  2.552   1.00 5.79  ? 201  HIS A ND1 1 
ATOM   967  C  CD2 . HIS A 1 122 ? -4.602  -3.726  3.396   1.00 6.22  ? 201  HIS A CD2 1 
ATOM   968  C  CE1 . HIS A 1 122 ? -5.444  -5.713  3.796   1.00 8.55  ? 201  HIS A CE1 1 
ATOM   969  N  NE2 . HIS A 1 122 ? -4.754  -4.722  4.332   1.00 7.59  ? 201  HIS A NE2 1 
ATOM   970  N  N   . SER A 1 123 ? -4.798  -2.707  -2.036  1.00 1.99  ? 202  SER A N   1 
ATOM   971  C  CA  . SER A 1 123 ? -5.161  -2.014  -3.273  1.00 2.64  ? 202  SER A CA  1 
ATOM   972  C  C   . SER A 1 123 ? -5.246  -3.009  -4.423  1.00 4.09  ? 202  SER A C   1 
ATOM   973  O  O   . SER A 1 123 ? -5.935  -2.771  -5.415  1.00 1.86  ? 202  SER A O   1 
ATOM   974  C  CB  . SER A 1 123 ? -4.115  -0.950  -3.634  1.00 1.96  ? 202  SER A CB  1 
ATOM   975  O  OG  . SER A 1 123 ? -4.067  0.108   -2.694  1.00 4.98  ? 202  SER A OG  1 
ATOM   976  N  N   . LEU A 1 124 ? -4.545  -4.128  -4.279  1.00 3.56  ? 203  LEU A N   1 
ATOM   977  C  CA  . LEU A 1 124 ? -4.516  -5.135  -5.326  1.00 4.63  ? 203  LEU A CA  1 
ATOM   978  C  C   . LEU A 1 124 ? -5.476  -6.300  -5.115  1.00 4.26  ? 203  LEU A C   1 
ATOM   979  O  O   . LEU A 1 124 ? -5.582  -7.179  -5.966  1.00 5.46  ? 203  LEU A O   1 
ATOM   980  C  CB  . LEU A 1 124 ? -3.084  -5.649  -5.497  1.00 4.20  ? 203  LEU A CB  1 
ATOM   981  C  CG  . LEU A 1 124 ? -2.064  -4.571  -5.883  1.00 6.46  ? 203  LEU A CG  1 
ATOM   982  C  CD1 . LEU A 1 124 ? -0.657  -5.153  -5.855  1.00 6.41  ? 203  LEU A CD1 1 
ATOM   983  C  CD2 . LEU A 1 124 ? -2.389  -4.016  -7.264  1.00 6.46  ? 203  LEU A CD2 1 
ATOM   984  N  N   . GLY A 1 125 ? -6.167  -6.315  -3.980  1.00 5.66  ? 204  GLY A N   1 
ATOM   985  C  CA  . GLY A 1 125 ? -7.124  -7.371  -3.732  1.00 5.09  ? 204  GLY A CA  1 
ATOM   986  C  C   . GLY A 1 125 ? -6.766  -8.431  -2.715  1.00 6.07  ? 204  GLY A C   1 
ATOM   987  O  O   . GLY A 1 125 ? -7.463  -9.433  -2.600  1.00 6.08  ? 204  GLY A O   1 
ATOM   988  N  N   . LEU A 1 126 ? -5.688  -8.227  -1.972  1.00 7.04  ? 205  LEU A N   1 
ATOM   989  C  CA  . LEU A 1 126 ? -5.299  -9.208  -0.973  1.00 7.87  ? 205  LEU A CA  1 
ATOM   990  C  C   . LEU A 1 126 ? -5.881  -8.867  0.385   1.00 9.27  ? 205  LEU A C   1 
ATOM   991  O  O   . LEU A 1 126 ? -6.076  -7.695  0.720   1.00 10.22 ? 205  LEU A O   1 
ATOM   992  C  CB  . LEU A 1 126 ? -3.772  -9.303  -0.867  1.00 10.23 ? 205  LEU A CB  1 
ATOM   993  C  CG  . LEU A 1 126 ? -3.076  -10.170 -1.914  1.00 12.19 ? 205  LEU A CG  1 
ATOM   994  C  CD1 . LEU A 1 126 ? -1.585  -10.206 -1.657  1.00 14.41 ? 205  LEU A CD1 1 
ATOM   995  C  CD2 . LEU A 1 126 ? -3.650  -11.574 -1.856  1.00 17.14 ? 205  LEU A CD2 1 
ATOM   996  N  N   . ALA A 1 127 ? -6.170  -9.907  1.156   1.00 10.38 ? 206  ALA A N   1 
ATOM   997  C  CA  . ALA A 1 127 ? -6.709  -9.739  2.494   1.00 10.80 ? 206  ALA A CA  1 
ATOM   998  C  C   . ALA A 1 127 ? -5.559  -10.003 3.449   1.00 10.11 ? 206  ALA A C   1 
ATOM   999  O  O   . ALA A 1 127 ? -4.444  -10.295 3.019   1.00 11.40 ? 206  ALA A O   1 
ATOM   1000 C  CB  . ALA A 1 127 ? -7.829  -10.732 2.734   1.00 11.21 ? 206  ALA A CB  1 
ATOM   1001 N  N   . HIS A 1 128 ? -5.821  -9.890  4.744   1.00 9.23  ? 207  HIS A N   1 
ATOM   1002 C  CA  . HIS A 1 128 ? -4.782  -10.150 5.728   1.00 8.14  ? 207  HIS A CA  1 
ATOM   1003 C  C   . HIS A 1 128 ? -4.441  -11.627 5.714   1.00 7.85  ? 207  HIS A C   1 
ATOM   1004 O  O   . HIS A 1 128 ? -5.244  -12.462 5.292   1.00 8.47  ? 207  HIS A O   1 
ATOM   1005 C  CB  . HIS A 1 128 ? -5.252  -9.731  7.117   1.00 9.33  ? 207  HIS A CB  1 
ATOM   1006 C  CG  . HIS A 1 128 ? -5.146  -8.260  7.365   1.00 8.18  ? 207  HIS A CG  1 
ATOM   1007 N  ND1 . HIS A 1 128 ? -5.819  -7.627  8.387   1.00 9.04  ? 207  HIS A ND1 1 
ATOM   1008 C  CD2 . HIS A 1 128 ? -4.428  -7.301  6.736   1.00 9.22  ? 207  HIS A CD2 1 
ATOM   1009 C  CE1 . HIS A 1 128 ? -5.520  -6.341  8.377   1.00 9.45  ? 207  HIS A CE1 1 
ATOM   1010 N  NE2 . HIS A 1 128 ? -4.677  -6.119  7.387   1.00 9.96  ? 207  HIS A NE2 1 
ATOM   1011 N  N   . SER A 1 129 ? -3.233  -11.939 6.162   1.00 7.49  ? 208  SER A N   1 
ATOM   1012 C  CA  . SER A 1 129 ? -2.751  -13.310 6.215   1.00 5.80  ? 208  SER A CA  1 
ATOM   1013 C  C   . SER A 1 129 ? -2.455  -13.693 7.652   1.00 7.75  ? 208  SER A C   1 
ATOM   1014 O  O   . SER A 1 129 ? -2.056  -12.853 8.452   1.00 8.13  ? 208  SER A O   1 
ATOM   1015 C  CB  . SER A 1 129 ? -1.478  -13.440 5.388   1.00 6.04  ? 208  SER A CB  1 
ATOM   1016 O  OG  . SER A 1 129 ? -0.805  -14.659 5.651   1.00 6.09  ? 208  SER A OG  1 
ATOM   1017 N  N   . SER A 1 130 ? -2.645  -14.969 7.975   1.00 7.75  ? 209  SER A N   1 
ATOM   1018 C  CA  . SER A 1 130 ? -2.384  -15.448 9.322   1.00 9.82  ? 209  SER A CA  1 
ATOM   1019 C  C   . SER A 1 130 ? -0.903  -15.780 9.519   1.00 9.62  ? 209  SER A C   1 
ATOM   1020 O  O   . SER A 1 130 ? -0.454  -15.998 10.645  1.00 9.48  ? 209  SER A O   1 
ATOM   1021 C  CB  . SER A 1 130 ? -3.242  -16.682 9.607   1.00 11.35 ? 209  SER A CB  1 
ATOM   1022 O  OG  . SER A 1 130 ? -3.013  -17.684 8.634   1.00 16.01 ? 209  SER A OG  1 
ATOM   1023 N  N   . ASP A 1 131 ? -0.147  -15.824 8.423   1.00 8.89  ? 210  ASP A N   1 
ATOM   1024 C  CA  . ASP A 1 131 ? 1.287   -16.119 8.495   1.00 8.39  ? 210  ASP A CA  1 
ATOM   1025 C  C   . ASP A 1 131 ? 1.958   -14.914 9.151   1.00 8.56  ? 210  ASP A C   1 
ATOM   1026 O  O   . ASP A 1 131 ? 1.977   -13.822 8.585   1.00 6.82  ? 210  ASP A O   1 
ATOM   1027 C  CB  . ASP A 1 131 ? 1.852   -16.325 7.084   1.00 8.42  ? 210  ASP A CB  1 
ATOM   1028 C  CG  . ASP A 1 131 ? 3.252   -16.907 7.091   1.00 8.98  ? 210  ASP A CG  1 
ATOM   1029 O  OD1 . ASP A 1 131 ? 4.104   -16.428 7.869   1.00 11.78 ? 210  ASP A OD1 1 
ATOM   1030 O  OD2 . ASP A 1 131 ? 3.506   -17.840 6.303   1.00 11.85 ? 210  ASP A OD2 1 
ATOM   1031 N  N   . PRO A 1 132 ? 2.526   -15.096 10.357  1.00 8.13  ? 211  PRO A N   1 
ATOM   1032 C  CA  . PRO A 1 132 ? 3.178   -13.975 11.042  1.00 7.81  ? 211  PRO A CA  1 
ATOM   1033 C  C   . PRO A 1 132 ? 4.362   -13.358 10.304  1.00 6.88  ? 211  PRO A C   1 
ATOM   1034 O  O   . PRO A 1 132 ? 4.800   -12.256 10.639  1.00 8.24  ? 211  PRO A O   1 
ATOM   1035 C  CB  . PRO A 1 132 ? 3.571   -14.582 12.388  1.00 7.68  ? 211  PRO A CB  1 
ATOM   1036 C  CG  . PRO A 1 132 ? 3.881   -16.001 12.020  1.00 10.54 ? 211  PRO A CG  1 
ATOM   1037 C  CD  . PRO A 1 132 ? 2.729   -16.354 11.097  1.00 9.44  ? 211  PRO A CD  1 
ATOM   1038 N  N   . GLY A 1 133 ? 4.874   -14.063 9.299   1.00 6.33  ? 212  GLY A N   1 
ATOM   1039 C  CA  . GLY A 1 133 ? 6.000   -13.547 8.547   1.00 7.38  ? 212  GLY A CA  1 
ATOM   1040 C  C   . GLY A 1 133 ? 5.570   -12.849 7.274   1.00 7.15  ? 212  GLY A C   1 
ATOM   1041 O  O   . GLY A 1 133 ? 6.385   -12.235 6.590   1.00 7.95  ? 212  GLY A O   1 
ATOM   1042 N  N   . ALA A 1 134 ? 4.278   -12.922 6.966   1.00 6.75  ? 213  ALA A N   1 
ATOM   1043 C  CA  . ALA A 1 134 ? 3.743   -12.316 5.752   1.00 6.13  ? 213  ALA A CA  1 
ATOM   1044 C  C   . ALA A 1 134 ? 3.644   -10.795 5.782   1.00 5.56  ? 213  ALA A C   1 
ATOM   1045 O  O   . ALA A 1 134 ? 3.402   -10.191 6.828   1.00 5.52  ? 213  ALA A O   1 
ATOM   1046 C  CB  . ALA A 1 134 ? 2.381   -12.901 5.462   1.00 7.19  ? 213  ALA A CB  1 
ATOM   1047 N  N   . LEU A 1 135 ? 3.835   -10.174 4.621   1.00 4.15  ? 214  LEU A N   1 
ATOM   1048 C  CA  . LEU A 1 135 ? 3.721   -8.723  4.528   1.00 3.86  ? 214  LEU A CA  1 
ATOM   1049 C  C   . LEU A 1 135 ? 2.289   -8.326  4.892   1.00 5.49  ? 214  LEU A C   1 
ATOM   1050 O  O   . LEU A 1 135 ? 2.056   -7.278  5.512   1.00 3.62  ? 214  LEU A O   1 
ATOM   1051 C  CB  . LEU A 1 135 ? 4.049   -8.248  3.105   1.00 2.08  ? 214  LEU A CB  1 
ATOM   1052 C  CG  . LEU A 1 135 ? 3.745   -6.774  2.801   1.00 2.55  ? 214  LEU A CG  1 
ATOM   1053 C  CD1 . LEU A 1 135 ? 4.439   -5.880  3.825   1.00 3.97  ? 214  LEU A CD1 1 
ATOM   1054 C  CD2 . LEU A 1 135 ? 4.190   -6.424  1.395   1.00 3.46  ? 214  LEU A CD2 1 
ATOM   1055 N  N   . MET A 1 136 ? 1.331   -9.176  4.524   1.00 5.97  ? 215  MET A N   1 
ATOM   1056 C  CA  . MET A 1 136 ? -0.078  -8.901  4.797   1.00 3.65  ? 215  MET A CA  1 
ATOM   1057 C  C   . MET A 1 136 ? -0.575  -9.340  6.177   1.00 5.40  ? 215  MET A C   1 
ATOM   1058 O  O   . MET A 1 136 ? -1.779  -9.409  6.408   1.00 4.95  ? 215  MET A O   1 
ATOM   1059 C  CB  . MET A 1 136 ? -0.965  -9.516  3.705   1.00 4.37  ? 215  MET A CB  1 
ATOM   1060 C  CG  . MET A 1 136 ? -0.666  -9.004  2.296   1.00 3.64  ? 215  MET A CG  1 
ATOM   1061 S  SD  . MET A 1 136 ? -0.644  -7.197  2.205   1.00 3.98  ? 215  MET A SD  1 
ATOM   1062 C  CE  . MET A 1 136 ? -2.326  -6.778  2.741   1.00 5.04  ? 215  MET A CE  1 
ATOM   1063 N  N   . TYR A 1 137 ? 0.348   -9.636  7.089   1.00 4.72  ? 216  TYR A N   1 
ATOM   1064 C  CA  . TYR A 1 137 ? -0.028  -10.012 8.449   1.00 5.24  ? 216  TYR A CA  1 
ATOM   1065 C  C   . TYR A 1 137 ? -0.709  -8.742  8.979   1.00 5.29  ? 216  TYR A C   1 
ATOM   1066 O  O   . TYR A 1 137 ? -0.373  -7.635  8.551   1.00 5.67  ? 216  TYR A O   1 
ATOM   1067 C  CB  . TYR A 1 137 ? 1.226   -10.338 9.263   1.00 5.11  ? 216  TYR A CB  1 
ATOM   1068 C  CG  . TYR A 1 137 ? 0.944   -10.866 10.646  1.00 5.99  ? 216  TYR A CG  1 
ATOM   1069 C  CD1 . TYR A 1 137 ? 0.315   -12.099 10.830  1.00 7.62  ? 216  TYR A CD1 1 
ATOM   1070 C  CD2 . TYR A 1 137 ? 1.313   -10.137 11.773  1.00 8.62  ? 216  TYR A CD2 1 
ATOM   1071 C  CE1 . TYR A 1 137 ? 0.060   -12.592 12.108  1.00 9.24  ? 216  TYR A CE1 1 
ATOM   1072 C  CE2 . TYR A 1 137 ? 1.066   -10.617 13.050  1.00 9.13  ? 216  TYR A CE2 1 
ATOM   1073 C  CZ  . TYR A 1 137 ? 0.440   -11.844 13.211  1.00 10.26 ? 216  TYR A CZ  1 
ATOM   1074 O  OH  . TYR A 1 137 ? 0.213   -12.332 14.477  1.00 10.55 ? 216  TYR A OH  1 
ATOM   1075 N  N   . PRO A 1 138 ? -1.666  -8.874  9.914   1.00 5.80  ? 217  PRO A N   1 
ATOM   1076 C  CA  . PRO A 1 138 ? -2.367  -7.697  10.447  1.00 4.73  ? 217  PRO A CA  1 
ATOM   1077 C  C   . PRO A 1 138 ? -1.596  -6.673  11.278  1.00 5.18  ? 217  PRO A C   1 
ATOM   1078 O  O   . PRO A 1 138 ? -2.010  -5.513  11.359  1.00 4.33  ? 217  PRO A O   1 
ATOM   1079 C  CB  . PRO A 1 138 ? -3.507  -8.311  11.265  1.00 4.33  ? 217  PRO A CB  1 
ATOM   1080 C  CG  . PRO A 1 138 ? -3.708  -9.658  10.644  1.00 6.23  ? 217  PRO A CG  1 
ATOM   1081 C  CD  . PRO A 1 138 ? -2.299  -10.112 10.399  1.00 5.10  ? 217  PRO A CD  1 
ATOM   1082 N  N   . ASN A 1 139 ? -0.496  -7.085  11.901  1.00 5.04  ? 218  ASN A N   1 
ATOM   1083 C  CA  . ASN A 1 139 ? 0.265   -6.181  12.758  1.00 5.34  ? 218  ASN A CA  1 
ATOM   1084 C  C   . ASN A 1 139 ? 1.617   -5.747  12.221  1.00 5.84  ? 218  ASN A C   1 
ATOM   1085 O  O   . ASN A 1 139 ? 2.455   -6.571  11.867  1.00 5.77  ? 218  ASN A O   1 
ATOM   1086 C  CB  . ASN A 1 139 ? 0.458   -6.815  14.137  1.00 5.93  ? 218  ASN A CB  1 
ATOM   1087 C  CG  . ASN A 1 139 ? -0.804  -6.788  14.975  1.00 6.36  ? 218  ASN A CG  1 
ATOM   1088 O  OD1 . ASN A 1 139 ? -0.933  -7.538  15.942  1.00 10.95 ? 218  ASN A OD1 1 
ATOM   1089 N  ND2 . ASN A 1 139 ? -1.734  -5.915  14.618  1.00 7.11  ? 218  ASN A ND2 1 
ATOM   1090 N  N   . TYR A 1 140 ? 1.822   -4.435  12.190  1.00 5.96  ? 219  TYR A N   1 
ATOM   1091 C  CA  . TYR A 1 140 ? 3.062   -3.848  11.705  1.00 6.28  ? 219  TYR A CA  1 
ATOM   1092 C  C   . TYR A 1 140 ? 4.211   -4.049  12.681  1.00 7.14  ? 219  TYR A C   1 
ATOM   1093 O  O   . TYR A 1 140 ? 4.047   -3.923  13.897  1.00 5.68  ? 219  TYR A O   1 
ATOM   1094 C  CB  . TYR A 1 140 ? 2.849   -2.350  11.444  1.00 7.04  ? 219  TYR A CB  1 
ATOM   1095 C  CG  . TYR A 1 140 ? 4.107   -1.517  11.296  1.00 5.24  ? 219  TYR A CG  1 
ATOM   1096 C  CD1 . TYR A 1 140 ? 4.867   -1.158  12.410  1.00 5.94  ? 219  TYR A CD1 1 
ATOM   1097 C  CD2 . TYR A 1 140 ? 4.531   -1.074  10.043  1.00 4.63  ? 219  TYR A CD2 1 
ATOM   1098 C  CE1 . TYR A 1 140 ? 6.014   -0.378  12.281  1.00 5.96  ? 219  TYR A CE1 1 
ATOM   1099 C  CE2 . TYR A 1 140 ? 5.675   -0.296  9.903   1.00 5.88  ? 219  TYR A CE2 1 
ATOM   1100 C  CZ  . TYR A 1 140 ? 6.411   0.049   11.023  1.00 4.55  ? 219  TYR A CZ  1 
ATOM   1101 O  OH  . TYR A 1 140 ? 7.543   0.816   10.883  1.00 6.09  ? 219  TYR A OH  1 
ATOM   1102 N  N   . ALA A 1 141 ? 5.374   -4.365  12.122  1.00 6.86  ? 220  ALA A N   1 
ATOM   1103 C  CA  . ALA A 1 141 ? 6.598   -4.564  12.882  1.00 8.15  ? 220  ALA A CA  1 
ATOM   1104 C  C   . ALA A 1 141 ? 7.724   -4.540  11.857  1.00 8.24  ? 220  ALA A C   1 
ATOM   1105 O  O   . ALA A 1 141 ? 7.791   -5.402  10.983  1.00 8.71  ? 220  ALA A O   1 
ATOM   1106 C  CB  . ALA A 1 141 ? 6.568   -5.902  13.604  1.00 8.74  ? 220  ALA A CB  1 
ATOM   1107 N  N   . PHE A 1 142 ? 8.601   -3.550  11.949  1.00 9.80  ? 221  PHE A N   1 
ATOM   1108 C  CA  . PHE A 1 142 ? 9.693   -3.453  10.994  1.00 10.18 ? 221  PHE A CA  1 
ATOM   1109 C  C   . PHE A 1 142 ? 10.814  -4.426  11.329  1.00 10.50 ? 221  PHE A C   1 
ATOM   1110 O  O   . PHE A 1 142 ? 11.356  -4.395  12.433  1.00 12.11 ? 221  PHE A O   1 
ATOM   1111 C  CB  . PHE A 1 142 ? 10.256  -2.033  10.965  1.00 11.38 ? 221  PHE A CB  1 
ATOM   1112 C  CG  . PHE A 1 142 ? 11.131  -1.762  9.781   1.00 12.59 ? 221  PHE A CG  1 
ATOM   1113 C  CD1 . PHE A 1 142 ? 10.574  -1.555  8.526   1.00 11.74 ? 221  PHE A CD1 1 
ATOM   1114 C  CD2 . PHE A 1 142 ? 12.515  -1.753  9.910   1.00 13.17 ? 221  PHE A CD2 1 
ATOM   1115 C  CE1 . PHE A 1 142 ? 11.383  -1.342  7.410   1.00 12.76 ? 221  PHE A CE1 1 
ATOM   1116 C  CE2 . PHE A 1 142 ? 13.331  -1.542  8.803   1.00 13.49 ? 221  PHE A CE2 1 
ATOM   1117 C  CZ  . PHE A 1 142 ? 12.763  -1.337  7.551   1.00 12.20 ? 221  PHE A CZ  1 
ATOM   1118 N  N   . ARG A 1 143 ? 11.148  -5.285  10.368  1.00 10.51 ? 222  ARG A N   1 
ATOM   1119 C  CA  . ARG A 1 143 ? 12.224  -6.268  10.508  1.00 14.26 ? 222  ARG A CA  1 
ATOM   1120 C  C   . ARG A 1 143 ? 13.307  -5.918  9.487   1.00 15.42 ? 222  ARG A C   1 
ATOM   1121 O  O   . ARG A 1 143 ? 13.219  -6.307  8.323   1.00 16.26 ? 222  ARG A O   1 
ATOM   1122 C  CB  . ARG A 1 143 ? 11.708  -7.683  10.222  1.00 14.22 ? 222  ARG A CB  1 
ATOM   1123 C  CG  . ARG A 1 143 ? 10.800  -8.276  11.290  1.00 17.86 ? 222  ARG A CG  1 
ATOM   1124 C  CD  . ARG A 1 143 ? 10.111  -9.525  10.763  1.00 17.92 ? 222  ARG A CD  1 
ATOM   1125 N  NE  . ARG A 1 143 ? 8.798   -9.226  10.193  1.00 22.05 ? 222  ARG A NE  1 
ATOM   1126 C  CZ  . ARG A 1 143 ? 8.279   -9.840  9.135   1.00 21.55 ? 222  ARG A CZ  1 
ATOM   1127 N  NH1 . ARG A 1 143 ? 8.959   -10.794 8.513   1.00 25.25 ? 222  ARG A NH1 1 
ATOM   1128 N  NH2 . ARG A 1 143 ? 7.075   -9.507  8.702   1.00 24.23 ? 222  ARG A NH2 1 
ATOM   1129 N  N   . GLU A 1 144 ? 14.329  -5.193  9.928   1.00 17.40 ? 223  GLU A N   1 
ATOM   1130 C  CA  . GLU A 1 144 ? 15.420  -4.771  9.052   1.00 19.17 ? 223  GLU A CA  1 
ATOM   1131 C  C   . GLU A 1 144 ? 16.188  -5.936  8.430   1.00 19.26 ? 223  GLU A C   1 
ATOM   1132 O  O   . GLU A 1 144 ? 16.457  -6.940  9.088   1.00 19.29 ? 223  GLU A O   1 
ATOM   1133 C  CB  . GLU A 1 144 ? 16.381  -3.867  9.831   1.00 20.76 ? 223  GLU A CB  1 
ATOM   1134 C  CG  . GLU A 1 144 ? 17.098  -4.559  10.982  1.00 24.66 ? 223  GLU A CG  1 
ATOM   1135 C  CD  . GLU A 1 144 ? 17.697  -3.574  11.969  1.00 25.75 ? 223  GLU A CD  1 
ATOM   1136 O  OE1 . GLU A 1 144 ? 18.383  -2.628  11.528  1.00 29.14 ? 223  GLU A OE1 1 
ATOM   1137 O  OE2 . GLU A 1 144 ? 17.483  -3.744  13.188  1.00 26.90 ? 223  GLU A OE2 1 
ATOM   1138 N  N   . THR A 1 145 ? 16.538  -5.794  7.153   1.00 19.74 ? 224  THR A N   1 
ATOM   1139 C  CA  . THR A 1 145 ? 17.279  -6.827  6.437   1.00 20.37 ? 224  THR A CA  1 
ATOM   1140 C  C   . THR A 1 145 ? 18.137  -6.216  5.328   1.00 20.66 ? 224  THR A C   1 
ATOM   1141 O  O   . THR A 1 145 ? 18.133  -5.001  5.125   1.00 19.95 ? 224  THR A O   1 
ATOM   1142 C  CB  . THR A 1 145 ? 16.325  -7.870  5.808   1.00 20.74 ? 224  THR A CB  1 
ATOM   1143 O  OG1 . THR A 1 145 ? 17.091  -8.935  5.234   1.00 22.08 ? 224  THR A OG1 1 
ATOM   1144 C  CG2 . THR A 1 145 ? 15.472  -7.230  4.721   1.00 20.16 ? 224  THR A CG2 1 
ATOM   1145 N  N   . SER A 1 146 ? 18.874  -7.064  4.615   1.00 20.51 ? 225  SER A N   1 
ATOM   1146 C  CA  . SER A 1 146 ? 19.733  -6.608  3.529   1.00 20.78 ? 225  SER A CA  1 
ATOM   1147 C  C   . SER A 1 146 ? 18.927  -6.333  2.262   1.00 20.53 ? 225  SER A C   1 
ATOM   1148 O  O   . SER A 1 146 ? 18.840  -5.189  1.810   1.00 21.06 ? 225  SER A O   1 
ATOM   1149 C  CB  . SER A 1 146 ? 20.812  -7.655  3.240   1.00 21.65 ? 225  SER A CB  1 
ATOM   1150 O  OG  . SER A 1 146 ? 21.640  -7.855  4.377   1.00 27.06 ? 225  SER A OG  1 
ATOM   1151 N  N   . ASN A 1 147 ? 18.338  -7.383  1.693   1.00 18.95 ? 226  ASN A N   1 
ATOM   1152 C  CA  . ASN A 1 147 ? 17.531  -7.245  0.487   1.00 18.09 ? 226  ASN A CA  1 
ATOM   1153 C  C   . ASN A 1 147 ? 16.057  -7.470  0.799   1.00 16.62 ? 226  ASN A C   1 
ATOM   1154 O  O   . ASN A 1 147 ? 15.687  -8.492  1.373   1.00 16.93 ? 226  ASN A O   1 
ATOM   1155 C  CB  . ASN A 1 147 ? 17.983  -8.243  -0.579  1.00 19.40 ? 226  ASN A CB  1 
ATOM   1156 C  CG  . ASN A 1 147 ? 17.135  -8.173  -1.833  1.00 20.66 ? 226  ASN A CG  1 
ATOM   1157 O  OD1 . ASN A 1 147 ? 16.970  -7.104  -2.423  1.00 21.37 ? 226  ASN A OD1 1 
ATOM   1158 N  ND2 . ASN A 1 147 ? 16.589  -9.313  -2.248  1.00 22.79 ? 226  ASN A ND2 1 
ATOM   1159 N  N   . TYR A 1 148 ? 15.217  -6.518  0.409   1.00 15.43 ? 227  TYR A N   1 
ATOM   1160 C  CA  . TYR A 1 148 ? 13.789  -6.621  0.676   1.00 12.87 ? 227  TYR A CA  1 
ATOM   1161 C  C   . TYR A 1 148 ? 12.978  -7.213  -0.480  1.00 10.97 ? 227  TYR A C   1 
ATOM   1162 O  O   . TYR A 1 148 ? 13.010  -6.715  -1.608  1.00 9.51  ? 227  TYR A O   1 
ATOM   1163 C  CB  . TYR A 1 148 ? 13.229  -5.245  1.054   1.00 12.36 ? 227  TYR A CB  1 
ATOM   1164 C  CG  . TYR A 1 148 ? 13.785  -4.703  2.354   1.00 14.38 ? 227  TYR A CG  1 
ATOM   1165 C  CD1 . TYR A 1 148 ? 15.131  -4.355  2.469   1.00 16.77 ? 227  TYR A CD1 1 
ATOM   1166 C  CD2 . TYR A 1 148 ? 12.969  -4.567  3.478   1.00 14.87 ? 227  TYR A CD2 1 
ATOM   1167 C  CE1 . TYR A 1 148 ? 15.654  -3.888  3.678   1.00 16.19 ? 227  TYR A CE1 1 
ATOM   1168 C  CE2 . TYR A 1 148 ? 13.481  -4.101  4.689   1.00 16.07 ? 227  TYR A CE2 1 
ATOM   1169 C  CZ  . TYR A 1 148 ? 14.824  -3.766  4.781   1.00 17.05 ? 227  TYR A CZ  1 
ATOM   1170 O  OH  . TYR A 1 148 ? 15.335  -3.330  5.982   1.00 19.93 ? 227  TYR A OH  1 
ATOM   1171 N  N   . SER A 1 149 ? 12.253  -8.289  -0.187  1.00 8.50  ? 228  SER A N   1 
ATOM   1172 C  CA  . SER A 1 149 ? 11.416  -8.935  -1.189  1.00 7.57  ? 228  SER A CA  1 
ATOM   1173 C  C   . SER A 1 149 ? 10.199  -9.538  -0.505  1.00 7.36  ? 228  SER A C   1 
ATOM   1174 O  O   . SER A 1 149 ? 10.174  -9.724  0.711   1.00 6.76  ? 228  SER A O   1 
ATOM   1175 C  CB  . SER A 1 149 ? 12.191  -10.021 -1.946  1.00 6.27  ? 228  SER A CB  1 
ATOM   1176 O  OG  . SER A 1 149 ? 12.472  -11.142 -1.133  1.00 9.05  ? 228  SER A OG  1 
ATOM   1177 N  N   . LEU A 1 150 ? 9.188   -9.844  -1.301  1.00 7.23  ? 229  LEU A N   1 
ATOM   1178 C  CA  . LEU A 1 150 ? 7.943   -10.400 -0.801  1.00 8.13  ? 229  LEU A CA  1 
ATOM   1179 C  C   . LEU A 1 150 ? 8.089   -11.808 -0.209  1.00 7.55  ? 229  LEU A C   1 
ATOM   1180 O  O   . LEU A 1 150 ? 8.687   -12.690 -0.828  1.00 6.41  ? 229  LEU A O   1 
ATOM   1181 C  CB  . LEU A 1 150 ? 6.941   -10.425 -1.958  1.00 9.99  ? 229  LEU A CB  1 
ATOM   1182 C  CG  . LEU A 1 150 ? 5.472   -10.040 -1.800  1.00 13.43 ? 229  LEU A CG  1 
ATOM   1183 C  CD1 . LEU A 1 150 ? 5.326   -8.683  -1.130  1.00 9.94  ? 229  LEU A CD1 1 
ATOM   1184 C  CD2 . LEU A 1 150 ? 4.836   -10.028 -3.191  1.00 11.30 ? 229  LEU A CD2 1 
ATOM   1185 N  N   . PRO A 1 151 ? 7.582   -12.023 1.022   1.00 5.73  ? 230  PRO A N   1 
ATOM   1186 C  CA  . PRO A 1 151 ? 7.669   -13.353 1.631   1.00 4.25  ? 230  PRO A CA  1 
ATOM   1187 C  C   . PRO A 1 151 ? 6.905   -14.294 0.702   1.00 3.92  ? 230  PRO A C   1 
ATOM   1188 O  O   . PRO A 1 151 ? 6.007   -13.862 -0.021  1.00 3.39  ? 230  PRO A O   1 
ATOM   1189 C  CB  . PRO A 1 151 ? 6.953   -13.169 2.964   1.00 5.66  ? 230  PRO A CB  1 
ATOM   1190 C  CG  . PRO A 1 151 ? 7.315   -11.768 3.325   1.00 5.25  ? 230  PRO A CG  1 
ATOM   1191 C  CD  . PRO A 1 151 ? 7.137   -11.026 2.010   1.00 5.26  ? 230  PRO A CD  1 
ATOM   1192 N  N   . GLN A 1 152 ? 7.243   -15.575 0.727   1.00 3.14  ? 231  GLN A N   1 
ATOM   1193 C  CA  . GLN A 1 152 ? 6.575   -16.510 -0.160  1.00 4.97  ? 231  GLN A CA  1 
ATOM   1194 C  C   . GLN A 1 152 ? 5.057   -16.525 -0.007  1.00 2.78  ? 231  GLN A C   1 
ATOM   1195 O  O   . GLN A 1 152 ? 4.342   -16.707 -0.990  1.00 3.54  ? 231  GLN A O   1 
ATOM   1196 C  CB  . GLN A 1 152 ? 7.137   -17.920 0.034   1.00 5.76  ? 231  GLN A CB  1 
ATOM   1197 C  CG  . GLN A 1 152 ? 6.999   -18.780 -1.209  1.00 7.06  ? 231  GLN A CG  1 
ATOM   1198 C  CD  . GLN A 1 152 ? 7.879   -18.289 -2.349  1.00 8.78  ? 231  GLN A CD  1 
ATOM   1199 O  OE1 . GLN A 1 152 ? 7.505   -18.370 -3.519  1.00 11.37 ? 231  GLN A OE1 1 
ATOM   1200 N  NE2 . GLN A 1 152 ? 9.059   -17.788 -2.011  1.00 6.54  ? 231  GLN A NE2 1 
ATOM   1201 N  N   . ASP A 1 153 ? 4.559   -16.328 1.213   1.00 3.26  ? 232  ASP A N   1 
ATOM   1202 C  CA  . ASP A 1 153 ? 3.117   -16.337 1.432   1.00 4.26  ? 232  ASP A CA  1 
ATOM   1203 C  C   . ASP A 1 153 ? 2.428   -15.244 0.622   1.00 3.32  ? 232  ASP A C   1 
ATOM   1204 O  O   . ASP A 1 153 ? 1.345   -15.445 0.083   1.00 3.79  ? 232  ASP A O   1 
ATOM   1205 C  CB  . ASP A 1 153 ? 2.784   -16.130 2.913   1.00 6.58  ? 232  ASP A CB  1 
ATOM   1206 C  CG  . ASP A 1 153 ? 1.298   -16.268 3.192   1.00 8.18  ? 232  ASP A CG  1 
ATOM   1207 O  OD1 . ASP A 1 153 ? 0.782   -17.399 3.080   1.00 7.63  ? 232  ASP A OD1 1 
ATOM   1208 O  OD2 . ASP A 1 153 ? 0.646   -15.248 3.503   1.00 7.76  ? 232  ASP A OD2 1 
ATOM   1209 N  N   . ASP A 1 154 ? 3.063   -14.081 0.546   1.00 4.22  ? 233  ASP A N   1 
ATOM   1210 C  CA  . ASP A 1 154 ? 2.490   -12.968 -0.192  1.00 4.82  ? 233  ASP A CA  1 
ATOM   1211 C  C   . ASP A 1 154 ? 2.581   -13.206 -1.697  1.00 5.18  ? 233  ASP A C   1 
ATOM   1212 O  O   . ASP A 1 154 ? 1.730   -12.747 -2.463  1.00 5.63  ? 233  ASP A O   1 
ATOM   1213 C  CB  . ASP A 1 154 ? 3.191   -11.677 0.220   1.00 5.03  ? 233  ASP A CB  1 
ATOM   1214 C  CG  . ASP A 1 154 ? 3.080   -11.421 1.711   1.00 4.14  ? 233  ASP A CG  1 
ATOM   1215 O  OD1 . ASP A 1 154 ? 1.971   -11.083 2.181   1.00 5.23  ? 233  ASP A OD1 1 
ATOM   1216 O  OD2 . ASP A 1 154 ? 4.096   -11.582 2.418   1.00 4.35  ? 233  ASP A OD2 1 
ATOM   1217 N  N   . ILE A 1 155 ? 3.609   -13.931 -2.118  1.00 5.01  ? 234  ILE A N   1 
ATOM   1218 C  CA  . ILE A 1 155 ? 3.764   -14.253 -3.527  1.00 4.60  ? 234  ILE A CA  1 
ATOM   1219 C  C   . ILE A 1 155 ? 2.618   -15.200 -3.877  1.00 4.77  ? 234  ILE A C   1 
ATOM   1220 O  O   . ILE A 1 155 ? 1.984   -15.060 -4.921  1.00 5.85  ? 234  ILE A O   1 
ATOM   1221 C  CB  . ILE A 1 155 ? 5.120   -14.934 -3.796  1.00 5.38  ? 234  ILE A CB  1 
ATOM   1222 C  CG1 . ILE A 1 155 ? 6.237   -13.901 -3.632  1.00 4.69  ? 234  ILE A CG1 1 
ATOM   1223 C  CG2 . ILE A 1 155 ? 5.144   -15.538 -5.196  1.00 3.82  ? 234  ILE A CG2 1 
ATOM   1224 C  CD1 . ILE A 1 155 ? 7.636   -14.471 -3.725  1.00 8.06  ? 234  ILE A CD1 1 
ATOM   1225 N  N   . ASP A 1 156 ? 2.346   -16.160 -2.992  1.00 4.19  ? 235  ASP A N   1 
ATOM   1226 C  CA  . ASP A 1 156 ? 1.255   -17.099 -3.227  1.00 5.76  ? 235  ASP A CA  1 
ATOM   1227 C  C   . ASP A 1 156 ? -0.038  -16.315 -3.361  1.00 5.29  ? 235  ASP A C   1 
ATOM   1228 O  O   . ASP A 1 156 ? -0.879  -16.619 -4.207  1.00 6.95  ? 235  ASP A O   1 
ATOM   1229 C  CB  . ASP A 1 156 ? 1.102   -18.077 -2.059  1.00 6.08  ? 235  ASP A CB  1 
ATOM   1230 C  CG  . ASP A 1 156 ? 2.277   -19.016 -1.920  1.00 10.07 ? 235  ASP A CG  1 
ATOM   1231 O  OD1 . ASP A 1 156 ? 2.957   -19.270 -2.931  1.00 8.62  ? 235  ASP A OD1 1 
ATOM   1232 O  OD2 . ASP A 1 156 ? 2.502   -19.516 -0.797  1.00 10.73 ? 235  ASP A OD2 1 
ATOM   1233 N  N   . GLY A 1 157 ? -0.186  -15.306 -2.510  1.00 6.90  ? 236  GLY A N   1 
ATOM   1234 C  CA  . GLY A 1 157 ? -1.386  -14.489 -2.520  1.00 7.13  ? 236  GLY A CA  1 
ATOM   1235 C  C   . GLY A 1 157 ? -1.649  -13.721 -3.803  1.00 6.38  ? 236  GLY A C   1 
ATOM   1236 O  O   . GLY A 1 157 ? -2.744  -13.798 -4.368  1.00 4.73  ? 236  GLY A O   1 
ATOM   1237 N  N   . ILE A 1 158 ? -0.653  -12.971 -4.263  1.00 5.22  ? 237  ILE A N   1 
ATOM   1238 C  CA  . ILE A 1 158 ? -0.803  -12.180 -5.479  1.00 4.83  ? 237  ILE A CA  1 
ATOM   1239 C  C   . ILE A 1 158 ? -0.925  -13.084 -6.714  1.00 5.85  ? 237  ILE A C   1 
ATOM   1240 O  O   . ILE A 1 158 ? -1.711  -12.807 -7.620  1.00 4.56  ? 237  ILE A O   1 
ATOM   1241 C  CB  . ILE A 1 158 ? 0.385   -11.168 -5.618  1.00 5.81  ? 237  ILE A CB  1 
ATOM   1242 C  CG1 . ILE A 1 158 ? -0.019  -9.995  -6.513  1.00 7.95  ? 237  ILE A CG1 1 
ATOM   1243 C  CG2 . ILE A 1 158 ? 1.621   -11.859 -6.160  1.00 4.89  ? 237  ILE A CG2 1 
ATOM   1244 C  CD1 . ILE A 1 158 ? -0.321  -10.369 -7.927  1.00 14.32 ? 237  ILE A CD1 1 
ATOM   1245 N  N   . GLN A 1 159 ? -0.164  -14.174 -6.743  1.00 5.16  ? 238  GLN A N   1 
ATOM   1246 C  CA  . GLN A 1 159 ? -0.226  -15.109 -7.863  1.00 4.99  ? 238  GLN A CA  1 
ATOM   1247 C  C   . GLN A 1 159 ? -1.621  -15.730 -7.963  1.00 5.07  ? 238  GLN A C   1 
ATOM   1248 O  O   . GLN A 1 159 ? -2.151  -15.919 -9.056  1.00 4.05  ? 238  GLN A O   1 
ATOM   1249 C  CB  . GLN A 1 159 ? 0.816   -16.218 -7.685  1.00 4.71  ? 238  GLN A CB  1 
ATOM   1250 C  CG  . GLN A 1 159 ? 2.237   -15.846 -8.103  1.00 3.34  ? 238  GLN A CG  1 
ATOM   1251 C  CD  . GLN A 1 159 ? 2.469   -16.044 -9.595  1.00 3.35  ? 238  GLN A CD  1 
ATOM   1252 O  OE1 . GLN A 1 159 ? 1.992   -17.015 -10.185 1.00 3.08  ? 238  GLN A OE1 1 
ATOM   1253 N  NE2 . GLN A 1 159 ? 3.218   -15.134 -10.208 1.00 4.78  ? 238  GLN A NE2 1 
ATOM   1254 N  N   . ALA A 1 160 ? -2.219  -16.038 -6.817  1.00 5.04  ? 239  ALA A N   1 
ATOM   1255 C  CA  . ALA A 1 160 ? -3.540  -16.653 -6.808  1.00 6.43  ? 239  ALA A CA  1 
ATOM   1256 C  C   . ALA A 1 160 ? -4.582  -15.774 -7.493  1.00 6.60  ? 239  ALA A C   1 
ATOM   1257 O  O   . ALA A 1 160 ? -5.573  -16.277 -8.027  1.00 8.00  ? 239  ALA A O   1 
ATOM   1258 C  CB  . ALA A 1 160 ? -3.968  -16.950 -5.381  1.00 7.39  ? 239  ALA A CB  1 
ATOM   1259 N  N   . ILE A 1 161 ? -4.338  -14.469 -7.488  1.00 5.31  ? 240  ILE A N   1 
ATOM   1260 C  CA  . ILE A 1 161 ? -5.257  -13.507 -8.084  1.00 6.07  ? 240  ILE A CA  1 
ATOM   1261 C  C   . ILE A 1 161 ? -4.940  -13.138 -9.533  1.00 5.65  ? 240  ILE A C   1 
ATOM   1262 O  O   . ILE A 1 161 ? -5.827  -13.139 -10.394 1.00 6.44  ? 240  ILE A O   1 
ATOM   1263 C  CB  . ILE A 1 161 ? -5.276  -12.177 -7.281  1.00 5.73  ? 240  ILE A CB  1 
ATOM   1264 C  CG1 . ILE A 1 161 ? -5.546  -12.449 -5.801  1.00 5.21  ? 240  ILE A CG1 1 
ATOM   1265 C  CG2 . ILE A 1 161 ? -6.344  -11.238 -7.856  1.00 6.59  ? 240  ILE A CG2 1 
ATOM   1266 C  CD1 . ILE A 1 161 ? -5.315  -11.236 -4.912  1.00 11.41 ? 240  ILE A CD1 1 
ATOM   1267 N  N   . TYR A 1 162 ? -3.671  -12.839 -9.800  1.00 6.79  ? 241  TYR A N   1 
ATOM   1268 C  CA  . TYR A 1 162 ? -3.247  -12.378 -11.121 1.00 5.27  ? 241  TYR A CA  1 
ATOM   1269 C  C   . TYR A 1 162 ? -2.314  -13.270 -11.922 1.00 6.07  ? 241  TYR A C   1 
ATOM   1270 O  O   . TYR A 1 162 ? -2.060  -12.998 -13.099 1.00 5.58  ? 241  TYR A O   1 
ATOM   1271 C  CB  . TYR A 1 162 ? -2.579  -11.009 -10.967 1.00 6.50  ? 241  TYR A CB  1 
ATOM   1272 C  CG  . TYR A 1 162 ? -3.452  -9.971  -10.298 1.00 6.54  ? 241  TYR A CG  1 
ATOM   1273 C  CD1 . TYR A 1 162 ? -4.483  -9.353  -10.999 1.00 5.98  ? 241  TYR A CD1 1 
ATOM   1274 C  CD2 . TYR A 1 162 ? -3.266  -9.626  -8.958  1.00 6.39  ? 241  TYR A CD2 1 
ATOM   1275 C  CE1 . TYR A 1 162 ? -5.309  -8.414  -10.387 1.00 6.49  ? 241  TYR A CE1 1 
ATOM   1276 C  CE2 . TYR A 1 162 ? -4.092  -8.687  -8.333  1.00 6.70  ? 241  TYR A CE2 1 
ATOM   1277 C  CZ  . TYR A 1 162 ? -5.112  -8.089  -9.057  1.00 8.08  ? 241  TYR A CZ  1 
ATOM   1278 O  OH  . TYR A 1 162 ? -5.949  -7.173  -8.463  1.00 5.86  ? 241  TYR A OH  1 
ATOM   1279 N  N   . GLY A 1 163 ? -1.799  -14.324 -11.304 1.00 4.57  ? 242  GLY A N   1 
ATOM   1280 C  CA  . GLY A 1 163 ? -0.864  -15.180 -12.011 1.00 5.76  ? 242  GLY A CA  1 
ATOM   1281 C  C   . GLY A 1 163 ? 0.497   -14.496 -12.077 1.00 7.69  ? 242  GLY A C   1 
ATOM   1282 O  O   . GLY A 1 163 ? 1.183   -14.519 -13.109 1.00 4.39  ? 242  GLY A O   1 
HETATM 1283 CA CA  . CA  B 2 .   ? -9.085  4.501   -7.637  1.00 2.23  ? 996  CA  A CA  1 
HETATM 1284 CA CA  . CA  C 2 .   ? -3.001  6.957   13.381  1.00 4.26  ? 997  CA  A CA  1 
HETATM 1285 ZN ZN  . ZN  D 3 .   ? -9.384  7.059   3.715   1.00 5.17  ? 998  ZN  A ZN  1 
HETATM 1286 ZN ZN  . ZN  E 3 .   ? -3.947  -4.388  6.313   1.00 5.36  ? 999  ZN  A ZN  1 
HETATM 1287 N  N1  . AXB F 4 .   ? -3.826  -3.480  10.753  1.00 20.79 ? 1    AXB A N1  1 
HETATM 1288 C  CAZ . AXB F 4 .   ? -3.634  -2.212  10.408  1.00 20.01 ? 1    AXB A CAZ 1 
HETATM 1289 C  CBF . AXB F 4 .   ? -4.495  -0.950  10.496  1.00 20.28 ? 1    AXB A CBF 1 
HETATM 1290 O  OAD . AXB F 4 .   ? -5.658  -0.699  10.802  1.00 20.70 ? 1    AXB A OAD 1 
HETATM 1291 C  CBG . AXB F 4 .   ? -3.303  -0.176  9.938   1.00 19.38 ? 1    AXB A CBG 1 
HETATM 1292 O  OAE . AXB F 4 .   ? -3.046  0.997   9.679   1.00 19.62 ? 1    AXB A OAE 1 
HETATM 1293 C  CBD . AXB F 4 .   ? -2.579  -1.520  9.817   1.00 18.81 ? 1    AXB A CBD 1 
HETATM 1294 N  N2  . AXB F 4 .   ? -1.404  -1.895  9.320   1.00 15.53 ? 1    AXB A N2  1 
HETATM 1295 C  CAM . AXB F 4 .   ? -0.908  -1.173  8.136   1.00 18.32 ? 1    AXB A CAM 1 
HETATM 1296 C  CAK . AXB F 4 .   ? 0.621   -1.204  8.069   1.00 12.66 ? 1    AXB A CAK 1 
HETATM 1297 C  CAP . AXB F 4 .   ? -0.932  -3.248  9.658   1.00 13.36 ? 1    AXB A CAP 1 
HETATM 1298 C  CAY . AXB F 4 .   ? 0.382   -3.578  8.948   1.00 10.38 ? 1    AXB A CAY 1 
HETATM 1299 C  CAJ . AXB F 4 .   ? 0.856   -4.878  9.067   1.00 6.90  ? 1    AXB A CAJ 1 
HETATM 1300 C  CAX . AXB F 4 .   ? 1.108   -2.646  8.217   1.00 9.69  ? 1    AXB A CAX 1 
HETATM 1301 C  CAI . AXB F 4 .   ? 2.304   -3.022  7.612   1.00 9.11  ? 1    AXB A CAI 1 
HETATM 1302 C  CAH . AXB F 4 .   ? 2.776   -4.324  7.732   1.00 7.73  ? 1    AXB A CAH 1 
HETATM 1303 C  CAW . AXB F 4 .   ? 2.049   -5.255  8.464   1.00 6.87  ? 1    AXB A CAW 1 
HETATM 1304 C  CAO . AXB F 4 .   ? 2.527   -6.697  8.634   1.00 7.99  ? 1    AXB A CAO 1 
HETATM 1305 N  N3  . AXB F 4 .   ? 3.880   -6.870  8.088   1.00 8.22  ? 1    AXB A N3  1 
HETATM 1306 C  CAV . AXB F 4 .   ? 4.964   -6.380  8.683   1.00 9.80  ? 1    AXB A CAV 1 
HETATM 1307 O  OAB . AXB F 4 .   ? 4.960   -5.726  9.725   1.00 10.46 ? 1    AXB A OAB 1 
HETATM 1308 C  CBB . AXB F 4 .   ? 6.262   -6.692  7.939   1.00 8.63  ? 1    AXB A CBB 1 
HETATM 1309 N  N4  . AXB F 4 .   ? 6.210   -7.496  6.870   1.00 9.43  ? 1    AXB A N4  1 
HETATM 1310 C  CBH . AXB F 4 .   ? 7.316   -7.806  6.184   1.00 11.08 ? 1    AXB A CBH 1 
HETATM 1311 S  SAU . AXB F 4 .   ? 7.523   -8.793  4.805   1.00 8.52  ? 1    AXB A SAU 1 
HETATM 1312 C  CBA . AXB F 4 .   ? 9.217   -8.601  4.657   1.00 14.66 ? 1    AXB A CBA 1 
HETATM 1313 C  CAQ . AXB F 4 .   ? 10.106  -9.256  3.599   1.00 17.49 ? 1    AXB A CAQ 1 
HETATM 1314 S  SBK . AXB F 4 .   ? 11.754  -8.470  3.575   1.00 18.63 ? 1    AXB A SBK 1 
HETATM 1315 O  OAF . AXB F 4 .   ? 12.763  -9.416  2.993   1.00 19.29 ? 1    AXB A OAF 1 
HETATM 1316 O  OAG . AXB F 4 .   ? 11.704  -7.205  2.770   1.00 19.30 ? 1    AXB A OAG 1 
HETATM 1317 C  CAN . AXB F 4 .   ? 12.130  -8.101  5.325   1.00 18.04 ? 1    AXB A CAN 1 
HETATM 1318 C  CAL . AXB F 4 .   ? 11.031  -7.216  5.914   1.00 17.54 ? 1    AXB A CAL 1 
HETATM 1319 C  CBC . AXB F 4 .   ? 9.612   -7.751  5.693   1.00 14.02 ? 1    AXB A CBC 1 
HETATM 1320 C  CBI . AXB F 4 .   ? 8.577   -7.320  6.531   1.00 12.18 ? 1    AXB A CBI 1 
HETATM 1321 C  CBE . AXB F 4 .   ? 8.646   -6.484  7.640   1.00 12.25 ? 1    AXB A CBE 1 
HETATM 1322 O  OAC . AXB F 4 .   ? 9.720   -6.005  8.002   1.00 11.50 ? 1    AXB A OAC 1 
HETATM 1323 N  N5  . AXB F 4 .   ? 7.488   -6.163  8.356   1.00 9.00  ? 1    AXB A N5  1 
HETATM 1324 O  O   . HOH G 5 .   ? 2.287   11.346  -8.558  1.00 6.36  ? 1000 HOH A O   1 
HETATM 1325 O  O   . HOH G 5 .   ? -8.896  8.685   -2.752  1.00 4.78  ? 1001 HOH A O   1 
HETATM 1326 O  O   . HOH G 5 .   ? 3.349   -12.975 -13.046 1.00 4.59  ? 1002 HOH A O   1 
HETATM 1327 O  O   . HOH G 5 .   ? 9.164   -9.013  -3.908  1.00 8.81  ? 1003 HOH A O   1 
HETATM 1328 O  O   . HOH G 5 .   ? -1.961  15.994  4.515   1.00 9.59  ? 1004 HOH A O   1 
HETATM 1329 O  O   . HOH G 5 .   ? 8.883   0.781   13.275  1.00 8.52  ? 1005 HOH A O   1 
HETATM 1330 O  O   . HOH G 5 .   ? -5.381  11.347  12.006  1.00 5.86  ? 1006 HOH A O   1 
HETATM 1331 O  O   . HOH G 5 .   ? -1.023  -19.243 -4.891  1.00 8.72  ? 1007 HOH A O   1 
HETATM 1332 O  O   . HOH G 5 .   ? -9.516  3.089   -12.063 1.00 6.37  ? 1008 HOH A O   1 
HETATM 1333 O  O   . HOH G 5 .   ? 4.714   -10.011 9.263   1.00 8.34  ? 1009 HOH A O   1 
HETATM 1334 O  O   . HOH G 5 .   ? -13.085 -0.757  -2.918  1.00 7.51  ? 1010 HOH A O   1 
HETATM 1335 O  O   . HOH G 5 .   ? 10.683  -13.021 -2.537  1.00 7.30  ? 1011 HOH A O   1 
HETATM 1336 O  O   . HOH G 5 .   ? 0.747   15.679  5.123   1.00 8.71  ? 1012 HOH A O   1 
HETATM 1337 O  O   . HOH G 5 .   ? 8.030   6.626   -7.650  1.00 36.65 ? 1013 HOH A O   1 
HETATM 1338 O  O   . HOH G 5 .   ? 5.462   -19.810 6.572   1.00 11.77 ? 1014 HOH A O   1 
HETATM 1339 O  O   . HOH G 5 .   ? 6.253   -8.550  -13.115 1.00 8.21  ? 1015 HOH A O   1 
HETATM 1340 O  O   . HOH G 5 .   ? 11.587  17.401  -0.499  1.00 9.62  ? 1016 HOH A O   1 
HETATM 1341 O  O   . HOH G 5 .   ? 5.863   -1.647  -12.437 1.00 9.06  ? 1017 HOH A O   1 
HETATM 1342 O  O   . HOH G 5 .   ? -3.011  -12.459 1.873   1.00 9.30  ? 1018 HOH A O   1 
HETATM 1343 O  O   . HOH G 5 .   ? 7.275   0.694   -9.022  1.00 11.14 ? 1019 HOH A O   1 
HETATM 1344 O  O   . HOH G 5 .   ? 3.535   8.425   14.658  1.00 6.98  ? 1020 HOH A O   1 
HETATM 1345 O  O   . HOH G 5 .   ? -0.128  -12.773 2.126   1.00 5.05  ? 1021 HOH A O   1 
HETATM 1346 O  O   . HOH G 5 .   ? 10.052  4.690   3.769   1.00 8.39  ? 1022 HOH A O   1 
HETATM 1347 O  O   . HOH G 5 .   ? 13.117  15.673  -2.238  1.00 8.96  ? 1023 HOH A O   1 
HETATM 1348 O  O   . HOH G 5 .   ? 11.090  -11.443 -10.090 1.00 10.68 ? 1024 HOH A O   1 
HETATM 1349 O  O   . HOH G 5 .   ? -8.613  -10.276 -5.223  1.00 8.98  ? 1025 HOH A O   1 
HETATM 1350 O  O   . HOH G 5 .   ? 6.153   -16.918 3.594   1.00 10.52 ? 1026 HOH A O   1 
HETATM 1351 O  O   . HOH G 5 .   ? -11.865 15.235  11.614  1.00 5.15  ? 1027 HOH A O   1 
HETATM 1352 O  O   . HOH G 5 .   ? 8.874   -1.997  14.370  1.00 11.21 ? 1028 HOH A O   1 
HETATM 1353 O  O   . HOH G 5 .   ? -6.757  -1.175  4.463   1.00 8.78  ? 1029 HOH A O   1 
HETATM 1354 O  O   . HOH G 5 .   ? 4.867   -8.160  11.373  1.00 10.10 ? 1030 HOH A O   1 
HETATM 1355 O  O   . HOH G 5 .   ? 7.212   14.541  1.762   1.00 13.17 ? 1031 HOH A O   1 
HETATM 1356 O  O   . HOH G 5 .   ? 1.824   14.170  7.062   1.00 12.62 ? 1032 HOH A O   1 
HETATM 1357 O  O   . HOH G 5 .   ? 6.811   10.615  -12.449 1.00 16.86 ? 1033 HOH A O   1 
HETATM 1358 O  O   . HOH G 5 .   ? -16.071 -12.247 1.961   1.00 14.13 ? 1034 HOH A O   1 
HETATM 1359 O  O   . HOH G 5 .   ? 2.601   -19.318 4.378   1.00 13.87 ? 1035 HOH A O   1 
HETATM 1360 O  O   . HOH G 5 .   ? -12.531 9.684   6.509   1.00 10.18 ? 1036 HOH A O   1 
HETATM 1361 O  O   . HOH G 5 .   ? 15.553  1.731   -3.426  1.00 15.05 ? 1037 HOH A O   1 
HETATM 1362 O  O   . HOH G 5 .   ? -5.202  10.165  18.933  1.00 17.47 ? 1038 HOH A O   1 
HETATM 1363 O  O   . HOH G 5 .   ? -11.047 4.148   10.107  1.00 18.48 ? 1039 HOH A O   1 
HETATM 1364 O  O   . HOH G 5 .   ? -7.022  -1.685  12.807  1.00 18.14 ? 1040 HOH A O   1 
HETATM 1365 O  O   . HOH G 5 .   ? -6.402  10.224  -2.315  1.00 12.62 ? 1041 HOH A O   1 
HETATM 1366 O  O   . HOH G 5 .   ? 2.904   8.100   -16.895 1.00 11.80 ? 1042 HOH A O   1 
HETATM 1367 O  O   . HOH G 5 .   ? 11.426  6.617   2.106   1.00 8.22  ? 1043 HOH A O   1 
HETATM 1368 O  O   . HOH G 5 .   ? -0.578  15.254  -7.434  1.00 15.74 ? 1044 HOH A O   1 
HETATM 1369 O  O   . HOH G 5 .   ? 2.930   13.765  -7.376  1.00 10.93 ? 1045 HOH A O   1 
HETATM 1370 O  O   . HOH G 5 .   ? -12.407 -1.712  0.047   1.00 11.42 ? 1046 HOH A O   1 
HETATM 1371 O  O   . HOH G 5 .   ? 9.420   -16.317 2.634   1.00 13.75 ? 1047 HOH A O   1 
HETATM 1372 O  O   . HOH G 5 .   ? 13.423  8.882   8.447   1.00 15.75 ? 1048 HOH A O   1 
HETATM 1373 O  O   . HOH G 5 .   ? -11.463 9.649   0.628   1.00 35.85 ? 1049 HOH A O   1 
HETATM 1374 O  O   . HOH G 5 .   ? -0.660  -14.811 15.062  1.00 20.59 ? 1050 HOH A O   1 
HETATM 1375 O  O   . HOH G 5 .   ? -0.306  -2.227  12.783  1.00 16.29 ? 1051 HOH A O   1 
HETATM 1376 O  O   . HOH G 5 .   ? -6.683  0.656   8.495   1.00 10.76 ? 1052 HOH A O   1 
HETATM 1377 O  O   . HOH G 5 .   ? -15.985 5.879   -5.845  1.00 17.24 ? 1053 HOH A O   1 
HETATM 1378 O  O   . HOH G 5 .   ? -2.781  9.182   19.829  1.00 11.93 ? 1054 HOH A O   1 
HETATM 1379 O  O   . HOH G 5 .   ? -16.446 12.941  0.793   1.00 11.71 ? 1055 HOH A O   1 
HETATM 1380 O  O   . HOH G 5 .   ? -7.359  -9.472  -14.099 1.00 28.83 ? 1056 HOH A O   1 
HETATM 1381 O  O   . HOH G 5 .   ? -2.132  -0.236  12.840  1.00 16.43 ? 1057 HOH A O   1 
HETATM 1382 O  O   . HOH G 5 .   ? 3.044   13.787  10.946  1.00 23.03 ? 1058 HOH A O   1 
HETATM 1383 O  O   . HOH G 5 .   ? -14.701 9.994   8.240   1.00 12.11 ? 1059 HOH A O   1 
HETATM 1384 O  O   . HOH G 5 .   ? -0.382  -18.557 -10.607 1.00 20.57 ? 1060 HOH A O   1 
HETATM 1385 O  O   . HOH G 5 .   ? -11.337 1.137   -12.665 1.00 15.00 ? 1061 HOH A O   1 
HETATM 1386 O  O   . HOH G 5 .   ? 17.465  2.629   13.191  1.00 21.43 ? 1062 HOH A O   1 
HETATM 1387 O  O   . HOH G 5 .   ? -5.183  -12.942 0.322   1.00 19.46 ? 1063 HOH A O   1 
HETATM 1388 O  O   . HOH G 5 .   ? -16.966 1.864   -13.186 1.00 26.74 ? 1064 HOH A O   1 
HETATM 1389 O  O   . HOH G 5 .   ? -6.585  -4.072  11.548  1.00 21.63 ? 1065 HOH A O   1 
HETATM 1390 O  O   . HOH G 5 .   ? -2.084  -17.011 2.791   1.00 21.41 ? 1066 HOH A O   1 
HETATM 1391 O  O   . HOH G 5 .   ? 5.246   5.569   17.744  1.00 21.06 ? 1067 HOH A O   1 
HETATM 1392 O  O   . HOH G 5 .   ? -5.318  10.382  -9.503  1.00 22.86 ? 1068 HOH A O   1 
HETATM 1393 O  O   . HOH G 5 .   ? -11.243 9.262   -6.413  1.00 21.32 ? 1069 HOH A O   1 
HETATM 1394 O  O   . HOH G 5 .   ? -4.926  -14.141 -2.521  1.00 17.05 ? 1070 HOH A O   1 
HETATM 1395 O  O   . HOH G 5 .   ? -2.975  -11.021 -14.665 1.00 17.47 ? 1071 HOH A O   1 
HETATM 1396 O  O   . HOH G 5 .   ? 7.869   10.406  -8.541  1.00 32.84 ? 1072 HOH A O   1 
HETATM 1397 O  O   . HOH G 5 .   ? 9.030   13.783  -8.899  1.00 24.86 ? 1073 HOH A O   1 
HETATM 1398 O  O   . HOH G 5 .   ? 10.854  -15.754 -3.361  1.00 14.83 ? 1074 HOH A O   1 
HETATM 1399 O  O   . HOH G 5 .   ? -15.390 0.844   -6.773  1.00 14.14 ? 1075 HOH A O   1 
HETATM 1400 O  O   . HOH G 5 .   ? -8.907  -3.161  2.137   1.00 18.05 ? 1076 HOH A O   1 
HETATM 1401 O  O   . HOH G 5 .   ? 11.594  -7.235  -4.350  1.00 15.38 ? 1077 HOH A O   1 
HETATM 1402 O  O   . HOH G 5 .   ? -13.367 -7.720  -8.981  1.00 19.41 ? 1078 HOH A O   1 
HETATM 1403 O  O   . HOH G 5 .   ? 2.071   -3.275  15.650  1.00 22.78 ? 1079 HOH A O   1 
HETATM 1404 O  O   . HOH G 5 .   ? -0.484  -3.491  15.230  1.00 16.96 ? 1080 HOH A O   1 
HETATM 1405 O  O   . HOH G 5 .   ? -14.027 -4.050  -8.604  1.00 16.22 ? 1081 HOH A O   1 
HETATM 1406 O  O   . HOH G 5 .   ? 14.820  -10.456 -0.403  1.00 26.03 ? 1082 HOH A O   1 
HETATM 1407 O  O   . HOH G 5 .   ? 11.309  10.796  9.202   1.00 19.41 ? 1083 HOH A O   1 
HETATM 1408 O  O   . HOH G 5 .   ? -10.505 -12.482 -6.211  1.00 32.97 ? 1084 HOH A O   1 
HETATM 1409 O  O   . HOH G 5 .   ? 6.932   -1.650  -10.126 1.00 15.79 ? 1085 HOH A O   1 
HETATM 1410 O  O   . HOH G 5 .   ? 0.450   1.706   15.286  1.00 16.98 ? 1086 HOH A O   1 
HETATM 1411 O  O   . HOH G 5 .   ? -8.779  2.644   8.773   1.00 16.63 ? 1087 HOH A O   1 
HETATM 1412 O  O   . HOH G 5 .   ? 2.816   -7.803  -17.402 1.00 15.97 ? 1088 HOH A O   1 
HETATM 1413 O  O   . HOH G 5 .   ? 5.563   16.427  -6.911  1.00 27.87 ? 1089 HOH A O   1 
HETATM 1414 O  O   . HOH G 5 .   ? -8.752  -9.795  5.955   1.00 27.16 ? 1090 HOH A O   1 
HETATM 1415 O  O   . HOH G 5 .   ? 6.798   -0.863  15.634  1.00 22.62 ? 1091 HOH A O   1 
HETATM 1416 O  O   . HOH G 5 .   ? 4.038   -8.453  14.178  1.00 21.78 ? 1092 HOH A O   1 
HETATM 1417 O  O   . HOH G 5 .   ? 6.080   5.487   -13.198 1.00 20.89 ? 1093 HOH A O   1 
HETATM 1418 O  O   . HOH G 5 .   ? -5.081  -12.615 9.531   1.00 15.97 ? 1094 HOH A O   1 
HETATM 1419 O  O   . HOH G 5 .   ? 6.984   2.219   -11.488 1.00 17.49 ? 1095 HOH A O   1 
HETATM 1420 O  O   . HOH G 5 .   ? 6.076   -15.889 5.909   1.00 16.60 ? 1096 HOH A O   1 
HETATM 1421 O  O   . HOH G 5 .   ? -4.972  6.137   -15.498 1.00 20.29 ? 1097 HOH A O   1 
HETATM 1422 O  O   . HOH G 5 .   ? -5.884  17.048  -12.080 1.00 19.96 ? 1098 HOH A O   1 
HETATM 1423 O  O   . HOH G 5 .   ? 9.801   18.985  6.464   1.00 23.42 ? 1099 HOH A O   1 
HETATM 1424 O  O   . HOH G 5 .   ? 0.633   -2.285  -20.066 1.00 26.18 ? 1100 HOH A O   1 
HETATM 1425 O  O   . HOH G 5 .   ? 8.873   -5.169  -11.978 1.00 26.16 ? 1101 HOH A O   1 
HETATM 1426 O  O   . HOH G 5 .   ? -10.595 6.513   13.653  1.00 26.95 ? 1102 HOH A O   1 
HETATM 1427 O  O   . HOH G 5 .   ? -0.508  2.537   -17.849 1.00 28.94 ? 1103 HOH A O   1 
HETATM 1428 O  O   . HOH G 5 .   ? -11.753 -2.173  -12.645 1.00 21.80 ? 1104 HOH A O   1 
HETATM 1429 O  O   . HOH G 5 .   ? -3.023  -19.018 6.204   1.00 27.39 ? 1105 HOH A O   1 
HETATM 1430 O  O   . HOH G 5 .   ? -15.562 10.790  12.880  1.00 22.68 ? 1106 HOH A O   1 
HETATM 1431 O  O   . HOH G 5 .   ? 13.888  -8.979  7.832   1.00 24.75 ? 1107 HOH A O   1 
HETATM 1432 O  O   . HOH G 5 .   ? -3.642  12.397  -16.308 1.00 26.73 ? 1108 HOH A O   1 
HETATM 1433 O  O   . HOH G 5 .   ? -6.296  -17.248 0.312   1.00 24.79 ? 1109 HOH A O   1 
HETATM 1434 O  O   . HOH G 5 .   ? -6.292  -18.887 -8.374  1.00 19.20 ? 1110 HOH A O   1 
HETATM 1435 O  O   . HOH G 5 .   ? -4.523  -16.461 6.281   1.00 16.03 ? 1111 HOH A O   1 
HETATM 1436 O  O   . HOH G 5 .   ? -8.316  12.272  -15.240 1.00 19.54 ? 1112 HOH A O   1 
HETATM 1437 O  O   . HOH G 5 .   ? -5.848  -8.700  -17.434 1.00 27.19 ? 1113 HOH A O   1 
HETATM 1438 O  O   . HOH G 5 .   ? 18.363  -9.852  2.958   1.00 28.31 ? 1114 HOH A O   1 
HETATM 1439 O  O   . HOH G 5 .   ? -11.423 9.604   14.232  1.00 29.52 ? 1115 HOH A O   1 
HETATM 1440 O  O   . HOH G 5 .   ? 1.025   14.555  14.377  1.00 23.28 ? 1116 HOH A O   1 
HETATM 1441 O  O   . HOH G 5 .   ? -4.488  1.852   -16.194 1.00 23.19 ? 1117 HOH A O   1 
HETATM 1442 O  O   . HOH G 5 .   ? 12.292  9.570   -5.587  1.00 19.94 ? 1118 HOH A O   1 
HETATM 1443 O  O   . HOH G 5 .   ? 1.733   18.108  0.398   1.00 22.12 ? 1119 HOH A O   1 
HETATM 1444 O  O   . HOH G 5 .   ? -0.835  6.775   21.081  1.00 23.76 ? 1120 HOH A O   1 
HETATM 1445 O  O   . HOH G 5 .   ? 13.033  6.404   -8.154  1.00 23.90 ? 1121 HOH A O   1 
HETATM 1446 O  O   . HOH G 5 .   ? 13.911  13.030  5.580   1.00 27.11 ? 1122 HOH A O   1 
HETATM 1447 O  O   . HOH G 5 .   ? 15.109  1.371   6.174   1.00 25.35 ? 1123 HOH A O   1 
HETATM 1448 O  O   . HOH G 5 .   ? -8.444  13.562  -9.028  1.00 20.95 ? 1124 HOH A O   1 
HETATM 1449 O  O   . HOH G 5 .   ? -5.422  16.510  -14.949 1.00 26.65 ? 1125 HOH A O   1 
HETATM 1450 O  O   . HOH G 5 .   ? 11.918  0.900   -7.571  1.00 25.17 ? 1126 HOH A O   1 
HETATM 1451 O  O   . HOH G 5 .   ? -0.039  -11.936 17.046  1.00 25.05 ? 1127 HOH A O   1 
HETATM 1452 O  O   . HOH G 5 .   ? -9.137  5.632   8.866   1.00 39.07 ? 1128 HOH A O   1 
HETATM 1453 O  O   . HOH G 5 .   ? 15.823  9.668   7.630   1.00 23.18 ? 1129 HOH A O   1 
HETATM 1454 O  O   . HOH G 5 .   ? -8.224  -14.368 -9.942  1.00 24.90 ? 1130 HOH A O   1 
HETATM 1455 O  O   . HOH G 5 .   ? -5.921  -11.441 -15.117 1.00 27.85 ? 1131 HOH A O   1 
HETATM 1456 O  O   . HOH G 5 .   ? 1.553   -9.124  16.399  1.00 21.76 ? 1132 HOH A O   1 
HETATM 1457 O  O   . HOH G 5 .   ? -18.742 10.599  7.070   1.00 25.36 ? 1133 HOH A O   1 
HETATM 1458 O  O   . HOH G 5 .   ? 13.920  -3.492  12.747  1.00 25.50 ? 1134 HOH A O   1 
HETATM 1459 O  O   . HOH G 5 .   ? 0.583   -15.352 12.968  1.00 31.91 ? 1135 HOH A O   1 
HETATM 1460 O  O   . HOH G 5 .   ? 17.272  4.714   5.198   1.00 25.37 ? 1136 HOH A O   1 
HETATM 1461 O  O   . HOH G 5 .   ? 17.007  11.841  4.542   1.00 26.38 ? 1137 HOH A O   1 
HETATM 1462 O  O   . HOH G 5 .   ? 12.695  -12.192 2.511   1.00 29.20 ? 1138 HOH A O   1 
HETATM 1463 O  O   . HOH G 5 .   ? 2.849   11.142  15.534  1.00 20.15 ? 1139 HOH A O   1 
HETATM 1464 O  O   . HOH G 5 .   ? 5.823   8.005   -14.733 1.00 20.82 ? 1140 HOH A O   1 
HETATM 1465 O  O   . HOH G 5 .   ? -12.423 1.242   7.673   1.00 31.28 ? 1141 HOH A O   1 
HETATM 1466 O  O   . HOH G 5 .   ? 11.884  -4.362  -12.607 1.00 26.06 ? 1142 HOH A O   1 
HETATM 1467 O  O   . HOH G 5 .   ? 18.705  7.305   4.729   1.00 22.59 ? 1143 HOH A O   1 
HETATM 1468 O  O   . HOH G 5 .   ? 1.319   17.698  -4.823  1.00 32.18 ? 1144 HOH A O   1 
HETATM 1469 O  O   . HOH G 5 .   ? -2.661  17.145  -5.654  1.00 27.42 ? 1145 HOH A O   1 
HETATM 1470 O  O   . HOH G 5 .   ? -8.362  15.780  18.193  1.00 29.07 ? 1146 HOH A O   1 
HETATM 1471 O  O   . HOH G 5 .   ? -7.991  5.154   -0.186  1.00 34.11 ? 1147 HOH A O   1 
HETATM 1472 O  O   . HOH G 5 .   ? -8.885  6.941   -13.840 1.00 28.27 ? 1148 HOH A O   1 
HETATM 1473 O  O   . HOH G 5 .   ? 11.835  12.246  -7.256  1.00 23.63 ? 1149 HOH A O   1 
HETATM 1474 O  O   . HOH G 5 .   ? -12.593 -11.402 -16.245 1.00 23.22 ? 1150 HOH A O   1 
HETATM 1475 O  O   . HOH G 5 .   ? 14.130  7.857   11.072  1.00 26.21 ? 1151 HOH A O   1 
HETATM 1476 O  O   . HOH G 5 .   ? 7.096   4.824   -10.834 1.00 24.97 ? 1152 HOH A O   1 
HETATM 1477 O  O   . HOH G 5 .   ? -0.425  18.166  -2.662  1.00 26.17 ? 1153 HOH A O   1 
HETATM 1478 O  O   . HOH G 5 .   ? -10.011 10.788  16.074  1.00 28.05 ? 1154 HOH A O   1 
HETATM 1479 O  O   . HOH G 5 .   ? 3.717   17.935  3.116   1.00 24.65 ? 1155 HOH A O   1 
HETATM 1480 O  O   . HOH G 5 .   ? -7.871  15.842  15.544  1.00 28.73 ? 1156 HOH A O   1 
HETATM 1481 O  O   . HOH G 5 .   ? 4.661   19.508  -4.732  1.00 29.90 ? 1157 HOH A O   1 
HETATM 1482 O  O   . HOH G 5 .   ? -11.414 3.059   -7.731  1.00 27.37 ? 1158 HOH A O   1 
HETATM 1483 O  O   . HOH G 5 .   ? -7.101  4.541   -15.301 1.00 22.50 ? 1159 HOH A O   1 
HETATM 1484 O  O   . HOH G 5 .   ? -1.917  -6.785  -20.078 1.00 30.66 ? 1160 HOH A O   1 
HETATM 1485 O  O   . HOH G 5 .   ? -3.719  -20.283 9.005   1.00 24.86 ? 1161 HOH A O   1 
HETATM 1486 O  O   . HOH G 5 .   ? -0.743  -18.021 5.276   1.00 30.94 ? 1162 HOH A O   1 
HETATM 1487 O  O   . HOH G 5 .   ? -6.402  -14.884 4.105   1.00 26.06 ? 1163 HOH A O   1 
HETATM 1488 O  O   . HOH G 5 .   ? 10.867  -1.429  -11.515 1.00 28.97 ? 1164 HOH A O   1 
HETATM 1489 O  O   . HOH G 5 .   ? -8.256  13.351  19.971  1.00 29.31 ? 1165 HOH A O   1 
HETATM 1490 O  O   . HOH G 5 .   ? 7.203   19.198  -0.066  1.00 31.46 ? 1166 HOH A O   1 
HETATM 1491 O  O   . HOH G 5 .   ? 15.161  -11.577 3.633   1.00 28.22 ? 1167 HOH A O   1 
HETATM 1492 O  O   . HOH G 5 .   ? 5.925   -17.622 9.916   1.00 23.82 ? 1168 HOH A O   1 
HETATM 1493 O  O   . HOH G 5 .   ? 12.761  0.630   -11.603 1.00 28.00 ? 1169 HOH A O   1 
HETATM 1494 O  O   . HOH G 5 .   ? 18.313  -11.266 -2.767  1.00 22.68 ? 1170 HOH A O   1 
HETATM 1495 O  O   . HOH G 5 .   ? 1.077   -19.607 1.356   1.00 18.40 ? 1171 HOH A O   1 
HETATM 1496 O  O   . HOH G 5 .   ? -16.707 5.996   -10.804 1.00 23.64 ? 1172 HOH A O   1 
HETATM 1497 O  O   . HOH G 5 .   ? 8.847   -8.336  -12.783 1.00 25.31 ? 1173 HOH A O   1 
HETATM 1498 O  O   . HOH G 5 .   ? -7.388  -13.166 7.186   1.00 26.08 ? 1174 HOH A O   1 
HETATM 1499 O  O   . HOH G 5 .   ? -6.090  -19.948 0.791   1.00 35.08 ? 1175 HOH A O   1 
HETATM 1500 O  O   . HOH G 5 .   ? 9.336   14.049  13.790  1.00 26.85 ? 1176 HOH A O   1 
HETATM 1501 O  O   . HOH G 5 .   ? 11.995  -2.905  14.866  1.00 26.45 ? 1177 HOH A O   1 
HETATM 1502 O  O   . HOH G 5 .   ? -18.836 3.089   9.210   1.00 27.73 ? 1178 HOH A O   1 
HETATM 1503 O  O   . HOH G 5 .   ? -8.406  -0.423  10.669  1.00 29.01 ? 1179 HOH A O   1 
HETATM 1504 O  O   . HOH G 5 .   ? 7.779   -17.520 -5.873  1.00 34.46 ? 1180 HOH A O   1 
HETATM 1505 O  O   . HOH G 5 .   ? -19.068 6.097   10.410  1.00 29.88 ? 1181 HOH A O   1 
HETATM 1506 O  O   . HOH G 5 .   ? 5.988   7.422   -6.836  1.00 32.69 ? 1182 HOH A O   1 
HETATM 1507 O  O   . HOH G 5 .   ? 3.561   12.106  -0.735  1.00 33.44 ? 1183 HOH A O   1 
HETATM 1508 O  O   . HOH G 5 .   ? -20.641 2.882   -11.699 1.00 26.47 ? 1184 HOH A O   1 
HETATM 1509 O  O   . HOH G 5 .   ? 9.760   19.637  -1.872  1.00 26.89 ? 1185 HOH A O   1 
HETATM 1510 O  O   . HOH G 5 .   ? 12.607  8.658   3.650   1.00 33.90 ? 1186 HOH A O   1 
HETATM 1511 O  O   . HOH G 5 .   ? -0.247  -18.912 9.557   1.00 27.87 ? 1187 HOH A O   1 
HETATM 1512 O  O   . HOH G 5 .   ? 17.102  0.033   14.480  1.00 27.89 ? 1188 HOH A O   1 
HETATM 1513 O  O   . HOH G 5 .   ? -18.312 1.476   -7.771  1.00 32.26 ? 1189 HOH A O   1 
HETATM 1514 O  O   . HOH G 5 .   ? 6.562   4.692   20.022  1.00 27.90 ? 1190 HOH A O   1 
HETATM 1515 O  O   . HOH G 5 .   ? -1.848  12.241  -11.518 1.00 35.69 ? 1191 HOH A O   1 
HETATM 1516 O  O   . HOH G 5 .   ? -6.535  0.796   -17.620 1.00 24.66 ? 1192 HOH A O   1 
HETATM 1517 O  O   . HOH G 5 .   ? -10.927 1.743   5.263   1.00 26.88 ? 1193 HOH A O   1 
HETATM 1518 O  O   . HOH G 5 .   ? 9.712   -6.922  1.036   1.00 36.97 ? 1194 HOH A O   1 
HETATM 1519 O  O   . HOH G 5 .   ? 1.426   18.673  -7.619  1.00 29.64 ? 1195 HOH A O   1 
HETATM 1520 O  O   . HOH G 5 .   ? -16.326 13.219  12.687  1.00 26.77 ? 1196 HOH A O   1 
HETATM 1521 O  O   . HOH G 5 .   ? 16.939  -10.149 8.170   1.00 30.03 ? 1197 HOH A O   1 
HETATM 1522 O  O   . HOH G 5 .   ? -1.970  4.708   18.885  1.00 34.01 ? 1198 HOH A O   1 
HETATM 1523 O  O   . HOH G 5 .   ? -0.598  -9.203  -18.217 1.00 26.91 ? 1199 HOH A O   1 
HETATM 1524 O  O   . HOH G 5 .   ? -11.800 -0.005  -17.278 1.00 36.76 ? 1200 HOH A O   1 
HETATM 1525 O  O   . HOH G 5 .   ? 6.173   2.748   0.335   1.00 34.60 ? 1201 HOH A O   1 
HETATM 1526 O  O   . HOH G 5 .   ? -17.106 3.534   -6.352  1.00 21.68 ? 1202 HOH A O   1 
HETATM 1527 O  O   . HOH G 5 .   ? 3.822   15.386  9.086   1.00 33.43 ? 1203 HOH A O   1 
HETATM 1528 O  O   . HOH G 5 .   ? -1.459  19.002  -7.679  1.00 27.70 ? 1204 HOH A O   1 
HETATM 1529 O  O   . HOH G 5 .   ? 16.038  -7.503  11.734  1.00 30.24 ? 1205 HOH A O   1 
HETATM 1530 O  O   . HOH G 5 .   ? 9.845   -3.599  5.964   1.00 33.61 ? 1206 HOH A O   1 
HETATM 1531 O  O   . HOH G 5 .   ? 9.209   2.203   -13.117 1.00 27.40 ? 1207 HOH A O   1 
HETATM 1532 O  O   . HOH G 5 .   ? -8.600  -14.520 1.001   1.00 29.36 ? 1208 HOH A O   1 
HETATM 1533 O  O   . HOH G 5 .   ? 12.481  -6.616  13.799  1.00 35.72 ? 1209 HOH A O   1 
HETATM 1534 O  O   . HOH G 5 .   ? 10.284  5.153   -12.397 1.00 25.39 ? 1210 HOH A O   1 
HETATM 1535 O  O   . HOH G 5 .   ? 0.361   -11.705 4.330   1.00 35.08 ? 1211 HOH A O   1 
HETATM 1536 O  O   . HOH G 5 .   ? 16.433  -12.575 -0.609  1.00 29.72 ? 1212 HOH A O   1 
HETATM 1537 O  O   . HOH G 5 .   ? -14.824 -6.671  -14.494 1.00 28.89 ? 1213 HOH A O   1 
HETATM 1538 O  O   . HOH G 5 .   ? -10.971 3.302   -16.017 1.00 31.30 ? 1214 HOH A O   1 
HETATM 1539 O  O   . HOH G 5 .   ? -7.463  11.275  7.474   1.00 31.61 ? 1215 HOH A O   1 
# 
loop_
_pdbx_poly_seq_scheme.asym_id 
_pdbx_poly_seq_scheme.entity_id 
_pdbx_poly_seq_scheme.seq_id 
_pdbx_poly_seq_scheme.mon_id 
_pdbx_poly_seq_scheme.ndb_seq_num 
_pdbx_poly_seq_scheme.pdb_seq_num 
_pdbx_poly_seq_scheme.auth_seq_num 
_pdbx_poly_seq_scheme.pdb_mon_id 
_pdbx_poly_seq_scheme.auth_mon_id 
_pdbx_poly_seq_scheme.pdb_strand_id 
_pdbx_poly_seq_scheme.pdb_ins_code 
_pdbx_poly_seq_scheme.hetero 
A 1 1   MET 1   80  80  MET MET A . n 
A 1 2   LEU 2   81  81  LEU LEU A . n 
A 1 3   THR 3   82  82  THR THR A . n 
A 1 4   PRO 4   83  83  PRO PRO A . n 
A 1 5   GLY 5   84  84  GLY GLY A . n 
A 1 6   ASN 6   85  85  ASN ASN A . n 
A 1 7   PRO 7   86  86  PRO PRO A . n 
A 1 8   LYS 8   87  87  LYS LYS A . n 
A 1 9   TRP 9   88  88  TRP TRP A . n 
A 1 10  GLU 10  89  89  GLU GLU A . n 
A 1 11  ARG 11  90  90  ARG ARG A . n 
A 1 12  THR 12  91  91  THR THR A . n 
A 1 13  ASN 13  92  92  ASN ASN A . n 
A 1 14  LEU 14  93  93  LEU LEU A . n 
A 1 15  THR 15  94  94  THR THR A . n 
A 1 16  TYR 16  95  95  TYR TYR A . n 
A 1 17  ARG 17  96  96  ARG ARG A . n 
A 1 18  ILE 18  97  97  ILE ILE A . n 
A 1 19  ARG 19  98  98  ARG ARG A . n 
A 1 20  ASN 20  99  99  ASN ASN A . n 
A 1 21  TYR 21  100 100 TYR TYR A . n 
A 1 22  THR 22  101 101 THR THR A . n 
A 1 23  PRO 23  102 102 PRO PRO A . n 
A 1 24  GLN 24  103 103 GLN GLN A . n 
A 1 25  LEU 25  104 104 LEU LEU A . n 
A 1 26  SER 26  105 105 SER SER A . n 
A 1 27  GLU 27  106 106 GLU GLU A . n 
A 1 28  ALA 28  107 107 ALA ALA A . n 
A 1 29  GLU 29  108 108 GLU GLU A . n 
A 1 30  VAL 30  109 109 VAL VAL A . n 
A 1 31  GLU 31  110 110 GLU GLU A . n 
A 1 32  ARG 32  111 111 ARG ARG A . n 
A 1 33  ALA 33  112 112 ALA ALA A . n 
A 1 34  ILE 34  113 113 ILE ILE A . n 
A 1 35  LYS 35  114 114 LYS LYS A . n 
A 1 36  ASP 36  115 115 ASP ASP A . n 
A 1 37  ALA 37  116 116 ALA ALA A . n 
A 1 38  PHE 38  117 117 PHE PHE A . n 
A 1 39  GLU 39  118 118 GLU GLU A . n 
A 1 40  LEU 40  119 119 LEU LEU A . n 
A 1 41  TRP 41  120 120 TRP TRP A . n 
A 1 42  SER 42  121 121 SER SER A . n 
A 1 43  VAL 43  122 122 VAL VAL A . n 
A 1 44  ALA 44  123 123 ALA ALA A . n 
A 1 45  SER 45  124 124 SER SER A . n 
A 1 46  PRO 46  125 125 PRO PRO A . n 
A 1 47  LEU 47  126 126 LEU LEU A . n 
A 1 48  ILE 48  127 127 ILE ILE A . n 
A 1 49  PHE 49  128 128 PHE PHE A . n 
A 1 50  THR 50  129 129 THR THR A . n 
A 1 51  ARG 51  130 130 ARG ARG A . n 
A 1 52  ILE 52  131 131 ILE ILE A . n 
A 1 53  SER 53  132 132 SER SER A . n 
A 1 54  GLN 54  133 133 GLN GLN A . n 
A 1 55  GLY 55  134 134 GLY GLY A . n 
A 1 56  GLU 56  135 135 GLU GLU A . n 
A 1 57  ALA 57  136 136 ALA ALA A . n 
A 1 58  ASP 58  137 137 ASP ASP A . n 
A 1 59  ILE 59  138 138 ILE ILE A . n 
A 1 60  ASN 60  139 139 ASN ASN A . n 
A 1 61  ILE 61  140 140 ILE ILE A . n 
A 1 62  ALA 62  141 141 ALA ALA A . n 
A 1 63  PHE 63  142 142 PHE PHE A . n 
A 1 64  TYR 64  143 143 TYR TYR A . n 
A 1 65  GLN 65  144 144 GLN GLN A . n 
A 1 66  ARG 66  145 145 ARG ARG A . n 
A 1 67  ASP 67  146 146 ASP ASP A . n 
A 1 68  HIS 68  147 147 HIS HIS A . n 
A 1 69  GLY 69  148 148 GLY GLY A . n 
A 1 70  ASP 70  149 149 ASP ASP A . n 
A 1 71  ASN 71  150 150 ASN ASN A . n 
A 1 72  SER 72  151 151 SER SER A . n 
A 1 73  PRO 73  152 152 PRO PRO A . n 
A 1 74  PHE 74  153 153 PHE PHE A . n 
A 1 75  ASP 75  154 154 ASP ASP A . n 
A 1 76  GLY 76  155 155 GLY GLY A . n 
A 1 77  PRO 77  156 156 PRO PRO A . n 
A 1 78  ASN 78  157 157 ASN ASN A . n 
A 1 79  GLY 79  158 158 GLY GLY A . n 
A 1 80  ILE 80  159 159 ILE ILE A . n 
A 1 81  LEU 81  160 160 LEU LEU A . n 
A 1 82  ALA 82  161 161 ALA ALA A . n 
A 1 83  HIS 83  162 162 HIS HIS A . n 
A 1 84  ALA 84  163 163 ALA ALA A . n 
A 1 85  PHE 85  164 164 PHE PHE A . n 
A 1 86  GLN 86  165 165 GLN GLN A . n 
A 1 87  PRO 87  166 166 PRO PRO A . n 
A 1 88  GLY 88  167 167 GLY GLY A . n 
A 1 89  GLN 89  168 168 GLN GLN A . n 
A 1 90  GLY 90  169 169 GLY GLY A . n 
A 1 91  ILE 91  170 170 ILE ILE A . n 
A 1 92  GLY 92  171 171 GLY GLY A . n 
A 1 93  GLY 93  172 172 GLY GLY A . n 
A 1 94  ASP 94  173 173 ASP ASP A . n 
A 1 95  ALA 95  174 174 ALA ALA A . n 
A 1 96  HIS 96  175 175 HIS HIS A . n 
A 1 97  PHE 97  176 176 PHE PHE A . n 
A 1 98  ASP 98  177 177 ASP ASP A . n 
A 1 99  ALA 99  178 178 ALA ALA A . n 
A 1 100 GLU 100 179 179 GLU GLU A . n 
A 1 101 GLU 101 180 180 GLU GLU A . n 
A 1 102 THR 102 181 181 THR THR A . n 
A 1 103 TRP 103 182 182 TRP TRP A . n 
A 1 104 THR 104 183 183 THR THR A . n 
A 1 105 ASN 105 184 184 ASN ASN A . n 
A 1 106 THR 106 185 185 THR THR A . n 
A 1 107 SER 107 186 186 SER SER A . n 
A 1 108 ALA 108 187 187 ALA ALA A . n 
A 1 109 ASN 109 188 188 ASN ASN A . n 
A 1 110 TYR 110 189 189 TYR TYR A . n 
A 1 111 ASN 111 190 190 ASN ASN A . n 
A 1 112 LEU 112 191 191 LEU LEU A . n 
A 1 113 PHE 113 192 192 PHE PHE A . n 
A 1 114 LEU 114 193 193 LEU LEU A . n 
A 1 115 VAL 115 194 194 VAL VAL A . n 
A 1 116 ALA 116 195 195 ALA ALA A . n 
A 1 117 ALA 117 196 196 ALA ALA A . n 
A 1 118 HIS 118 197 197 HIS HIS A . n 
A 1 119 GLU 119 198 198 GLU GLU A . n 
A 1 120 PHE 120 199 199 PHE PHE A . n 
A 1 121 GLY 121 200 200 GLY GLY A . n 
A 1 122 HIS 122 201 201 HIS HIS A . n 
A 1 123 SER 123 202 202 SER SER A . n 
A 1 124 LEU 124 203 203 LEU LEU A . n 
A 1 125 GLY 125 204 204 GLY GLY A . n 
A 1 126 LEU 126 205 205 LEU LEU A . n 
A 1 127 ALA 127 206 206 ALA ALA A . n 
A 1 128 HIS 128 207 207 HIS HIS A . n 
A 1 129 SER 129 208 208 SER SER A . n 
A 1 130 SER 130 209 209 SER SER A . n 
A 1 131 ASP 131 210 210 ASP ASP A . n 
A 1 132 PRO 132 211 211 PRO PRO A . n 
A 1 133 GLY 133 212 212 GLY GLY A . n 
A 1 134 ALA 134 213 213 ALA ALA A . n 
A 1 135 LEU 135 214 214 LEU LEU A . n 
A 1 136 MET 136 215 215 MET MET A . n 
A 1 137 TYR 137 216 216 TYR TYR A . n 
A 1 138 PRO 138 217 217 PRO PRO A . n 
A 1 139 ASN 139 218 218 ASN ASN A . n 
A 1 140 TYR 140 219 219 TYR TYR A . n 
A 1 141 ALA 141 220 220 ALA ALA A . n 
A 1 142 PHE 142 221 221 PHE PHE A . n 
A 1 143 ARG 143 222 222 ARG ARG A . n 
A 1 144 GLU 144 223 223 GLU GLU A . n 
A 1 145 THR 145 224 224 THR THR A . n 
A 1 146 SER 146 225 225 SER SER A . n 
A 1 147 ASN 147 226 226 ASN ASN A . n 
A 1 148 TYR 148 227 227 TYR TYR A . n 
A 1 149 SER 149 228 228 SER SER A . n 
A 1 150 LEU 150 229 229 LEU LEU A . n 
A 1 151 PRO 151 230 230 PRO PRO A . n 
A 1 152 GLN 152 231 231 GLN GLN A . n 
A 1 153 ASP 153 232 232 ASP ASP A . n 
A 1 154 ASP 154 233 233 ASP ASP A . n 
A 1 155 ILE 155 234 234 ILE ILE A . n 
A 1 156 ASP 156 235 235 ASP ASP A . n 
A 1 157 GLY 157 236 236 GLY GLY A . n 
A 1 158 ILE 158 237 237 ILE ILE A . n 
A 1 159 GLN 159 238 238 GLN GLN A . n 
A 1 160 ALA 160 239 239 ALA ALA A . n 
A 1 161 ILE 161 240 240 ILE ILE A . n 
A 1 162 TYR 162 241 241 TYR TYR A . n 
A 1 163 GLY 163 242 242 GLY GLY A . n 
# 
loop_
_pdbx_nonpoly_scheme.asym_id 
_pdbx_nonpoly_scheme.entity_id 
_pdbx_nonpoly_scheme.mon_id 
_pdbx_nonpoly_scheme.ndb_seq_num 
_pdbx_nonpoly_scheme.pdb_seq_num 
_pdbx_nonpoly_scheme.auth_seq_num 
_pdbx_nonpoly_scheme.pdb_mon_id 
_pdbx_nonpoly_scheme.auth_mon_id 
_pdbx_nonpoly_scheme.pdb_strand_id 
_pdbx_nonpoly_scheme.pdb_ins_code 
B 2 CA  1   996  996 CA  CA  A . 
C 2 CA  1   997  997 CA  CA  A . 
D 3 ZN  1   998  998 ZN  ZN  A . 
E 3 ZN  1   999  999 ZN  ZN  A . 
F 4 AXB 1   1    1   AXB AXB A . 
G 5 HOH 1   1000 1   HOH HOH A . 
G 5 HOH 2   1001 2   HOH HOH A . 
G 5 HOH 3   1002 3   HOH HOH A . 
G 5 HOH 4   1003 4   HOH HOH A . 
G 5 HOH 5   1004 5   HOH HOH A . 
G 5 HOH 6   1005 6   HOH HOH A . 
G 5 HOH 7   1006 7   HOH HOH A . 
G 5 HOH 8   1007 8   HOH HOH A . 
G 5 HOH 9   1008 9   HOH HOH A . 
G 5 HOH 10  1009 10  HOH HOH A . 
G 5 HOH 11  1010 11  HOH HOH A . 
G 5 HOH 12  1011 12  HOH HOH A . 
G 5 HOH 13  1012 13  HOH HOH A . 
G 5 HOH 14  1013 14  HOH HOH A . 
G 5 HOH 15  1014 15  HOH HOH A . 
G 5 HOH 16  1015 16  HOH HOH A . 
G 5 HOH 17  1016 17  HOH HOH A . 
G 5 HOH 18  1017 18  HOH HOH A . 
G 5 HOH 19  1018 19  HOH HOH A . 
G 5 HOH 20  1019 20  HOH HOH A . 
G 5 HOH 21  1020 21  HOH HOH A . 
G 5 HOH 22  1021 22  HOH HOH A . 
G 5 HOH 23  1022 23  HOH HOH A . 
G 5 HOH 24  1023 24  HOH HOH A . 
G 5 HOH 25  1024 25  HOH HOH A . 
G 5 HOH 26  1025 26  HOH HOH A . 
G 5 HOH 27  1026 27  HOH HOH A . 
G 5 HOH 28  1027 28  HOH HOH A . 
G 5 HOH 29  1028 29  HOH HOH A . 
G 5 HOH 30  1029 30  HOH HOH A . 
G 5 HOH 31  1030 31  HOH HOH A . 
G 5 HOH 32  1031 32  HOH HOH A . 
G 5 HOH 33  1032 33  HOH HOH A . 
G 5 HOH 34  1033 34  HOH HOH A . 
G 5 HOH 35  1034 35  HOH HOH A . 
G 5 HOH 36  1035 36  HOH HOH A . 
G 5 HOH 37  1036 37  HOH HOH A . 
G 5 HOH 38  1037 38  HOH HOH A . 
G 5 HOH 39  1038 39  HOH HOH A . 
G 5 HOH 40  1039 40  HOH HOH A . 
G 5 HOH 41  1040 41  HOH HOH A . 
G 5 HOH 42  1041 42  HOH HOH A . 
G 5 HOH 43  1042 43  HOH HOH A . 
G 5 HOH 44  1043 44  HOH HOH A . 
G 5 HOH 45  1044 45  HOH HOH A . 
G 5 HOH 46  1045 46  HOH HOH A . 
G 5 HOH 47  1046 47  HOH HOH A . 
G 5 HOH 48  1047 48  HOH HOH A . 
G 5 HOH 49  1048 49  HOH HOH A . 
G 5 HOH 50  1049 50  HOH HOH A . 
G 5 HOH 51  1050 51  HOH HOH A . 
G 5 HOH 52  1051 52  HOH HOH A . 
G 5 HOH 53  1052 53  HOH HOH A . 
G 5 HOH 54  1053 54  HOH HOH A . 
G 5 HOH 55  1054 55  HOH HOH A . 
G 5 HOH 56  1055 56  HOH HOH A . 
G 5 HOH 57  1056 57  HOH HOH A . 
G 5 HOH 58  1057 58  HOH HOH A . 
G 5 HOH 59  1058 59  HOH HOH A . 
G 5 HOH 60  1059 60  HOH HOH A . 
G 5 HOH 61  1060 61  HOH HOH A . 
G 5 HOH 62  1061 62  HOH HOH A . 
G 5 HOH 63  1062 63  HOH HOH A . 
G 5 HOH 64  1063 64  HOH HOH A . 
G 5 HOH 65  1064 65  HOH HOH A . 
G 5 HOH 66  1065 66  HOH HOH A . 
G 5 HOH 67  1066 67  HOH HOH A . 
G 5 HOH 68  1067 68  HOH HOH A . 
G 5 HOH 69  1068 69  HOH HOH A . 
G 5 HOH 70  1069 70  HOH HOH A . 
G 5 HOH 71  1070 71  HOH HOH A . 
G 5 HOH 72  1071 72  HOH HOH A . 
G 5 HOH 73  1072 73  HOH HOH A . 
G 5 HOH 74  1073 74  HOH HOH A . 
G 5 HOH 75  1074 75  HOH HOH A . 
G 5 HOH 76  1075 76  HOH HOH A . 
G 5 HOH 77  1076 77  HOH HOH A . 
G 5 HOH 78  1077 78  HOH HOH A . 
G 5 HOH 79  1078 79  HOH HOH A . 
G 5 HOH 80  1079 80  HOH HOH A . 
G 5 HOH 81  1080 81  HOH HOH A . 
G 5 HOH 82  1081 82  HOH HOH A . 
G 5 HOH 83  1082 83  HOH HOH A . 
G 5 HOH 84  1083 84  HOH HOH A . 
G 5 HOH 85  1084 85  HOH HOH A . 
G 5 HOH 86  1085 86  HOH HOH A . 
G 5 HOH 87  1086 87  HOH HOH A . 
G 5 HOH 88  1087 88  HOH HOH A . 
G 5 HOH 89  1088 89  HOH HOH A . 
G 5 HOH 90  1089 90  HOH HOH A . 
G 5 HOH 91  1090 91  HOH HOH A . 
G 5 HOH 92  1091 92  HOH HOH A . 
G 5 HOH 93  1092 93  HOH HOH A . 
G 5 HOH 94  1093 94  HOH HOH A . 
G 5 HOH 95  1094 95  HOH HOH A . 
G 5 HOH 96  1095 96  HOH HOH A . 
G 5 HOH 97  1096 97  HOH HOH A . 
G 5 HOH 98  1097 98  HOH HOH A . 
G 5 HOH 99  1098 99  HOH HOH A . 
G 5 HOH 100 1099 100 HOH HOH A . 
G 5 HOH 101 1100 101 HOH HOH A . 
G 5 HOH 102 1101 102 HOH HOH A . 
G 5 HOH 103 1102 103 HOH HOH A . 
G 5 HOH 104 1103 104 HOH HOH A . 
G 5 HOH 105 1104 105 HOH HOH A . 
G 5 HOH 106 1105 106 HOH HOH A . 
G 5 HOH 107 1106 107 HOH HOH A . 
G 5 HOH 108 1107 108 HOH HOH A . 
G 5 HOH 109 1108 109 HOH HOH A . 
G 5 HOH 110 1109 110 HOH HOH A . 
G 5 HOH 111 1110 111 HOH HOH A . 
G 5 HOH 112 1111 112 HOH HOH A . 
G 5 HOH 113 1112 113 HOH HOH A . 
G 5 HOH 114 1113 114 HOH HOH A . 
G 5 HOH 115 1114 115 HOH HOH A . 
G 5 HOH 116 1115 116 HOH HOH A . 
G 5 HOH 117 1116 117 HOH HOH A . 
G 5 HOH 118 1117 118 HOH HOH A . 
G 5 HOH 119 1118 119 HOH HOH A . 
G 5 HOH 120 1119 120 HOH HOH A . 
G 5 HOH 121 1120 121 HOH HOH A . 
G 5 HOH 122 1121 122 HOH HOH A . 
G 5 HOH 123 1122 123 HOH HOH A . 
G 5 HOH 124 1123 124 HOH HOH A . 
G 5 HOH 125 1124 125 HOH HOH A . 
G 5 HOH 126 1125 126 HOH HOH A . 
G 5 HOH 127 1126 127 HOH HOH A . 
G 5 HOH 128 1127 128 HOH HOH A . 
G 5 HOH 129 1128 129 HOH HOH A . 
G 5 HOH 130 1129 130 HOH HOH A . 
G 5 HOH 131 1130 131 HOH HOH A . 
G 5 HOH 132 1131 132 HOH HOH A . 
G 5 HOH 133 1132 133 HOH HOH A . 
G 5 HOH 134 1133 134 HOH HOH A . 
G 5 HOH 135 1134 135 HOH HOH A . 
G 5 HOH 136 1135 136 HOH HOH A . 
G 5 HOH 137 1136 137 HOH HOH A . 
G 5 HOH 138 1137 138 HOH HOH A . 
G 5 HOH 139 1138 139 HOH HOH A . 
G 5 HOH 140 1139 140 HOH HOH A . 
G 5 HOH 141 1140 141 HOH HOH A . 
G 5 HOH 142 1141 142 HOH HOH A . 
G 5 HOH 143 1142 143 HOH HOH A . 
G 5 HOH 144 1143 144 HOH HOH A . 
G 5 HOH 145 1144 145 HOH HOH A . 
G 5 HOH 146 1145 146 HOH HOH A . 
G 5 HOH 147 1146 147 HOH HOH A . 
G 5 HOH 148 1147 148 HOH HOH A . 
G 5 HOH 149 1148 149 HOH HOH A . 
G 5 HOH 150 1149 150 HOH HOH A . 
G 5 HOH 151 1150 151 HOH HOH A . 
G 5 HOH 152 1151 152 HOH HOH A . 
G 5 HOH 153 1152 153 HOH HOH A . 
G 5 HOH 154 1153 154 HOH HOH A . 
G 5 HOH 155 1154 155 HOH HOH A . 
G 5 HOH 156 1155 156 HOH HOH A . 
G 5 HOH 157 1156 157 HOH HOH A . 
G 5 HOH 158 1157 158 HOH HOH A . 
G 5 HOH 159 1158 159 HOH HOH A . 
G 5 HOH 160 1159 160 HOH HOH A . 
G 5 HOH 161 1160 161 HOH HOH A . 
G 5 HOH 162 1161 162 HOH HOH A . 
G 5 HOH 163 1162 163 HOH HOH A . 
G 5 HOH 164 1163 164 HOH HOH A . 
G 5 HOH 165 1164 165 HOH HOH A . 
G 5 HOH 166 1165 166 HOH HOH A . 
G 5 HOH 167 1166 167 HOH HOH A . 
G 5 HOH 168 1167 168 HOH HOH A . 
G 5 HOH 169 1168 169 HOH HOH A . 
G 5 HOH 170 1169 170 HOH HOH A . 
G 5 HOH 171 1170 171 HOH HOH A . 
G 5 HOH 172 1171 172 HOH HOH A . 
G 5 HOH 173 1172 173 HOH HOH A . 
G 5 HOH 174 1173 174 HOH HOH A . 
G 5 HOH 175 1174 175 HOH HOH A . 
G 5 HOH 176 1175 176 HOH HOH A . 
G 5 HOH 177 1176 177 HOH HOH A . 
G 5 HOH 178 1177 178 HOH HOH A . 
G 5 HOH 179 1178 179 HOH HOH A . 
G 5 HOH 180 1179 180 HOH HOH A . 
G 5 HOH 181 1180 181 HOH HOH A . 
G 5 HOH 182 1181 182 HOH HOH A . 
G 5 HOH 183 1182 183 HOH HOH A . 
G 5 HOH 184 1183 184 HOH HOH A . 
G 5 HOH 185 1184 185 HOH HOH A . 
G 5 HOH 186 1185 186 HOH HOH A . 
G 5 HOH 187 1186 187 HOH HOH A . 
G 5 HOH 188 1187 188 HOH HOH A . 
G 5 HOH 189 1188 189 HOH HOH A . 
G 5 HOH 190 1189 190 HOH HOH A . 
G 5 HOH 191 1190 191 HOH HOH A . 
G 5 HOH 192 1191 192 HOH HOH A . 
G 5 HOH 193 1192 193 HOH HOH A . 
G 5 HOH 194 1193 194 HOH HOH A . 
G 5 HOH 195 1194 195 HOH HOH A . 
G 5 HOH 196 1195 196 HOH HOH A . 
G 5 HOH 197 1196 197 HOH HOH A . 
G 5 HOH 198 1197 198 HOH HOH A . 
G 5 HOH 199 1198 199 HOH HOH A . 
G 5 HOH 200 1199 200 HOH HOH A . 
G 5 HOH 201 1200 201 HOH HOH A . 
G 5 HOH 202 1201 202 HOH HOH A . 
G 5 HOH 203 1202 203 HOH HOH A . 
G 5 HOH 204 1203 204 HOH HOH A . 
G 5 HOH 205 1204 205 HOH HOH A . 
G 5 HOH 206 1205 206 HOH HOH A . 
G 5 HOH 207 1206 207 HOH HOH A . 
G 5 HOH 208 1207 208 HOH HOH A . 
G 5 HOH 209 1208 209 HOH HOH A . 
G 5 HOH 210 1209 210 HOH HOH A . 
G 5 HOH 211 1210 211 HOH HOH A . 
G 5 HOH 212 1211 212 HOH HOH A . 
G 5 HOH 213 1212 213 HOH HOH A . 
G 5 HOH 214 1213 214 HOH HOH A . 
G 5 HOH 215 1214 215 HOH HOH A . 
G 5 HOH 216 1215 216 HOH HOH A . 
# 
_pdbx_struct_assembly.id                   1 
_pdbx_struct_assembly.details              author_and_software_defined_assembly 
_pdbx_struct_assembly.method_details       PISA 
_pdbx_struct_assembly.oligomeric_details   monomeric 
_pdbx_struct_assembly.oligomeric_count     1 
# 
_pdbx_struct_assembly_gen.assembly_id       1 
_pdbx_struct_assembly_gen.oper_expression   1 
_pdbx_struct_assembly_gen.asym_id_list      A,B,C,D,E,F,G 
# 
_pdbx_struct_oper_list.id                   1 
_pdbx_struct_oper_list.type                 'identity operation' 
_pdbx_struct_oper_list.name                 1_555 
_pdbx_struct_oper_list.symmetry_operation   x,y,z 
_pdbx_struct_oper_list.matrix[1][1]         1.0000000000 
_pdbx_struct_oper_list.matrix[1][2]         0.0000000000 
_pdbx_struct_oper_list.matrix[1][3]         0.0000000000 
_pdbx_struct_oper_list.vector[1]            0.0000000000 
_pdbx_struct_oper_list.matrix[2][1]         0.0000000000 
_pdbx_struct_oper_list.matrix[2][2]         1.0000000000 
_pdbx_struct_oper_list.matrix[2][3]         0.0000000000 
_pdbx_struct_oper_list.vector[2]            0.0000000000 
_pdbx_struct_oper_list.matrix[3][1]         0.0000000000 
_pdbx_struct_oper_list.matrix[3][2]         0.0000000000 
_pdbx_struct_oper_list.matrix[3][3]         1.0000000000 
_pdbx_struct_oper_list.vector[3]            0.0000000000 
# 
loop_
_pdbx_struct_conn_angle.id 
_pdbx_struct_conn_angle.ptnr1_label_atom_id 
_pdbx_struct_conn_angle.ptnr1_label_alt_id 
_pdbx_struct_conn_angle.ptnr1_label_asym_id 
_pdbx_struct_conn_angle.ptnr1_label_comp_id 
_pdbx_struct_conn_angle.ptnr1_label_seq_id 
_pdbx_struct_conn_angle.ptnr1_auth_atom_id 
_pdbx_struct_conn_angle.ptnr1_auth_asym_id 
_pdbx_struct_conn_angle.ptnr1_auth_comp_id 
_pdbx_struct_conn_angle.ptnr1_auth_seq_id 
_pdbx_struct_conn_angle.ptnr1_PDB_ins_code 
_pdbx_struct_conn_angle.ptnr1_symmetry 
_pdbx_struct_conn_angle.ptnr2_label_atom_id 
_pdbx_struct_conn_angle.ptnr2_label_alt_id 
_pdbx_struct_conn_angle.ptnr2_label_asym_id 
_pdbx_struct_conn_angle.ptnr2_label_comp_id 
_pdbx_struct_conn_angle.ptnr2_label_seq_id 
_pdbx_struct_conn_angle.ptnr2_auth_atom_id 
_pdbx_struct_conn_angle.ptnr2_auth_asym_id 
_pdbx_struct_conn_angle.ptnr2_auth_comp_id 
_pdbx_struct_conn_angle.ptnr2_auth_seq_id 
_pdbx_struct_conn_angle.ptnr2_PDB_ins_code 
_pdbx_struct_conn_angle.ptnr2_symmetry 
_pdbx_struct_conn_angle.ptnr3_label_atom_id 
_pdbx_struct_conn_angle.ptnr3_label_alt_id 
_pdbx_struct_conn_angle.ptnr3_label_asym_id 
_pdbx_struct_conn_angle.ptnr3_label_comp_id 
_pdbx_struct_conn_angle.ptnr3_label_seq_id 
_pdbx_struct_conn_angle.ptnr3_auth_atom_id 
_pdbx_struct_conn_angle.ptnr3_auth_asym_id 
_pdbx_struct_conn_angle.ptnr3_auth_comp_id 
_pdbx_struct_conn_angle.ptnr3_auth_seq_id 
_pdbx_struct_conn_angle.ptnr3_PDB_ins_code 
_pdbx_struct_conn_angle.ptnr3_symmetry 
_pdbx_struct_conn_angle.value 
_pdbx_struct_conn_angle.value_esd 
1  O   ? A ASP 58  ? A ASP 137 ? 1_555 CA ? B CA . ? A CA 996 ? 1_555 O   ? A GLY 90  ? A GLY 169  ? 1_555 165.4 ? 
2  O   ? A ASP 58  ? A ASP 137 ? 1_555 CA ? B CA . ? A CA 996 ? 1_555 O   ? A GLY 92  ? A GLY 171  ? 1_555 94.9  ? 
3  O   ? A GLY 90  ? A GLY 169 ? 1_555 CA ? B CA . ? A CA 996 ? 1_555 O   ? A GLY 92  ? A GLY 171  ? 1_555 97.3  ? 
4  O   ? A ASP 58  ? A ASP 137 ? 1_555 CA ? B CA . ? A CA 996 ? 1_555 OD1 ? A ASP 94  ? A ASP 173  ? 1_555 88.4  ? 
5  O   ? A GLY 90  ? A GLY 169 ? 1_555 CA ? B CA . ? A CA 996 ? 1_555 OD1 ? A ASP 94  ? A ASP 173  ? 1_555 99.3  ? 
6  O   ? A GLY 92  ? A GLY 171 ? 1_555 CA ? B CA . ? A CA 996 ? 1_555 OD1 ? A ASP 94  ? A ASP 173  ? 1_555 91.0  ? 
7  O   ? A ASP 58  ? A ASP 137 ? 1_555 CA ? B CA . ? A CA 996 ? 1_555 O   ? G HOH .   ? A HOH 1158 ? 1_555 126.2 ? 
8  O   ? A GLY 90  ? A GLY 169 ? 1_555 CA ? B CA . ? A CA 996 ? 1_555 O   ? G HOH .   ? A HOH 1158 ? 1_555 56.8  ? 
9  O   ? A GLY 92  ? A GLY 171 ? 1_555 CA ? B CA . ? A CA 996 ? 1_555 O   ? G HOH .   ? A HOH 1158 ? 1_555 55.4  ? 
10 OD1 ? A ASP 94  ? A ASP 173 ? 1_555 CA ? B CA . ? A CA 996 ? 1_555 O   ? G HOH .   ? A HOH 1158 ? 1_555 130.0 ? 
11 NE2 ? A HIS 68  ? A HIS 147 ? 1_555 ZN ? D ZN . ? A ZN 998 ? 1_555 OD2 ? A ASP 70  ? A ASP 149  ? 1_555 109.0 ? 
12 NE2 ? A HIS 68  ? A HIS 147 ? 1_555 ZN ? D ZN . ? A ZN 998 ? 1_555 NE2 ? A HIS 83  ? A HIS 162  ? 1_555 113.7 ? 
13 OD2 ? A ASP 70  ? A ASP 149 ? 1_555 ZN ? D ZN . ? A ZN 998 ? 1_555 NE2 ? A HIS 83  ? A HIS 162  ? 1_555 120.0 ? 
14 OD1 ? A ASP 75  ? A ASP 154 ? 1_555 CA ? C CA . ? A CA 997 ? 1_555 O   ? A GLY 76  ? A GLY 155  ? 1_555 89.6  ? 
15 OD1 ? A ASP 75  ? A ASP 154 ? 1_555 CA ? C CA . ? A CA 997 ? 1_555 O   ? A ASN 78  ? A ASN 157  ? 1_555 87.7  ? 
16 O   ? A GLY 76  ? A GLY 155 ? 1_555 CA ? C CA . ? A CA 997 ? 1_555 O   ? A ASN 78  ? A ASN 157  ? 1_555 83.5  ? 
17 OD1 ? A ASP 75  ? A ASP 154 ? 1_555 CA ? C CA . ? A CA 997 ? 1_555 O   ? A ILE 80  ? A ILE 159  ? 1_555 85.3  ? 
18 O   ? A GLY 76  ? A GLY 155 ? 1_555 CA ? C CA . ? A CA 997 ? 1_555 O   ? A ILE 80  ? A ILE 159  ? 1_555 174.8 ? 
19 O   ? A ASN 78  ? A ASN 157 ? 1_555 CA ? C CA . ? A CA 997 ? 1_555 O   ? A ILE 80  ? A ILE 159  ? 1_555 95.5  ? 
20 OD1 ? A ASP 75  ? A ASP 154 ? 1_555 CA ? C CA . ? A CA 997 ? 1_555 OD2 ? A ASP 98  ? A ASP 177  ? 1_555 89.9  ? 
21 O   ? A GLY 76  ? A GLY 155 ? 1_555 CA ? C CA . ? A CA 997 ? 1_555 OD2 ? A ASP 98  ? A ASP 177  ? 1_555 87.5  ? 
22 O   ? A ASN 78  ? A ASN 157 ? 1_555 CA ? C CA . ? A CA 997 ? 1_555 OD2 ? A ASP 98  ? A ASP 177  ? 1_555 170.6 ? 
23 O   ? A ILE 80  ? A ILE 159 ? 1_555 CA ? C CA . ? A CA 997 ? 1_555 OD2 ? A ASP 98  ? A ASP 177  ? 1_555 93.3  ? 
24 OD1 ? A ASP 75  ? A ASP 154 ? 1_555 CA ? C CA . ? A CA 997 ? 1_555 OE2 ? A GLU 101 ? A GLU 180  ? 1_555 153.4 ? 
25 O   ? A GLY 76  ? A GLY 155 ? 1_555 CA ? C CA . ? A CA 997 ? 1_555 OE2 ? A GLU 101 ? A GLU 180  ? 1_555 106.6 ? 
26 O   ? A ASN 78  ? A ASN 157 ? 1_555 CA ? C CA . ? A CA 997 ? 1_555 OE2 ? A GLU 101 ? A GLU 180  ? 1_555 73.7  ? 
27 O   ? A ILE 80  ? A ILE 159 ? 1_555 CA ? C CA . ? A CA 997 ? 1_555 OE2 ? A GLU 101 ? A GLU 180  ? 1_555 78.0  ? 
28 OD2 ? A ASP 98  ? A ASP 177 ? 1_555 CA ? C CA . ? A CA 997 ? 1_555 OE2 ? A GLU 101 ? A GLU 180  ? 1_555 111.4 ? 
29 NE2 ? A HIS 118 ? A HIS 197 ? 1_555 ZN ? E ZN . ? A ZN 999 ? 1_555 NE2 ? A HIS 122 ? A HIS 201  ? 1_555 106.4 ? 
30 NE2 ? A HIS 118 ? A HIS 197 ? 1_555 ZN ? E ZN . ? A ZN 999 ? 1_555 NE2 ? A HIS 128 ? A HIS 207  ? 1_555 106.5 ? 
31 NE2 ? A HIS 122 ? A HIS 201 ? 1_555 ZN ? E ZN . ? A ZN 999 ? 1_555 NE2 ? A HIS 128 ? A HIS 207  ? 1_555 101.8 ? 
# 
loop_
_pdbx_audit_revision_history.ordinal 
_pdbx_audit_revision_history.data_content_type 
_pdbx_audit_revision_history.major_revision 
_pdbx_audit_revision_history.minor_revision 
_pdbx_audit_revision_history.revision_date 
1 'Structure model' 1 0 2009-03-03 
2 'Structure model' 1 1 2011-07-13 
3 'Structure model' 1 2 2017-12-13 
4 'Structure model' 1 3 2023-11-01 
# 
_pdbx_audit_revision_details.ordinal             1 
_pdbx_audit_revision_details.revision_ordinal    1 
_pdbx_audit_revision_details.data_content_type   'Structure model' 
_pdbx_audit_revision_details.provider            repository 
_pdbx_audit_revision_details.type                'Initial release' 
_pdbx_audit_revision_details.description         ? 
_pdbx_audit_revision_details.details             ? 
# 
loop_
_pdbx_audit_revision_group.ordinal 
_pdbx_audit_revision_group.revision_ordinal 
_pdbx_audit_revision_group.data_content_type 
_pdbx_audit_revision_group.group 
1 2 'Structure model' 'Version format compliance' 
2 3 'Structure model' 'Database references'       
3 4 'Structure model' 'Data collection'           
4 4 'Structure model' 'Database references'       
5 4 'Structure model' 'Derived calculations'      
6 4 'Structure model' 'Refinement description'    
# 
loop_
_pdbx_audit_revision_category.ordinal 
_pdbx_audit_revision_category.revision_ordinal 
_pdbx_audit_revision_category.data_content_type 
_pdbx_audit_revision_category.category 
1 3 'Structure model' pdbx_database_related         
2 4 'Structure model' chem_comp_atom                
3 4 'Structure model' chem_comp_bond                
4 4 'Structure model' database_2                    
5 4 'Structure model' pdbx_initial_refinement_model 
6 4 'Structure model' struct_site                   
# 
loop_
_pdbx_audit_revision_item.ordinal 
_pdbx_audit_revision_item.revision_ordinal 
_pdbx_audit_revision_item.data_content_type 
_pdbx_audit_revision_item.item 
1 4 'Structure model' '_database_2.pdbx_DOI'                
2 4 'Structure model' '_database_2.pdbx_database_accession' 
3 4 'Structure model' '_struct_site.pdbx_auth_asym_id'      
4 4 'Structure model' '_struct_site.pdbx_auth_comp_id'      
5 4 'Structure model' '_struct_site.pdbx_auth_seq_id'       
# 
loop_
_software.name 
_software.classification 
_software.version 
_software.citation_id 
_software.pdbx_ordinal 
AMoRE  phasing          . ? 1 
CNS    refinement       . ? 2 
MOSFLM 'data reduction' . ? 3 
SCALA  'data scaling'   . ? 4 
# 
loop_
_pdbx_validate_torsion.id 
_pdbx_validate_torsion.PDB_model_num 
_pdbx_validate_torsion.auth_comp_id 
_pdbx_validate_torsion.auth_asym_id 
_pdbx_validate_torsion.auth_seq_id 
_pdbx_validate_torsion.PDB_ins_code 
_pdbx_validate_torsion.label_alt_id 
_pdbx_validate_torsion.phi 
_pdbx_validate_torsion.psi 
1 1 LEU A 81  ? ? 72.05   -45.82  
2 1 ARG A 145 ? ? 39.69   -126.36 
3 1 HIS A 147 ? ? -143.20 32.49   
4 1 ASN A 150 ? ? 59.37   13.31   
5 1 ASN A 157 ? ? 61.51   -163.24 
6 1 ASN A 188 ? ? -34.04  121.27  
7 1 TYR A 189 ? ? 73.90   73.23   
8 1 ALA A 220 ? ? -165.48 115.46  
# 
loop_
_chem_comp_atom.comp_id 
_chem_comp_atom.atom_id 
_chem_comp_atom.type_symbol 
_chem_comp_atom.pdbx_aromatic_flag 
_chem_comp_atom.pdbx_stereo_config 
_chem_comp_atom.pdbx_ordinal 
ALA N    N  N N 1   
ALA CA   C  N S 2   
ALA C    C  N N 3   
ALA O    O  N N 4   
ALA CB   C  N N 5   
ALA OXT  O  N N 6   
ALA H    H  N N 7   
ALA H2   H  N N 8   
ALA HA   H  N N 9   
ALA HB1  H  N N 10  
ALA HB2  H  N N 11  
ALA HB3  H  N N 12  
ALA HXT  H  N N 13  
ARG N    N  N N 14  
ARG CA   C  N S 15  
ARG C    C  N N 16  
ARG O    O  N N 17  
ARG CB   C  N N 18  
ARG CG   C  N N 19  
ARG CD   C  N N 20  
ARG NE   N  N N 21  
ARG CZ   C  N N 22  
ARG NH1  N  N N 23  
ARG NH2  N  N N 24  
ARG OXT  O  N N 25  
ARG H    H  N N 26  
ARG H2   H  N N 27  
ARG HA   H  N N 28  
ARG HB2  H  N N 29  
ARG HB3  H  N N 30  
ARG HG2  H  N N 31  
ARG HG3  H  N N 32  
ARG HD2  H  N N 33  
ARG HD3  H  N N 34  
ARG HE   H  N N 35  
ARG HH11 H  N N 36  
ARG HH12 H  N N 37  
ARG HH21 H  N N 38  
ARG HH22 H  N N 39  
ARG HXT  H  N N 40  
ASN N    N  N N 41  
ASN CA   C  N S 42  
ASN C    C  N N 43  
ASN O    O  N N 44  
ASN CB   C  N N 45  
ASN CG   C  N N 46  
ASN OD1  O  N N 47  
ASN ND2  N  N N 48  
ASN OXT  O  N N 49  
ASN H    H  N N 50  
ASN H2   H  N N 51  
ASN HA   H  N N 52  
ASN HB2  H  N N 53  
ASN HB3  H  N N 54  
ASN HD21 H  N N 55  
ASN HD22 H  N N 56  
ASN HXT  H  N N 57  
ASP N    N  N N 58  
ASP CA   C  N S 59  
ASP C    C  N N 60  
ASP O    O  N N 61  
ASP CB   C  N N 62  
ASP CG   C  N N 63  
ASP OD1  O  N N 64  
ASP OD2  O  N N 65  
ASP OXT  O  N N 66  
ASP H    H  N N 67  
ASP H2   H  N N 68  
ASP HA   H  N N 69  
ASP HB2  H  N N 70  
ASP HB3  H  N N 71  
ASP HD2  H  N N 72  
ASP HXT  H  N N 73  
AXB N1   N  N N 74  
AXB CAZ  C  N N 75  
AXB CBF  C  N N 76  
AXB OAD  O  N N 77  
AXB CBG  C  N N 78  
AXB OAE  O  N N 79  
AXB CBD  C  N N 80  
AXB N2   N  N N 81  
AXB CAM  C  N N 82  
AXB CAK  C  N N 83  
AXB CAP  C  N N 84  
AXB CAY  C  Y N 85  
AXB CAJ  C  Y N 86  
AXB CAX  C  Y N 87  
AXB CAI  C  Y N 88  
AXB CAH  C  Y N 89  
AXB CAW  C  Y N 90  
AXB CAO  C  N N 91  
AXB N3   N  N N 92  
AXB CAV  C  N N 93  
AXB OAB  O  N N 94  
AXB CBB  C  N N 95  
AXB N4   N  N N 96  
AXB CBH  C  Y N 97  
AXB SAU  S  Y N 98  
AXB CBA  C  Y N 99  
AXB CAQ  C  N N 100 
AXB SBK  S  N N 101 
AXB OAF  O  N N 102 
AXB OAG  O  N N 103 
AXB CAN  C  N N 104 
AXB CAL  C  N N 105 
AXB CBC  C  Y N 106 
AXB CBI  C  Y N 107 
AXB CBE  C  N N 108 
AXB OAC  O  N N 109 
AXB N5   N  N N 110 
AXB HN1  H  N N 111 
AXB HN1A H  N N 112 
AXB HAM  H  N N 113 
AXB HAMA H  N N 114 
AXB HAK  H  N N 115 
AXB HAKA H  N N 116 
AXB HAP  H  N N 117 
AXB HAPA H  N N 118 
AXB HAJ  H  N N 119 
AXB HAI  H  N N 120 
AXB HAH  H  N N 121 
AXB HAO  H  N N 122 
AXB HAOA H  N N 123 
AXB HN3  H  N N 124 
AXB HAQ  H  N N 125 
AXB HAQA H  N N 126 
AXB HAN  H  N N 127 
AXB HANA H  N N 128 
AXB HAL  H  N N 129 
AXB HALA H  N N 130 
AXB HN5  H  N N 131 
CA  CA   CA N N 132 
GLN N    N  N N 133 
GLN CA   C  N S 134 
GLN C    C  N N 135 
GLN O    O  N N 136 
GLN CB   C  N N 137 
GLN CG   C  N N 138 
GLN CD   C  N N 139 
GLN OE1  O  N N 140 
GLN NE2  N  N N 141 
GLN OXT  O  N N 142 
GLN H    H  N N 143 
GLN H2   H  N N 144 
GLN HA   H  N N 145 
GLN HB2  H  N N 146 
GLN HB3  H  N N 147 
GLN HG2  H  N N 148 
GLN HG3  H  N N 149 
GLN HE21 H  N N 150 
GLN HE22 H  N N 151 
GLN HXT  H  N N 152 
GLU N    N  N N 153 
GLU CA   C  N S 154 
GLU C    C  N N 155 
GLU O    O  N N 156 
GLU CB   C  N N 157 
GLU CG   C  N N 158 
GLU CD   C  N N 159 
GLU OE1  O  N N 160 
GLU OE2  O  N N 161 
GLU OXT  O  N N 162 
GLU H    H  N N 163 
GLU H2   H  N N 164 
GLU HA   H  N N 165 
GLU HB2  H  N N 166 
GLU HB3  H  N N 167 
GLU HG2  H  N N 168 
GLU HG3  H  N N 169 
GLU HE2  H  N N 170 
GLU HXT  H  N N 171 
GLY N    N  N N 172 
GLY CA   C  N N 173 
GLY C    C  N N 174 
GLY O    O  N N 175 
GLY OXT  O  N N 176 
GLY H    H  N N 177 
GLY H2   H  N N 178 
GLY HA2  H  N N 179 
GLY HA3  H  N N 180 
GLY HXT  H  N N 181 
HIS N    N  N N 182 
HIS CA   C  N S 183 
HIS C    C  N N 184 
HIS O    O  N N 185 
HIS CB   C  N N 186 
HIS CG   C  Y N 187 
HIS ND1  N  Y N 188 
HIS CD2  C  Y N 189 
HIS CE1  C  Y N 190 
HIS NE2  N  Y N 191 
HIS OXT  O  N N 192 
HIS H    H  N N 193 
HIS H2   H  N N 194 
HIS HA   H  N N 195 
HIS HB2  H  N N 196 
HIS HB3  H  N N 197 
HIS HD1  H  N N 198 
HIS HD2  H  N N 199 
HIS HE1  H  N N 200 
HIS HE2  H  N N 201 
HIS HXT  H  N N 202 
HOH O    O  N N 203 
HOH H1   H  N N 204 
HOH H2   H  N N 205 
ILE N    N  N N 206 
ILE CA   C  N S 207 
ILE C    C  N N 208 
ILE O    O  N N 209 
ILE CB   C  N S 210 
ILE CG1  C  N N 211 
ILE CG2  C  N N 212 
ILE CD1  C  N N 213 
ILE OXT  O  N N 214 
ILE H    H  N N 215 
ILE H2   H  N N 216 
ILE HA   H  N N 217 
ILE HB   H  N N 218 
ILE HG12 H  N N 219 
ILE HG13 H  N N 220 
ILE HG21 H  N N 221 
ILE HG22 H  N N 222 
ILE HG23 H  N N 223 
ILE HD11 H  N N 224 
ILE HD12 H  N N 225 
ILE HD13 H  N N 226 
ILE HXT  H  N N 227 
LEU N    N  N N 228 
LEU CA   C  N S 229 
LEU C    C  N N 230 
LEU O    O  N N 231 
LEU CB   C  N N 232 
LEU CG   C  N N 233 
LEU CD1  C  N N 234 
LEU CD2  C  N N 235 
LEU OXT  O  N N 236 
LEU H    H  N N 237 
LEU H2   H  N N 238 
LEU HA   H  N N 239 
LEU HB2  H  N N 240 
LEU HB3  H  N N 241 
LEU HG   H  N N 242 
LEU HD11 H  N N 243 
LEU HD12 H  N N 244 
LEU HD13 H  N N 245 
LEU HD21 H  N N 246 
LEU HD22 H  N N 247 
LEU HD23 H  N N 248 
LEU HXT  H  N N 249 
LYS N    N  N N 250 
LYS CA   C  N S 251 
LYS C    C  N N 252 
LYS O    O  N N 253 
LYS CB   C  N N 254 
LYS CG   C  N N 255 
LYS CD   C  N N 256 
LYS CE   C  N N 257 
LYS NZ   N  N N 258 
LYS OXT  O  N N 259 
LYS H    H  N N 260 
LYS H2   H  N N 261 
LYS HA   H  N N 262 
LYS HB2  H  N N 263 
LYS HB3  H  N N 264 
LYS HG2  H  N N 265 
LYS HG3  H  N N 266 
LYS HD2  H  N N 267 
LYS HD3  H  N N 268 
LYS HE2  H  N N 269 
LYS HE3  H  N N 270 
LYS HZ1  H  N N 271 
LYS HZ2  H  N N 272 
LYS HZ3  H  N N 273 
LYS HXT  H  N N 274 
MET N    N  N N 275 
MET CA   C  N S 276 
MET C    C  N N 277 
MET O    O  N N 278 
MET CB   C  N N 279 
MET CG   C  N N 280 
MET SD   S  N N 281 
MET CE   C  N N 282 
MET OXT  O  N N 283 
MET H    H  N N 284 
MET H2   H  N N 285 
MET HA   H  N N 286 
MET HB2  H  N N 287 
MET HB3  H  N N 288 
MET HG2  H  N N 289 
MET HG3  H  N N 290 
MET HE1  H  N N 291 
MET HE2  H  N N 292 
MET HE3  H  N N 293 
MET HXT  H  N N 294 
PHE N    N  N N 295 
PHE CA   C  N S 296 
PHE C    C  N N 297 
PHE O    O  N N 298 
PHE CB   C  N N 299 
PHE CG   C  Y N 300 
PHE CD1  C  Y N 301 
PHE CD2  C  Y N 302 
PHE CE1  C  Y N 303 
PHE CE2  C  Y N 304 
PHE CZ   C  Y N 305 
PHE OXT  O  N N 306 
PHE H    H  N N 307 
PHE H2   H  N N 308 
PHE HA   H  N N 309 
PHE HB2  H  N N 310 
PHE HB3  H  N N 311 
PHE HD1  H  N N 312 
PHE HD2  H  N N 313 
PHE HE1  H  N N 314 
PHE HE2  H  N N 315 
PHE HZ   H  N N 316 
PHE HXT  H  N N 317 
PRO N    N  N N 318 
PRO CA   C  N S 319 
PRO C    C  N N 320 
PRO O    O  N N 321 
PRO CB   C  N N 322 
PRO CG   C  N N 323 
PRO CD   C  N N 324 
PRO OXT  O  N N 325 
PRO H    H  N N 326 
PRO HA   H  N N 327 
PRO HB2  H  N N 328 
PRO HB3  H  N N 329 
PRO HG2  H  N N 330 
PRO HG3  H  N N 331 
PRO HD2  H  N N 332 
PRO HD3  H  N N 333 
PRO HXT  H  N N 334 
SER N    N  N N 335 
SER CA   C  N S 336 
SER C    C  N N 337 
SER O    O  N N 338 
SER CB   C  N N 339 
SER OG   O  N N 340 
SER OXT  O  N N 341 
SER H    H  N N 342 
SER H2   H  N N 343 
SER HA   H  N N 344 
SER HB2  H  N N 345 
SER HB3  H  N N 346 
SER HG   H  N N 347 
SER HXT  H  N N 348 
THR N    N  N N 349 
THR CA   C  N S 350 
THR C    C  N N 351 
THR O    O  N N 352 
THR CB   C  N R 353 
THR OG1  O  N N 354 
THR CG2  C  N N 355 
THR OXT  O  N N 356 
THR H    H  N N 357 
THR H2   H  N N 358 
THR HA   H  N N 359 
THR HB   H  N N 360 
THR HG1  H  N N 361 
THR HG21 H  N N 362 
THR HG22 H  N N 363 
THR HG23 H  N N 364 
THR HXT  H  N N 365 
TRP N    N  N N 366 
TRP CA   C  N S 367 
TRP C    C  N N 368 
TRP O    O  N N 369 
TRP CB   C  N N 370 
TRP CG   C  Y N 371 
TRP CD1  C  Y N 372 
TRP CD2  C  Y N 373 
TRP NE1  N  Y N 374 
TRP CE2  C  Y N 375 
TRP CE3  C  Y N 376 
TRP CZ2  C  Y N 377 
TRP CZ3  C  Y N 378 
TRP CH2  C  Y N 379 
TRP OXT  O  N N 380 
TRP H    H  N N 381 
TRP H2   H  N N 382 
TRP HA   H  N N 383 
TRP HB2  H  N N 384 
TRP HB3  H  N N 385 
TRP HD1  H  N N 386 
TRP HE1  H  N N 387 
TRP HE3  H  N N 388 
TRP HZ2  H  N N 389 
TRP HZ3  H  N N 390 
TRP HH2  H  N N 391 
TRP HXT  H  N N 392 
TYR N    N  N N 393 
TYR CA   C  N S 394 
TYR C    C  N N 395 
TYR O    O  N N 396 
TYR CB   C  N N 397 
TYR CG   C  Y N 398 
TYR CD1  C  Y N 399 
TYR CD2  C  Y N 400 
TYR CE1  C  Y N 401 
TYR CE2  C  Y N 402 
TYR CZ   C  Y N 403 
TYR OH   O  N N 404 
TYR OXT  O  N N 405 
TYR H    H  N N 406 
TYR H2   H  N N 407 
TYR HA   H  N N 408 
TYR HB2  H  N N 409 
TYR HB3  H  N N 410 
TYR HD1  H  N N 411 
TYR HD2  H  N N 412 
TYR HE1  H  N N 413 
TYR HE2  H  N N 414 
TYR HH   H  N N 415 
TYR HXT  H  N N 416 
VAL N    N  N N 417 
VAL CA   C  N S 418 
VAL C    C  N N 419 
VAL O    O  N N 420 
VAL CB   C  N N 421 
VAL CG1  C  N N 422 
VAL CG2  C  N N 423 
VAL OXT  O  N N 424 
VAL H    H  N N 425 
VAL H2   H  N N 426 
VAL HA   H  N N 427 
VAL HB   H  N N 428 
VAL HG11 H  N N 429 
VAL HG12 H  N N 430 
VAL HG13 H  N N 431 
VAL HG21 H  N N 432 
VAL HG22 H  N N 433 
VAL HG23 H  N N 434 
VAL HXT  H  N N 435 
ZN  ZN   ZN N N 436 
# 
loop_
_chem_comp_bond.comp_id 
_chem_comp_bond.atom_id_1 
_chem_comp_bond.atom_id_2 
_chem_comp_bond.value_order 
_chem_comp_bond.pdbx_aromatic_flag 
_chem_comp_bond.pdbx_stereo_config 
_chem_comp_bond.pdbx_ordinal 
ALA N   CA   sing N N 1   
ALA N   H    sing N N 2   
ALA N   H2   sing N N 3   
ALA CA  C    sing N N 4   
ALA CA  CB   sing N N 5   
ALA CA  HA   sing N N 6   
ALA C   O    doub N N 7   
ALA C   OXT  sing N N 8   
ALA CB  HB1  sing N N 9   
ALA CB  HB2  sing N N 10  
ALA CB  HB3  sing N N 11  
ALA OXT HXT  sing N N 12  
ARG N   CA   sing N N 13  
ARG N   H    sing N N 14  
ARG N   H2   sing N N 15  
ARG CA  C    sing N N 16  
ARG CA  CB   sing N N 17  
ARG CA  HA   sing N N 18  
ARG C   O    doub N N 19  
ARG C   OXT  sing N N 20  
ARG CB  CG   sing N N 21  
ARG CB  HB2  sing N N 22  
ARG CB  HB3  sing N N 23  
ARG CG  CD   sing N N 24  
ARG CG  HG2  sing N N 25  
ARG CG  HG3  sing N N 26  
ARG CD  NE   sing N N 27  
ARG CD  HD2  sing N N 28  
ARG CD  HD3  sing N N 29  
ARG NE  CZ   sing N N 30  
ARG NE  HE   sing N N 31  
ARG CZ  NH1  sing N N 32  
ARG CZ  NH2  doub N N 33  
ARG NH1 HH11 sing N N 34  
ARG NH1 HH12 sing N N 35  
ARG NH2 HH21 sing N N 36  
ARG NH2 HH22 sing N N 37  
ARG OXT HXT  sing N N 38  
ASN N   CA   sing N N 39  
ASN N   H    sing N N 40  
ASN N   H2   sing N N 41  
ASN CA  C    sing N N 42  
ASN CA  CB   sing N N 43  
ASN CA  HA   sing N N 44  
ASN C   O    doub N N 45  
ASN C   OXT  sing N N 46  
ASN CB  CG   sing N N 47  
ASN CB  HB2  sing N N 48  
ASN CB  HB3  sing N N 49  
ASN CG  OD1  doub N N 50  
ASN CG  ND2  sing N N 51  
ASN ND2 HD21 sing N N 52  
ASN ND2 HD22 sing N N 53  
ASN OXT HXT  sing N N 54  
ASP N   CA   sing N N 55  
ASP N   H    sing N N 56  
ASP N   H2   sing N N 57  
ASP CA  C    sing N N 58  
ASP CA  CB   sing N N 59  
ASP CA  HA   sing N N 60  
ASP C   O    doub N N 61  
ASP C   OXT  sing N N 62  
ASP CB  CG   sing N N 63  
ASP CB  HB2  sing N N 64  
ASP CB  HB3  sing N N 65  
ASP CG  OD1  doub N N 66  
ASP CG  OD2  sing N N 67  
ASP OD2 HD2  sing N N 68  
ASP OXT HXT  sing N N 69  
AXB N1  CAZ  sing N N 70  
AXB CAZ CBF  sing N N 71  
AXB CAZ CBD  doub N N 72  
AXB CBF OAD  doub N N 73  
AXB CBF CBG  sing N N 74  
AXB CBG OAE  doub N N 75  
AXB CBG CBD  sing N N 76  
AXB CBD N2   sing N N 77  
AXB N2  CAM  sing N N 78  
AXB N2  CAP  sing N N 79  
AXB CAM CAK  sing N N 80  
AXB CAK CAX  sing N N 81  
AXB CAP CAY  sing N N 82  
AXB CAY CAJ  doub Y N 83  
AXB CAY CAX  sing Y N 84  
AXB CAJ CAW  sing Y N 85  
AXB CAX CAI  doub Y N 86  
AXB CAI CAH  sing Y N 87  
AXB CAH CAW  doub Y N 88  
AXB CAW CAO  sing N N 89  
AXB CAO N3   sing N N 90  
AXB N3  CAV  sing N N 91  
AXB CAV OAB  doub N N 92  
AXB CAV CBB  sing N N 93  
AXB CBB N4   doub N N 94  
AXB CBB N5   sing N N 95  
AXB N4  CBH  sing N N 96  
AXB CBH SAU  sing Y N 97  
AXB CBH CBI  doub Y N 98  
AXB SAU CBA  sing Y N 99  
AXB CBA CAQ  sing N N 100 
AXB CBA CBC  doub Y N 101 
AXB CAQ SBK  sing N N 102 
AXB SBK OAF  doub N N 103 
AXB SBK OAG  doub N N 104 
AXB SBK CAN  sing N N 105 
AXB CAN CAL  sing N N 106 
AXB CAL CBC  sing N N 107 
AXB CBC CBI  sing Y N 108 
AXB CBI CBE  sing N N 109 
AXB CBE OAC  doub N N 110 
AXB CBE N5   sing N N 111 
AXB N1  HN1  sing N N 112 
AXB N1  HN1A sing N N 113 
AXB CAM HAM  sing N N 114 
AXB CAM HAMA sing N N 115 
AXB CAK HAK  sing N N 116 
AXB CAK HAKA sing N N 117 
AXB CAP HAP  sing N N 118 
AXB CAP HAPA sing N N 119 
AXB CAJ HAJ  sing N N 120 
AXB CAI HAI  sing N N 121 
AXB CAH HAH  sing N N 122 
AXB CAO HAO  sing N N 123 
AXB CAO HAOA sing N N 124 
AXB N3  HN3  sing N N 125 
AXB CAQ HAQ  sing N N 126 
AXB CAQ HAQA sing N N 127 
AXB CAN HAN  sing N N 128 
AXB CAN HANA sing N N 129 
AXB CAL HAL  sing N N 130 
AXB CAL HALA sing N N 131 
AXB N5  HN5  sing N N 132 
GLN N   CA   sing N N 133 
GLN N   H    sing N N 134 
GLN N   H2   sing N N 135 
GLN CA  C    sing N N 136 
GLN CA  CB   sing N N 137 
GLN CA  HA   sing N N 138 
GLN C   O    doub N N 139 
GLN C   OXT  sing N N 140 
GLN CB  CG   sing N N 141 
GLN CB  HB2  sing N N 142 
GLN CB  HB3  sing N N 143 
GLN CG  CD   sing N N 144 
GLN CG  HG2  sing N N 145 
GLN CG  HG3  sing N N 146 
GLN CD  OE1  doub N N 147 
GLN CD  NE2  sing N N 148 
GLN NE2 HE21 sing N N 149 
GLN NE2 HE22 sing N N 150 
GLN OXT HXT  sing N N 151 
GLU N   CA   sing N N 152 
GLU N   H    sing N N 153 
GLU N   H2   sing N N 154 
GLU CA  C    sing N N 155 
GLU CA  CB   sing N N 156 
GLU CA  HA   sing N N 157 
GLU C   O    doub N N 158 
GLU C   OXT  sing N N 159 
GLU CB  CG   sing N N 160 
GLU CB  HB2  sing N N 161 
GLU CB  HB3  sing N N 162 
GLU CG  CD   sing N N 163 
GLU CG  HG2  sing N N 164 
GLU CG  HG3  sing N N 165 
GLU CD  OE1  doub N N 166 
GLU CD  OE2  sing N N 167 
GLU OE2 HE2  sing N N 168 
GLU OXT HXT  sing N N 169 
GLY N   CA   sing N N 170 
GLY N   H    sing N N 171 
GLY N   H2   sing N N 172 
GLY CA  C    sing N N 173 
GLY CA  HA2  sing N N 174 
GLY CA  HA3  sing N N 175 
GLY C   O    doub N N 176 
GLY C   OXT  sing N N 177 
GLY OXT HXT  sing N N 178 
HIS N   CA   sing N N 179 
HIS N   H    sing N N 180 
HIS N   H2   sing N N 181 
HIS CA  C    sing N N 182 
HIS CA  CB   sing N N 183 
HIS CA  HA   sing N N 184 
HIS C   O    doub N N 185 
HIS C   OXT  sing N N 186 
HIS CB  CG   sing N N 187 
HIS CB  HB2  sing N N 188 
HIS CB  HB3  sing N N 189 
HIS CG  ND1  sing Y N 190 
HIS CG  CD2  doub Y N 191 
HIS ND1 CE1  doub Y N 192 
HIS ND1 HD1  sing N N 193 
HIS CD2 NE2  sing Y N 194 
HIS CD2 HD2  sing N N 195 
HIS CE1 NE2  sing Y N 196 
HIS CE1 HE1  sing N N 197 
HIS NE2 HE2  sing N N 198 
HIS OXT HXT  sing N N 199 
HOH O   H1   sing N N 200 
HOH O   H2   sing N N 201 
ILE N   CA   sing N N 202 
ILE N   H    sing N N 203 
ILE N   H2   sing N N 204 
ILE CA  C    sing N N 205 
ILE CA  CB   sing N N 206 
ILE CA  HA   sing N N 207 
ILE C   O    doub N N 208 
ILE C   OXT  sing N N 209 
ILE CB  CG1  sing N N 210 
ILE CB  CG2  sing N N 211 
ILE CB  HB   sing N N 212 
ILE CG1 CD1  sing N N 213 
ILE CG1 HG12 sing N N 214 
ILE CG1 HG13 sing N N 215 
ILE CG2 HG21 sing N N 216 
ILE CG2 HG22 sing N N 217 
ILE CG2 HG23 sing N N 218 
ILE CD1 HD11 sing N N 219 
ILE CD1 HD12 sing N N 220 
ILE CD1 HD13 sing N N 221 
ILE OXT HXT  sing N N 222 
LEU N   CA   sing N N 223 
LEU N   H    sing N N 224 
LEU N   H2   sing N N 225 
LEU CA  C    sing N N 226 
LEU CA  CB   sing N N 227 
LEU CA  HA   sing N N 228 
LEU C   O    doub N N 229 
LEU C   OXT  sing N N 230 
LEU CB  CG   sing N N 231 
LEU CB  HB2  sing N N 232 
LEU CB  HB3  sing N N 233 
LEU CG  CD1  sing N N 234 
LEU CG  CD2  sing N N 235 
LEU CG  HG   sing N N 236 
LEU CD1 HD11 sing N N 237 
LEU CD1 HD12 sing N N 238 
LEU CD1 HD13 sing N N 239 
LEU CD2 HD21 sing N N 240 
LEU CD2 HD22 sing N N 241 
LEU CD2 HD23 sing N N 242 
LEU OXT HXT  sing N N 243 
LYS N   CA   sing N N 244 
LYS N   H    sing N N 245 
LYS N   H2   sing N N 246 
LYS CA  C    sing N N 247 
LYS CA  CB   sing N N 248 
LYS CA  HA   sing N N 249 
LYS C   O    doub N N 250 
LYS C   OXT  sing N N 251 
LYS CB  CG   sing N N 252 
LYS CB  HB2  sing N N 253 
LYS CB  HB3  sing N N 254 
LYS CG  CD   sing N N 255 
LYS CG  HG2  sing N N 256 
LYS CG  HG3  sing N N 257 
LYS CD  CE   sing N N 258 
LYS CD  HD2  sing N N 259 
LYS CD  HD3  sing N N 260 
LYS CE  NZ   sing N N 261 
LYS CE  HE2  sing N N 262 
LYS CE  HE3  sing N N 263 
LYS NZ  HZ1  sing N N 264 
LYS NZ  HZ2  sing N N 265 
LYS NZ  HZ3  sing N N 266 
LYS OXT HXT  sing N N 267 
MET N   CA   sing N N 268 
MET N   H    sing N N 269 
MET N   H2   sing N N 270 
MET CA  C    sing N N 271 
MET CA  CB   sing N N 272 
MET CA  HA   sing N N 273 
MET C   O    doub N N 274 
MET C   OXT  sing N N 275 
MET CB  CG   sing N N 276 
MET CB  HB2  sing N N 277 
MET CB  HB3  sing N N 278 
MET CG  SD   sing N N 279 
MET CG  HG2  sing N N 280 
MET CG  HG3  sing N N 281 
MET SD  CE   sing N N 282 
MET CE  HE1  sing N N 283 
MET CE  HE2  sing N N 284 
MET CE  HE3  sing N N 285 
MET OXT HXT  sing N N 286 
PHE N   CA   sing N N 287 
PHE N   H    sing N N 288 
PHE N   H2   sing N N 289 
PHE CA  C    sing N N 290 
PHE CA  CB   sing N N 291 
PHE CA  HA   sing N N 292 
PHE C   O    doub N N 293 
PHE C   OXT  sing N N 294 
PHE CB  CG   sing N N 295 
PHE CB  HB2  sing N N 296 
PHE CB  HB3  sing N N 297 
PHE CG  CD1  doub Y N 298 
PHE CG  CD2  sing Y N 299 
PHE CD1 CE1  sing Y N 300 
PHE CD1 HD1  sing N N 301 
PHE CD2 CE2  doub Y N 302 
PHE CD2 HD2  sing N N 303 
PHE CE1 CZ   doub Y N 304 
PHE CE1 HE1  sing N N 305 
PHE CE2 CZ   sing Y N 306 
PHE CE2 HE2  sing N N 307 
PHE CZ  HZ   sing N N 308 
PHE OXT HXT  sing N N 309 
PRO N   CA   sing N N 310 
PRO N   CD   sing N N 311 
PRO N   H    sing N N 312 
PRO CA  C    sing N N 313 
PRO CA  CB   sing N N 314 
PRO CA  HA   sing N N 315 
PRO C   O    doub N N 316 
PRO C   OXT  sing N N 317 
PRO CB  CG   sing N N 318 
PRO CB  HB2  sing N N 319 
PRO CB  HB3  sing N N 320 
PRO CG  CD   sing N N 321 
PRO CG  HG2  sing N N 322 
PRO CG  HG3  sing N N 323 
PRO CD  HD2  sing N N 324 
PRO CD  HD3  sing N N 325 
PRO OXT HXT  sing N N 326 
SER N   CA   sing N N 327 
SER N   H    sing N N 328 
SER N   H2   sing N N 329 
SER CA  C    sing N N 330 
SER CA  CB   sing N N 331 
SER CA  HA   sing N N 332 
SER C   O    doub N N 333 
SER C   OXT  sing N N 334 
SER CB  OG   sing N N 335 
SER CB  HB2  sing N N 336 
SER CB  HB3  sing N N 337 
SER OG  HG   sing N N 338 
SER OXT HXT  sing N N 339 
THR N   CA   sing N N 340 
THR N   H    sing N N 341 
THR N   H2   sing N N 342 
THR CA  C    sing N N 343 
THR CA  CB   sing N N 344 
THR CA  HA   sing N N 345 
THR C   O    doub N N 346 
THR C   OXT  sing N N 347 
THR CB  OG1  sing N N 348 
THR CB  CG2  sing N N 349 
THR CB  HB   sing N N 350 
THR OG1 HG1  sing N N 351 
THR CG2 HG21 sing N N 352 
THR CG2 HG22 sing N N 353 
THR CG2 HG23 sing N N 354 
THR OXT HXT  sing N N 355 
TRP N   CA   sing N N 356 
TRP N   H    sing N N 357 
TRP N   H2   sing N N 358 
TRP CA  C    sing N N 359 
TRP CA  CB   sing N N 360 
TRP CA  HA   sing N N 361 
TRP C   O    doub N N 362 
TRP C   OXT  sing N N 363 
TRP CB  CG   sing N N 364 
TRP CB  HB2  sing N N 365 
TRP CB  HB3  sing N N 366 
TRP CG  CD1  doub Y N 367 
TRP CG  CD2  sing Y N 368 
TRP CD1 NE1  sing Y N 369 
TRP CD1 HD1  sing N N 370 
TRP CD2 CE2  doub Y N 371 
TRP CD2 CE3  sing Y N 372 
TRP NE1 CE2  sing Y N 373 
TRP NE1 HE1  sing N N 374 
TRP CE2 CZ2  sing Y N 375 
TRP CE3 CZ3  doub Y N 376 
TRP CE3 HE3  sing N N 377 
TRP CZ2 CH2  doub Y N 378 
TRP CZ2 HZ2  sing N N 379 
TRP CZ3 CH2  sing Y N 380 
TRP CZ3 HZ3  sing N N 381 
TRP CH2 HH2  sing N N 382 
TRP OXT HXT  sing N N 383 
TYR N   CA   sing N N 384 
TYR N   H    sing N N 385 
TYR N   H2   sing N N 386 
TYR CA  C    sing N N 387 
TYR CA  CB   sing N N 388 
TYR CA  HA   sing N N 389 
TYR C   O    doub N N 390 
TYR C   OXT  sing N N 391 
TYR CB  CG   sing N N 392 
TYR CB  HB2  sing N N 393 
TYR CB  HB3  sing N N 394 
TYR CG  CD1  doub Y N 395 
TYR CG  CD2  sing Y N 396 
TYR CD1 CE1  sing Y N 397 
TYR CD1 HD1  sing N N 398 
TYR CD2 CE2  doub Y N 399 
TYR CD2 HD2  sing N N 400 
TYR CE1 CZ   doub Y N 401 
TYR CE1 HE1  sing N N 402 
TYR CE2 CZ   sing Y N 403 
TYR CE2 HE2  sing N N 404 
TYR CZ  OH   sing N N 405 
TYR OH  HH   sing N N 406 
TYR OXT HXT  sing N N 407 
VAL N   CA   sing N N 408 
VAL N   H    sing N N 409 
VAL N   H2   sing N N 410 
VAL CA  C    sing N N 411 
VAL CA  CB   sing N N 412 
VAL CA  HA   sing N N 413 
VAL C   O    doub N N 414 
VAL C   OXT  sing N N 415 
VAL CB  CG1  sing N N 416 
VAL CB  CG2  sing N N 417 
VAL CB  HB   sing N N 418 
VAL CG1 HG11 sing N N 419 
VAL CG1 HG12 sing N N 420 
VAL CG1 HG13 sing N N 421 
VAL CG2 HG21 sing N N 422 
VAL CG2 HG22 sing N N 423 
VAL CG2 HG23 sing N N 424 
VAL OXT HXT  sing N N 425 
# 
loop_
_pdbx_entity_nonpoly.entity_id 
_pdbx_entity_nonpoly.name 
_pdbx_entity_nonpoly.comp_id 
2 'CALCIUM ION' CA  
3 'ZINC ION' ZN  
4 
;N-{[2-(2-amino-3,4-dioxocyclobut-1-en-1-yl)-1,2,3,4-tetrahydroisoquinolin-7-yl]methyl}-4-oxo-3,5,6,8-tetrahydro-4H-thiopyrano[4',3':4,5]thieno[2,3-d]pyrimidine-2-carboxamide 7,7-dioxide
;
AXB 
5 water HOH 
# 
_pdbx_initial_refinement_model.id               1 
_pdbx_initial_refinement_model.entity_id_list   ? 
_pdbx_initial_refinement_model.type             'experimental model' 
_pdbx_initial_refinement_model.source_name      PDB 
_pdbx_initial_refinement_model.accession_code   1I76 
_pdbx_initial_refinement_model.details          'PDB ENTRY 1I76' 
# 
